data_1CNL
# 
_entry.id   1CNL 
# 
_audit_conform.dict_name       mmcif_pdbx.dic 
_audit_conform.dict_version    5.399 
_audit_conform.dict_location   http://mmcif.pdb.org/dictionaries/ascii/mmcif_pdbx.dic 
# 
loop_
_database_2.database_id 
_database_2.database_code 
_database_2.pdbx_database_accession 
_database_2.pdbx_DOI 
PDB   1CNL         pdb_00001cnl 10.2210/pdb1cnl/pdb 
RCSB  RCSB001091   ?            ?                   
WWPDB D_1000001091 ?            ?                   
# 
loop_
_pdbx_audit_revision_history.ordinal 
_pdbx_audit_revision_history.data_content_type 
_pdbx_audit_revision_history.major_revision 
_pdbx_audit_revision_history.minor_revision 
_pdbx_audit_revision_history.revision_date 
1 'Structure model' 1 0 1999-05-27 
2 'Structure model' 1 1 2008-04-26 
3 'Structure model' 1 2 2011-07-13 
4 'Structure model' 1 3 2022-02-16 
5 'Structure model' 1 4 2023-12-27 
6 'Structure model' 1 5 2024-11-20 
# 
_pdbx_audit_revision_details.ordinal             1 
_pdbx_audit_revision_details.revision_ordinal    1 
_pdbx_audit_revision_details.data_content_type   'Structure model' 
_pdbx_audit_revision_details.provider            repository 
_pdbx_audit_revision_details.type                'Initial release' 
_pdbx_audit_revision_details.description         ? 
_pdbx_audit_revision_details.details             ? 
# 
loop_
_pdbx_audit_revision_group.ordinal 
_pdbx_audit_revision_group.revision_ordinal 
_pdbx_audit_revision_group.data_content_type 
_pdbx_audit_revision_group.group 
1 2 'Structure model' 'Version format compliance' 
2 3 'Structure model' 'Version format compliance' 
3 4 'Structure model' 'Data collection'           
4 4 'Structure model' 'Database references'       
5 4 'Structure model' 'Derived calculations'      
6 5 'Structure model' 'Data collection'           
7 6 'Structure model' 'Structure summary'         
# 
loop_
_pdbx_audit_revision_category.ordinal 
_pdbx_audit_revision_category.revision_ordinal 
_pdbx_audit_revision_category.data_content_type 
_pdbx_audit_revision_category.category 
1  4 'Structure model' database_2                
2  4 'Structure model' pdbx_nmr_spectrometer     
3  4 'Structure model' pdbx_struct_assembly      
4  4 'Structure model' pdbx_struct_oper_list     
5  4 'Structure model' struct_conn               
6  4 'Structure model' struct_site               
7  5 'Structure model' chem_comp_atom            
8  5 'Structure model' chem_comp_bond            
9  6 'Structure model' pdbx_entry_details        
10 6 'Structure model' pdbx_modification_feature 
# 
loop_
_pdbx_audit_revision_item.ordinal 
_pdbx_audit_revision_item.revision_ordinal 
_pdbx_audit_revision_item.data_content_type 
_pdbx_audit_revision_item.item 
1 4 'Structure model' '_database_2.pdbx_DOI'                
2 4 'Structure model' '_database_2.pdbx_database_accession' 
3 4 'Structure model' '_pdbx_nmr_spectrometer.model'        
4 4 'Structure model' '_struct_conn.pdbx_leaving_atom_flag' 
5 4 'Structure model' '_struct_site.pdbx_auth_asym_id'      
6 4 'Structure model' '_struct_site.pdbx_auth_comp_id'      
7 4 'Structure model' '_struct_site.pdbx_auth_seq_id'       
# 
_pdbx_database_status.status_code                     REL 
_pdbx_database_status.entry_id                        1CNL 
_pdbx_database_status.recvd_initial_deposition_date   1999-05-20 
_pdbx_database_status.deposit_site                    BNL 
_pdbx_database_status.process_site                    RCSB 
_pdbx_database_status.status_code_mr                  REL 
_pdbx_database_status.SG_entry                        . 
_pdbx_database_status.pdb_format_compatible           Y 
_pdbx_database_status.status_code_sf                  ? 
_pdbx_database_status.status_code_cs                  ? 
_pdbx_database_status.status_code_nmr_data            ? 
_pdbx_database_status.methods_development_category    ? 
# 
loop_
_audit_author.name 
_audit_author.pdbx_ordinal 
'Gehrmann, J.' 1 
'Daly, N.L.'   2 
'Craik, D.J.'  3 
# 
_citation.id                        primary 
_citation.title                     'Solution structure of alpha-conotoxin ImI by 1H nuclear magnetic resonance.' 
_citation.journal_abbrev            J.Med.Chem. 
_citation.journal_volume            42 
_citation.page_first                2364 
_citation.page_last                 2372 
_citation.year                      1999 
_citation.journal_id_ASTM           JMCMAR 
_citation.country                   US 
_citation.journal_id_ISSN           0022-2623 
_citation.journal_id_CSD            0151 
_citation.book_publisher            ? 
_citation.pdbx_database_id_PubMed   10395477 
_citation.pdbx_database_id_DOI      10.1021/jm990114p 
# 
loop_
_citation_author.citation_id 
_citation_author.name 
_citation_author.ordinal 
_citation_author.identifier_ORCID 
primary 'Gehrmann, J.'  1 ? 
primary 'Daly, N.L.'    2 ? 
primary 'Alewood, P.F.' 3 ? 
primary 'Craik, D.J.'   4 ? 
# 
_entity.id                         1 
_entity.type                       polymer 
_entity.src_method                 syn 
_entity.pdbx_description           'PROTEIN (ALPHA-CONOTOXIN IMI)' 
_entity.formula_weight             1356.601 
_entity.pdbx_number_of_molecules   1 
_entity.pdbx_ec                    ? 
_entity.pdbx_mutation              ? 
_entity.pdbx_fragment              ? 
_entity.details                    ? 
# 
_entity_poly.entity_id                      1 
_entity_poly.type                           'polypeptide(L)' 
_entity_poly.nstd_linkage                   no 
_entity_poly.nstd_monomer                   yes 
_entity_poly.pdbx_seq_one_letter_code       'GCCSDPRCAWRC(NH2)' 
_entity_poly.pdbx_seq_one_letter_code_can   GCCSDPRCAWRCX 
_entity_poly.pdbx_strand_id                 A 
_entity_poly.pdbx_target_identifier         ? 
# 
loop_
_entity_poly_seq.entity_id 
_entity_poly_seq.num 
_entity_poly_seq.mon_id 
_entity_poly_seq.hetero 
1 1  GLY n 
1 2  CYS n 
1 3  CYS n 
1 4  SER n 
1 5  ASP n 
1 6  PRO n 
1 7  ARG n 
1 8  CYS n 
1 9  ALA n 
1 10 TRP n 
1 11 ARG n 
1 12 CYS n 
1 13 NH2 n 
# 
_pdbx_entity_src_syn.entity_id              1 
_pdbx_entity_src_syn.pdbx_src_id            1 
_pdbx_entity_src_syn.pdbx_alt_source_flag   sample 
_pdbx_entity_src_syn.pdbx_beg_seq_num       ? 
_pdbx_entity_src_syn.pdbx_end_seq_num       ? 
_pdbx_entity_src_syn.organism_scientific    ? 
_pdbx_entity_src_syn.organism_common_name   ? 
_pdbx_entity_src_syn.ncbi_taxonomy_id       ? 
_pdbx_entity_src_syn.details                
'THE PEPTIDE WAS CHEMICALLY SYNTHESIZED. THE SEQUENCE OF THE PEPTIDE IS NATURALLY FOUND IN CONUS IMPERIALIS.' 
# 
loop_
_chem_comp.id 
_chem_comp.type 
_chem_comp.mon_nstd_flag 
_chem_comp.name 
_chem_comp.pdbx_synonyms 
_chem_comp.formula 
_chem_comp.formula_weight 
ALA 'L-peptide linking' y ALANINE         ? 'C3 H7 N O2'     89.093  
ARG 'L-peptide linking' y ARGININE        ? 'C6 H15 N4 O2 1' 175.209 
ASP 'L-peptide linking' y 'ASPARTIC ACID' ? 'C4 H7 N O4'     133.103 
CYS 'L-peptide linking' y CYSTEINE        ? 'C3 H7 N O2 S'   121.158 
GLY 'peptide linking'   y GLYCINE         ? 'C2 H5 N O2'     75.067  
NH2 non-polymer         . 'AMINO GROUP'   ? 'H2 N'           16.023  
PRO 'L-peptide linking' y PROLINE         ? 'C5 H9 N O2'     115.130 
SER 'L-peptide linking' y SERINE          ? 'C3 H7 N O3'     105.093 
TRP 'L-peptide linking' y TRYPTOPHAN      ? 'C11 H12 N2 O2'  204.225 
# 
loop_
_pdbx_poly_seq_scheme.asym_id 
_pdbx_poly_seq_scheme.entity_id 
_pdbx_poly_seq_scheme.seq_id 
_pdbx_poly_seq_scheme.mon_id 
_pdbx_poly_seq_scheme.ndb_seq_num 
_pdbx_poly_seq_scheme.pdb_seq_num 
_pdbx_poly_seq_scheme.auth_seq_num 
_pdbx_poly_seq_scheme.pdb_mon_id 
_pdbx_poly_seq_scheme.auth_mon_id 
_pdbx_poly_seq_scheme.pdb_strand_id 
_pdbx_poly_seq_scheme.pdb_ins_code 
_pdbx_poly_seq_scheme.hetero 
A 1 1  GLY 1  1  1  GLY GLY A . n 
A 1 2  CYS 2  2  2  CYS CYS A . n 
A 1 3  CYS 3  3  3  CYS CYS A . n 
A 1 4  SER 4  4  4  SER SER A . n 
A 1 5  ASP 5  5  5  ASP ASP A . n 
A 1 6  PRO 6  6  6  PRO PRO A . n 
A 1 7  ARG 7  7  7  ARG ARG A . n 
A 1 8  CYS 8  8  8  CYS CYS A . n 
A 1 9  ALA 9  9  9  ALA ALA A . n 
A 1 10 TRP 10 10 10 TRP TRP A . n 
A 1 11 ARG 11 11 11 ARG ARG A . n 
A 1 12 CYS 12 12 12 CYS CYS A . n 
A 1 13 NH2 13 13 13 NH2 NH2 A . n 
# 
_cell.entry_id           1CNL 
_cell.length_a           1.000 
_cell.length_b           1.000 
_cell.length_c           1.000 
_cell.angle_alpha        90.00 
_cell.angle_beta         90.00 
_cell.angle_gamma        90.00 
_cell.Z_PDB              1 
_cell.pdbx_unique_axis   ? 
# 
_symmetry.entry_id                         1CNL 
_symmetry.space_group_name_H-M             'P 1' 
_symmetry.pdbx_full_space_group_name_H-M   ? 
_symmetry.cell_setting                     ? 
_symmetry.Int_Tables_number                1 
# 
_exptl.entry_id          1CNL 
_exptl.method            'SOLUTION NMR' 
_exptl.crystals_number   ? 
# 
_struct.entry_id                  1CNL 
_struct.title                     'ALPHA-CONOTOXIN IMI' 
_struct.pdbx_model_details        ? 
_struct.pdbx_CASP_flag            ? 
_struct.pdbx_model_type_details   ? 
# 
_struct_keywords.entry_id        1CNL 
_struct_keywords.pdbx_keywords   TOXIN 
_struct_keywords.text            'CONOTOXIN, NICOTINIC ACETYLCHOLINE RECEPTOR BLOCKER, TOXIN' 
# 
_struct_asym.id                            A 
_struct_asym.pdbx_blank_PDB_chainid_flag   N 
_struct_asym.pdbx_modified                 N 
_struct_asym.entity_id                     1 
_struct_asym.details                       ? 
# 
_struct_ref.id                         1 
_struct_ref.db_name                    UNP 
_struct_ref.db_code                    CXA1_CONIM 
_struct_ref.entity_id                  1 
_struct_ref.pdbx_db_accession          P50983 
_struct_ref.pdbx_db_isoform            ? 
_struct_ref.pdbx_seq_one_letter_code   ? 
_struct_ref.pdbx_align_begin           ? 
# 
_struct_ref_seq.align_id                      1 
_struct_ref_seq.ref_id                        1 
_struct_ref_seq.pdbx_PDB_id_code              1CNL 
_struct_ref_seq.pdbx_strand_id                A 
_struct_ref_seq.seq_align_beg                 1 
_struct_ref_seq.pdbx_seq_align_beg_ins_code   ? 
_struct_ref_seq.seq_align_end                 12 
_struct_ref_seq.pdbx_seq_align_end_ins_code   ? 
_struct_ref_seq.pdbx_db_accession             P50983 
_struct_ref_seq.db_align_beg                  1 
_struct_ref_seq.pdbx_db_align_beg_ins_code    ? 
_struct_ref_seq.db_align_end                  12 
_struct_ref_seq.pdbx_db_align_end_ins_code    ? 
_struct_ref_seq.pdbx_auth_seq_align_beg       1 
_struct_ref_seq.pdbx_auth_seq_align_end       12 
# 
_pdbx_struct_assembly.id                   1 
_pdbx_struct_assembly.details              author_defined_assembly 
_pdbx_struct_assembly.method_details       ? 
_pdbx_struct_assembly.oligomeric_details   monomeric 
_pdbx_struct_assembly.oligomeric_count     1 
# 
_pdbx_struct_assembly_gen.assembly_id       1 
_pdbx_struct_assembly_gen.oper_expression   1 
_pdbx_struct_assembly_gen.asym_id_list      A 
# 
_pdbx_struct_oper_list.id                   1 
_pdbx_struct_oper_list.type                 'identity operation' 
_pdbx_struct_oper_list.name                 1_555 
_pdbx_struct_oper_list.symmetry_operation   x,y,z 
_pdbx_struct_oper_list.matrix[1][1]         1.0000000000 
_pdbx_struct_oper_list.matrix[1][2]         0.0000000000 
_pdbx_struct_oper_list.matrix[1][3]         0.0000000000 
_pdbx_struct_oper_list.vector[1]            0.0000000000 
_pdbx_struct_oper_list.matrix[2][1]         0.0000000000 
_pdbx_struct_oper_list.matrix[2][2]         1.0000000000 
_pdbx_struct_oper_list.matrix[2][3]         0.0000000000 
_pdbx_struct_oper_list.vector[2]            0.0000000000 
_pdbx_struct_oper_list.matrix[3][1]         0.0000000000 
_pdbx_struct_oper_list.matrix[3][2]         0.0000000000 
_pdbx_struct_oper_list.matrix[3][3]         1.0000000000 
_pdbx_struct_oper_list.vector[3]            0.0000000000 
# 
_struct_biol.id   1 
# 
loop_
_struct_conn.id 
_struct_conn.conn_type_id 
_struct_conn.pdbx_leaving_atom_flag 
_struct_conn.pdbx_PDB_id 
_struct_conn.ptnr1_label_asym_id 
_struct_conn.ptnr1_label_comp_id 
_struct_conn.ptnr1_label_seq_id 
_struct_conn.ptnr1_label_atom_id 
_struct_conn.pdbx_ptnr1_label_alt_id 
_struct_conn.pdbx_ptnr1_PDB_ins_code 
_struct_conn.pdbx_ptnr1_standard_comp_id 
_struct_conn.ptnr1_symmetry 
_struct_conn.ptnr2_label_asym_id 
_struct_conn.ptnr2_label_comp_id 
_struct_conn.ptnr2_label_seq_id 
_struct_conn.ptnr2_label_atom_id 
_struct_conn.pdbx_ptnr2_label_alt_id 
_struct_conn.pdbx_ptnr2_PDB_ins_code 
_struct_conn.ptnr1_auth_asym_id 
_struct_conn.ptnr1_auth_comp_id 
_struct_conn.ptnr1_auth_seq_id 
_struct_conn.ptnr2_auth_asym_id 
_struct_conn.ptnr2_auth_comp_id 
_struct_conn.ptnr2_auth_seq_id 
_struct_conn.ptnr2_symmetry 
_struct_conn.pdbx_ptnr3_label_atom_id 
_struct_conn.pdbx_ptnr3_label_seq_id 
_struct_conn.pdbx_ptnr3_label_comp_id 
_struct_conn.pdbx_ptnr3_label_asym_id 
_struct_conn.pdbx_ptnr3_label_alt_id 
_struct_conn.pdbx_ptnr3_PDB_ins_code 
_struct_conn.details 
_struct_conn.pdbx_dist_value 
_struct_conn.pdbx_value_order 
_struct_conn.pdbx_role 
disulf1 disulf ?    ? A CYS 2  SG ? ? ? 1_555 A CYS 8  SG ? ? A CYS 2  A CYS 8  1_555 ? ? ? ? ? ? ? 2.017 ? ? 
disulf2 disulf ?    ? A CYS 3  SG ? ? ? 1_555 A CYS 12 SG ? ? A CYS 3  A CYS 12 1_555 ? ? ? ? ? ? ? 2.020 ? ? 
covale1 covale both ? A CYS 12 C  ? ? ? 1_555 A NH2 13 N  ? ? A CYS 12 A NH2 13 1_555 ? ? ? ? ? ? ? 1.306 ? ? 
# 
loop_
_struct_conn_type.id 
_struct_conn_type.criteria 
_struct_conn_type.reference 
disulf ? ? 
covale ? ? 
# 
loop_
_pdbx_modification_feature.ordinal 
_pdbx_modification_feature.label_comp_id 
_pdbx_modification_feature.label_asym_id 
_pdbx_modification_feature.label_seq_id 
_pdbx_modification_feature.label_alt_id 
_pdbx_modification_feature.modified_residue_label_comp_id 
_pdbx_modification_feature.modified_residue_label_asym_id 
_pdbx_modification_feature.modified_residue_label_seq_id 
_pdbx_modification_feature.modified_residue_label_alt_id 
_pdbx_modification_feature.auth_comp_id 
_pdbx_modification_feature.auth_asym_id 
_pdbx_modification_feature.auth_seq_id 
_pdbx_modification_feature.PDB_ins_code 
_pdbx_modification_feature.symmetry 
_pdbx_modification_feature.modified_residue_auth_comp_id 
_pdbx_modification_feature.modified_residue_auth_asym_id 
_pdbx_modification_feature.modified_residue_auth_seq_id 
_pdbx_modification_feature.modified_residue_PDB_ins_code 
_pdbx_modification_feature.modified_residue_symmetry 
_pdbx_modification_feature.comp_id_linking_atom 
_pdbx_modification_feature.modified_residue_id_linking_atom 
_pdbx_modification_feature.modified_residue_id 
_pdbx_modification_feature.ref_pcm_id 
_pdbx_modification_feature.ref_comp_id 
_pdbx_modification_feature.type 
_pdbx_modification_feature.category 
1 NH2 A 13 ? CYS A 12 ? NH2 A 13 ? 1_555 CYS A 12 ? 1_555 .  .  CYS 11 NH2 None 'Terminal amidation' 
2 CYS A 2  ? CYS A 8  ? CYS A 2  ? 1_555 CYS A 8  ? 1_555 SG SG .   .  .   None 'Disulfide bridge'   
3 CYS A 3  ? CYS A 12 ? CYS A 3  ? 1_555 CYS A 12 ? 1_555 SG SG .   .  .   None 'Disulfide bridge'   
# 
_struct_site.id                   AC1 
_struct_site.pdbx_evidence_code   Software 
_struct_site.pdbx_auth_asym_id    A 
_struct_site.pdbx_auth_comp_id    NH2 
_struct_site.pdbx_auth_seq_id     13 
_struct_site.pdbx_auth_ins_code   ? 
_struct_site.pdbx_num_residues    2 
_struct_site.details              'BINDING SITE FOR RESIDUE NH2 A 13' 
# 
loop_
_struct_site_gen.id 
_struct_site_gen.site_id 
_struct_site_gen.pdbx_num_res 
_struct_site_gen.label_comp_id 
_struct_site_gen.label_asym_id 
_struct_site_gen.label_seq_id 
_struct_site_gen.pdbx_auth_ins_code 
_struct_site_gen.auth_comp_id 
_struct_site_gen.auth_asym_id 
_struct_site_gen.auth_seq_id 
_struct_site_gen.label_atom_id 
_struct_site_gen.label_alt_id 
_struct_site_gen.symmetry 
_struct_site_gen.details 
1 AC1 2 ARG A 11 ? ARG A 11 . ? 1_555 ? 
2 AC1 2 CYS A 12 ? CYS A 12 . ? 1_555 ? 
# 
_pdbx_entry_details.entry_id                   1CNL 
_pdbx_entry_details.compound_details           ? 
_pdbx_entry_details.source_details             ? 
_pdbx_entry_details.nonpolymer_details         ? 
_pdbx_entry_details.sequence_details           ? 
_pdbx_entry_details.has_ligand_of_interest     ? 
_pdbx_entry_details.has_protein_modification   Y 
# 
loop_
_pdbx_validate_rmsd_angle.id 
_pdbx_validate_rmsd_angle.PDB_model_num 
_pdbx_validate_rmsd_angle.auth_atom_id_1 
_pdbx_validate_rmsd_angle.auth_asym_id_1 
_pdbx_validate_rmsd_angle.auth_comp_id_1 
_pdbx_validate_rmsd_angle.auth_seq_id_1 
_pdbx_validate_rmsd_angle.PDB_ins_code_1 
_pdbx_validate_rmsd_angle.label_alt_id_1 
_pdbx_validate_rmsd_angle.auth_atom_id_2 
_pdbx_validate_rmsd_angle.auth_asym_id_2 
_pdbx_validate_rmsd_angle.auth_comp_id_2 
_pdbx_validate_rmsd_angle.auth_seq_id_2 
_pdbx_validate_rmsd_angle.PDB_ins_code_2 
_pdbx_validate_rmsd_angle.label_alt_id_2 
_pdbx_validate_rmsd_angle.auth_atom_id_3 
_pdbx_validate_rmsd_angle.auth_asym_id_3 
_pdbx_validate_rmsd_angle.auth_comp_id_3 
_pdbx_validate_rmsd_angle.auth_seq_id_3 
_pdbx_validate_rmsd_angle.PDB_ins_code_3 
_pdbx_validate_rmsd_angle.label_alt_id_3 
_pdbx_validate_rmsd_angle.angle_value 
_pdbx_validate_rmsd_angle.angle_target_value 
_pdbx_validate_rmsd_angle.angle_deviation 
_pdbx_validate_rmsd_angle.angle_standard_deviation 
_pdbx_validate_rmsd_angle.linker_flag 
1  1  CD1 A TRP 10 ? ? NE1 A TRP 10 ? ? CE2 A TRP 10 ? ? 115.84 109.00 6.84 0.90 N 
2  2  CD1 A TRP 10 ? ? NE1 A TRP 10 ? ? CE2 A TRP 10 ? ? 115.97 109.00 6.97 0.90 N 
3  3  CD1 A TRP 10 ? ? NE1 A TRP 10 ? ? CE2 A TRP 10 ? ? 115.78 109.00 6.78 0.90 N 
4  4  CD1 A TRP 10 ? ? NE1 A TRP 10 ? ? CE2 A TRP 10 ? ? 115.83 109.00 6.83 0.90 N 
5  5  CD1 A TRP 10 ? ? NE1 A TRP 10 ? ? CE2 A TRP 10 ? ? 115.93 109.00 6.93 0.90 N 
6  6  CD1 A TRP 10 ? ? NE1 A TRP 10 ? ? CE2 A TRP 10 ? ? 115.82 109.00 6.82 0.90 N 
7  7  CD1 A TRP 10 ? ? NE1 A TRP 10 ? ? CE2 A TRP 10 ? ? 115.87 109.00 6.87 0.90 N 
8  8  CD1 A TRP 10 ? ? NE1 A TRP 10 ? ? CE2 A TRP 10 ? ? 115.79 109.00 6.79 0.90 N 
9  9  CD1 A TRP 10 ? ? NE1 A TRP 10 ? ? CE2 A TRP 10 ? ? 115.84 109.00 6.84 0.90 N 
10 10 CD1 A TRP 10 ? ? NE1 A TRP 10 ? ? CE2 A TRP 10 ? ? 115.79 109.00 6.79 0.90 N 
# 
loop_
_pdbx_validate_torsion.id 
_pdbx_validate_torsion.PDB_model_num 
_pdbx_validate_torsion.auth_comp_id 
_pdbx_validate_torsion.auth_asym_id 
_pdbx_validate_torsion.auth_seq_id 
_pdbx_validate_torsion.PDB_ins_code 
_pdbx_validate_torsion.label_alt_id 
_pdbx_validate_torsion.phi 
_pdbx_validate_torsion.psi 
1  1  CYS A 8  ? ? -99.13  -61.39 
2  1  TRP A 10 ? ? -90.07  46.80  
3  2  CYS A 2  ? ? -76.38  -73.46 
4  2  PRO A 6  ? ? -65.30  1.06   
5  2  CYS A 8  ? ? -92.49  -61.16 
6  2  TRP A 10 ? ? -90.06  41.19  
7  2  ARG A 11 ? ? 58.74   10.81  
8  3  CYS A 8  ? ? -101.92 -62.25 
9  3  TRP A 10 ? ? -89.43  42.08  
10 4  TRP A 10 ? ? -90.08  40.37  
11 4  ARG A 11 ? ? 59.29   9.51   
12 5  CYS A 8  ? ? -102.63 -61.28 
13 5  TRP A 10 ? ? -86.13  39.57  
14 5  ARG A 11 ? ? 48.60   25.88  
15 6  CYS A 8  ? ? -99.85  -62.09 
16 6  TRP A 10 ? ? -89.93  41.68  
17 6  ARG A 11 ? ? 59.14   8.06   
18 7  CYS A 8  ? ? -102.13 -61.36 
19 7  TRP A 10 ? ? -86.77  39.16  
20 7  ARG A 11 ? ? 48.36   27.58  
21 8  CYS A 8  ? ? -97.11  -61.41 
22 8  TRP A 10 ? ? -89.84  39.91  
23 9  CYS A 8  ? ? -96.74  -61.63 
24 9  TRP A 10 ? ? -89.75  41.00  
25 9  ARG A 11 ? ? 59.20   8.89   
26 10 CYS A 8  ? ? -98.24  -63.34 
27 10 TRP A 10 ? ? -90.01  39.93  
28 10 ARG A 11 ? ? 57.52   12.97  
# 
_pdbx_nmr_ensemble.entry_id                                      1CNL 
_pdbx_nmr_ensemble.conformers_calculated_total_number            50 
_pdbx_nmr_ensemble.conformers_submitted_total_number             10 
_pdbx_nmr_ensemble.conformer_selection_criteria                  'LEAST RESTRAINT VIOLATION' 
_pdbx_nmr_ensemble.average_constraints_per_residue               ? 
_pdbx_nmr_ensemble.average_constraint_violations_per_residue     ? 
_pdbx_nmr_ensemble.maximum_distance_constraint_violation         ? 
_pdbx_nmr_ensemble.average_distance_constraint_violation         ? 
_pdbx_nmr_ensemble.maximum_upper_distance_constraint_violation   ? 
_pdbx_nmr_ensemble.maximum_lower_distance_constraint_violation   ? 
_pdbx_nmr_ensemble.distance_constraint_violation_method          ? 
_pdbx_nmr_ensemble.maximum_torsion_angle_constraint_violation    ? 
_pdbx_nmr_ensemble.average_torsion_angle_constraint_violation    ? 
_pdbx_nmr_ensemble.torsion_angle_constraint_violation_method     ? 
# 
_pdbx_nmr_sample_details.solution_id      1 
_pdbx_nmr_sample_details.contents         '10% D2O/90% H2O' 
_pdbx_nmr_sample_details.solvent_system   ? 
# 
_pdbx_nmr_exptl_sample_conditions.conditions_id       1 
_pdbx_nmr_exptl_sample_conditions.temperature         280 
_pdbx_nmr_exptl_sample_conditions.pressure            ? 
_pdbx_nmr_exptl_sample_conditions.pH                  3.1 
_pdbx_nmr_exptl_sample_conditions.ionic_strength      ? 
_pdbx_nmr_exptl_sample_conditions.pressure_units      ? 
_pdbx_nmr_exptl_sample_conditions.temperature_units   K 
# 
loop_
_pdbx_nmr_exptl.experiment_id 
_pdbx_nmr_exptl.conditions_id 
_pdbx_nmr_exptl.type 
_pdbx_nmr_exptl.solution_id 
1 1 TOCSY  1 
2 1 NOESY  1 
3 1 COSY   1 
4 1 E-COSY 1 
5 1 HMQC   1 
# 
_pdbx_nmr_refine.entry_id           1CNL 
_pdbx_nmr_refine.method             'simulated annealing' 
_pdbx_nmr_refine.details            ? 
_pdbx_nmr_refine.software_ordinal   1 
# 
loop_
_pdbx_nmr_software.classification 
_pdbx_nmr_software.name 
_pdbx_nmr_software.version 
_pdbx_nmr_software.authors 
_pdbx_nmr_software.ordinal 
refinement           X-PLOR 3.85 BRUNGER 1 
'structure solution' X-PLOR ?    ?       2 
# 
loop_
_chem_comp_atom.comp_id 
_chem_comp_atom.atom_id 
_chem_comp_atom.type_symbol 
_chem_comp_atom.pdbx_aromatic_flag 
_chem_comp_atom.pdbx_stereo_config 
_chem_comp_atom.pdbx_ordinal 
ALA N    N N N 1   
ALA CA   C N S 2   
ALA C    C N N 3   
ALA O    O N N 4   
ALA CB   C N N 5   
ALA OXT  O N N 6   
ALA H    H N N 7   
ALA H2   H N N 8   
ALA HA   H N N 9   
ALA HB1  H N N 10  
ALA HB2  H N N 11  
ALA HB3  H N N 12  
ALA HXT  H N N 13  
ARG N    N N N 14  
ARG CA   C N S 15  
ARG C    C N N 16  
ARG O    O N N 17  
ARG CB   C N N 18  
ARG CG   C N N 19  
ARG CD   C N N 20  
ARG NE   N N N 21  
ARG CZ   C N N 22  
ARG NH1  N N N 23  
ARG NH2  N N N 24  
ARG OXT  O N N 25  
ARG H    H N N 26  
ARG H2   H N N 27  
ARG HA   H N N 28  
ARG HB2  H N N 29  
ARG HB3  H N N 30  
ARG HG2  H N N 31  
ARG HG3  H N N 32  
ARG HD2  H N N 33  
ARG HD3  H N N 34  
ARG HE   H N N 35  
ARG HH11 H N N 36  
ARG HH12 H N N 37  
ARG HH21 H N N 38  
ARG HH22 H N N 39  
ARG HXT  H N N 40  
ASP N    N N N 41  
ASP CA   C N S 42  
ASP C    C N N 43  
ASP O    O N N 44  
ASP CB   C N N 45  
ASP CG   C N N 46  
ASP OD1  O N N 47  
ASP OD2  O N N 48  
ASP OXT  O N N 49  
ASP H    H N N 50  
ASP H2   H N N 51  
ASP HA   H N N 52  
ASP HB2  H N N 53  
ASP HB3  H N N 54  
ASP HD2  H N N 55  
ASP HXT  H N N 56  
CYS N    N N N 57  
CYS CA   C N R 58  
CYS C    C N N 59  
CYS O    O N N 60  
CYS CB   C N N 61  
CYS SG   S N N 62  
CYS OXT  O N N 63  
CYS H    H N N 64  
CYS H2   H N N 65  
CYS HA   H N N 66  
CYS HB2  H N N 67  
CYS HB3  H N N 68  
CYS HG   H N N 69  
CYS HXT  H N N 70  
GLY N    N N N 71  
GLY CA   C N N 72  
GLY C    C N N 73  
GLY O    O N N 74  
GLY OXT  O N N 75  
GLY H    H N N 76  
GLY H2   H N N 77  
GLY HA2  H N N 78  
GLY HA3  H N N 79  
GLY HXT  H N N 80  
NH2 N    N N N 81  
NH2 HN1  H N N 82  
NH2 HN2  H N N 83  
PRO N    N N N 84  
PRO CA   C N S 85  
PRO C    C N N 86  
PRO O    O N N 87  
PRO CB   C N N 88  
PRO CG   C N N 89  
PRO CD   C N N 90  
PRO OXT  O N N 91  
PRO H    H N N 92  
PRO HA   H N N 93  
PRO HB2  H N N 94  
PRO HB3  H N N 95  
PRO HG2  H N N 96  
PRO HG3  H N N 97  
PRO HD2  H N N 98  
PRO HD3  H N N 99  
PRO HXT  H N N 100 
SER N    N N N 101 
SER CA   C N S 102 
SER C    C N N 103 
SER O    O N N 104 
SER CB   C N N 105 
SER OG   O N N 106 
SER OXT  O N N 107 
SER H    H N N 108 
SER H2   H N N 109 
SER HA   H N N 110 
SER HB2  H N N 111 
SER HB3  H N N 112 
SER HG   H N N 113 
SER HXT  H N N 114 
TRP N    N N N 115 
TRP CA   C N S 116 
TRP C    C N N 117 
TRP O    O N N 118 
TRP CB   C N N 119 
TRP CG   C Y N 120 
TRP CD1  C Y N 121 
TRP CD2  C Y N 122 
TRP NE1  N Y N 123 
TRP CE2  C Y N 124 
TRP CE3  C Y N 125 
TRP CZ2  C Y N 126 
TRP CZ3  C Y N 127 
TRP CH2  C Y N 128 
TRP OXT  O N N 129 
TRP H    H N N 130 
TRP H2   H N N 131 
TRP HA   H N N 132 
TRP HB2  H N N 133 
TRP HB3  H N N 134 
TRP HD1  H N N 135 
TRP HE1  H N N 136 
TRP HE3  H N N 137 
TRP HZ2  H N N 138 
TRP HZ3  H N N 139 
TRP HH2  H N N 140 
TRP HXT  H N N 141 
# 
loop_
_chem_comp_bond.comp_id 
_chem_comp_bond.atom_id_1 
_chem_comp_bond.atom_id_2 
_chem_comp_bond.value_order 
_chem_comp_bond.pdbx_aromatic_flag 
_chem_comp_bond.pdbx_stereo_config 
_chem_comp_bond.pdbx_ordinal 
ALA N   CA   sing N N 1   
ALA N   H    sing N N 2   
ALA N   H2   sing N N 3   
ALA CA  C    sing N N 4   
ALA CA  CB   sing N N 5   
ALA CA  HA   sing N N 6   
ALA C   O    doub N N 7   
ALA C   OXT  sing N N 8   
ALA CB  HB1  sing N N 9   
ALA CB  HB2  sing N N 10  
ALA CB  HB3  sing N N 11  
ALA OXT HXT  sing N N 12  
ARG N   CA   sing N N 13  
ARG N   H    sing N N 14  
ARG N   H2   sing N N 15  
ARG CA  C    sing N N 16  
ARG CA  CB   sing N N 17  
ARG CA  HA   sing N N 18  
ARG C   O    doub N N 19  
ARG C   OXT  sing N N 20  
ARG CB  CG   sing N N 21  
ARG CB  HB2  sing N N 22  
ARG CB  HB3  sing N N 23  
ARG CG  CD   sing N N 24  
ARG CG  HG2  sing N N 25  
ARG CG  HG3  sing N N 26  
ARG CD  NE   sing N N 27  
ARG CD  HD2  sing N N 28  
ARG CD  HD3  sing N N 29  
ARG NE  CZ   sing N N 30  
ARG NE  HE   sing N N 31  
ARG CZ  NH1  sing N N 32  
ARG CZ  NH2  doub N N 33  
ARG NH1 HH11 sing N N 34  
ARG NH1 HH12 sing N N 35  
ARG NH2 HH21 sing N N 36  
ARG NH2 HH22 sing N N 37  
ARG OXT HXT  sing N N 38  
ASP N   CA   sing N N 39  
ASP N   H    sing N N 40  
ASP N   H2   sing N N 41  
ASP CA  C    sing N N 42  
ASP CA  CB   sing N N 43  
ASP CA  HA   sing N N 44  
ASP C   O    doub N N 45  
ASP C   OXT  sing N N 46  
ASP CB  CG   sing N N 47  
ASP CB  HB2  sing N N 48  
ASP CB  HB3  sing N N 49  
ASP CG  OD1  doub N N 50  
ASP CG  OD2  sing N N 51  
ASP OD2 HD2  sing N N 52  
ASP OXT HXT  sing N N 53  
CYS N   CA   sing N N 54  
CYS N   H    sing N N 55  
CYS N   H2   sing N N 56  
CYS CA  C    sing N N 57  
CYS CA  CB   sing N N 58  
CYS CA  HA   sing N N 59  
CYS C   O    doub N N 60  
CYS C   OXT  sing N N 61  
CYS CB  SG   sing N N 62  
CYS CB  HB2  sing N N 63  
CYS CB  HB3  sing N N 64  
CYS SG  HG   sing N N 65  
CYS OXT HXT  sing N N 66  
GLY N   CA   sing N N 67  
GLY N   H    sing N N 68  
GLY N   H2   sing N N 69  
GLY CA  C    sing N N 70  
GLY CA  HA2  sing N N 71  
GLY CA  HA3  sing N N 72  
GLY C   O    doub N N 73  
GLY C   OXT  sing N N 74  
GLY OXT HXT  sing N N 75  
NH2 N   HN1  sing N N 76  
NH2 N   HN2  sing N N 77  
PRO N   CA   sing N N 78  
PRO N   CD   sing N N 79  
PRO N   H    sing N N 80  
PRO CA  C    sing N N 81  
PRO CA  CB   sing N N 82  
PRO CA  HA   sing N N 83  
PRO C   O    doub N N 84  
PRO C   OXT  sing N N 85  
PRO CB  CG   sing N N 86  
PRO CB  HB2  sing N N 87  
PRO CB  HB3  sing N N 88  
PRO CG  CD   sing N N 89  
PRO CG  HG2  sing N N 90  
PRO CG  HG3  sing N N 91  
PRO CD  HD2  sing N N 92  
PRO CD  HD3  sing N N 93  
PRO OXT HXT  sing N N 94  
SER N   CA   sing N N 95  
SER N   H    sing N N 96  
SER N   H2   sing N N 97  
SER CA  C    sing N N 98  
SER CA  CB   sing N N 99  
SER CA  HA   sing N N 100 
SER C   O    doub N N 101 
SER C   OXT  sing N N 102 
SER CB  OG   sing N N 103 
SER CB  HB2  sing N N 104 
SER CB  HB3  sing N N 105 
SER OG  HG   sing N N 106 
SER OXT HXT  sing N N 107 
TRP N   CA   sing N N 108 
TRP N   H    sing N N 109 
TRP N   H2   sing N N 110 
TRP CA  C    sing N N 111 
TRP CA  CB   sing N N 112 
TRP CA  HA   sing N N 113 
TRP C   O    doub N N 114 
TRP C   OXT  sing N N 115 
TRP CB  CG   sing N N 116 
TRP CB  HB2  sing N N 117 
TRP CB  HB3  sing N N 118 
TRP CG  CD1  doub Y N 119 
TRP CG  CD2  sing Y N 120 
TRP CD1 NE1  sing Y N 121 
TRP CD1 HD1  sing N N 122 
TRP CD2 CE2  doub Y N 123 
TRP CD2 CE3  sing Y N 124 
TRP NE1 CE2  sing Y N 125 
TRP NE1 HE1  sing N N 126 
TRP CE2 CZ2  sing Y N 127 
TRP CE3 CZ3  doub Y N 128 
TRP CE3 HE3  sing N N 129 
TRP CZ2 CH2  doub Y N 130 
TRP CZ2 HZ2  sing N N 131 
TRP CZ3 CH2  sing Y N 132 
TRP CZ3 HZ3  sing N N 133 
TRP CH2 HH2  sing N N 134 
TRP OXT HXT  sing N N 135 
# 
_pdbx_nmr_spectrometer.spectrometer_id   1 
_pdbx_nmr_spectrometer.model             AVANCE 
_pdbx_nmr_spectrometer.manufacturer      Bruker 
_pdbx_nmr_spectrometer.field_strength    750 
_pdbx_nmr_spectrometer.type              ? 
# 
_atom_sites.entry_id                    1CNL 
_atom_sites.fract_transf_matrix[1][1]   1.000000 
_atom_sites.fract_transf_matrix[1][2]   0.000000 
_atom_sites.fract_transf_matrix[1][3]   0.000000 
_atom_sites.fract_transf_matrix[2][1]   0.000000 
_atom_sites.fract_transf_matrix[2][2]   1.000000 
_atom_sites.fract_transf_matrix[2][3]   0.000000 
_atom_sites.fract_transf_matrix[3][1]   0.000000 
_atom_sites.fract_transf_matrix[3][2]   0.000000 
_atom_sites.fract_transf_matrix[3][3]   1.000000 
_atom_sites.fract_transf_vector[1]      0.00000 
_atom_sites.fract_transf_vector[2]      0.00000 
_atom_sites.fract_transf_vector[3]      0.00000 
# 
loop_
_atom_type.symbol 
C 
H 
N 
O 
S 
# 
loop_
_atom_site.group_PDB 
_atom_site.id 
_atom_site.type_symbol 
_atom_site.label_atom_id 
_atom_site.label_alt_id 
_atom_site.label_comp_id 
_atom_site.label_asym_id 
_atom_site.label_entity_id 
_atom_site.label_seq_id 
_atom_site.pdbx_PDB_ins_code 
_atom_site.Cartn_x 
_atom_site.Cartn_y 
_atom_site.Cartn_z 
_atom_site.occupancy 
_atom_site.B_iso_or_equiv 
_atom_site.pdbx_formal_charge 
_atom_site.auth_seq_id 
_atom_site.auth_comp_id 
_atom_site.auth_asym_id 
_atom_site.auth_atom_id 
_atom_site.pdbx_PDB_model_num 
ATOM   1    N N    . GLY A 1 1  ? -1.284  -5.474 -4.739 1.00 0.00 ? 1  GLY A N    1  
ATOM   2    C CA   . GLY A 1 1  ? -0.758  -4.116 -5.055 1.00 0.00 ? 1  GLY A CA   1  
ATOM   3    C C    . GLY A 1 1  ? 0.326   -3.705 -4.052 1.00 0.00 ? 1  GLY A C    1  
ATOM   4    O O    . GLY A 1 1  ? 0.654   -4.444 -3.145 1.00 0.00 ? 1  GLY A O    1  
ATOM   5    H H1   . GLY A 1 1  ? -1.231  -5.636 -3.714 1.00 0.00 ? 1  GLY A H1   1  
ATOM   6    H H2   . GLY A 1 1  ? -2.274  -5.545 -5.050 1.00 0.00 ? 1  GLY A H2   1  
ATOM   7    H H3   . GLY A 1 1  ? -0.713  -6.189 -5.232 1.00 0.00 ? 1  GLY A H3   1  
ATOM   8    H HA2  . GLY A 1 1  ? -0.337  -4.125 -6.049 1.00 0.00 ? 1  GLY A HA2  1  
ATOM   9    H HA3  . GLY A 1 1  ? -1.570  -3.406 -5.012 1.00 0.00 ? 1  GLY A HA3  1  
ATOM   10   N N    . CYS A 1 2  ? 0.853   -2.521 -4.251 1.00 0.00 ? 2  CYS A N    1  
ATOM   11   C CA   . CYS A 1 2  ? 1.918   -2.002 -3.340 1.00 0.00 ? 2  CYS A CA   1  
ATOM   12   C C    . CYS A 1 2  ? 1.260   -1.636 -2.011 1.00 0.00 ? 2  CYS A C    1  
ATOM   13   O O    . CYS A 1 2  ? 1.614   -2.202 -0.994 1.00 0.00 ? 2  CYS A O    1  
ATOM   14   C CB   . CYS A 1 2  ? 2.575   -0.787 -4.021 1.00 0.00 ? 2  CYS A CB   1  
ATOM   15   S SG   . CYS A 1 2  ? 4.088   -0.142 -3.264 1.00 0.00 ? 2  CYS A SG   1  
ATOM   16   H H    . CYS A 1 2  ? 0.546   -1.970 -5.001 1.00 0.00 ? 2  CYS A H    1  
ATOM   17   H HA   . CYS A 1 2  ? 2.652   -2.766 -3.150 1.00 0.00 ? 2  CYS A HA   1  
ATOM   18   H HB2  . CYS A 1 2  ? 2.811   -1.058 -5.038 1.00 0.00 ? 2  CYS A HB2  1  
ATOM   19   H HB3  . CYS A 1 2  ? 1.858   0.018  -4.066 1.00 0.00 ? 2  CYS A HB3  1  
ATOM   20   N N    . CYS A 1 3  ? 0.328   -0.715 -2.053 1.00 0.00 ? 3  CYS A N    1  
ATOM   21   C CA   . CYS A 1 3  ? -0.375  -0.298 -0.794 1.00 0.00 ? 3  CYS A CA   1  
ATOM   22   C C    . CYS A 1 3  ? -1.213  -1.443 -0.219 1.00 0.00 ? 3  CYS A C    1  
ATOM   23   O O    . CYS A 1 3  ? -1.636  -1.362 0.918  1.00 0.00 ? 3  CYS A O    1  
ATOM   24   C CB   . CYS A 1 3  ? -1.287  0.911  -1.075 1.00 0.00 ? 3  CYS A CB   1  
ATOM   25   S SG   . CYS A 1 3  ? -2.570  1.291  0.145  1.00 0.00 ? 3  CYS A SG   1  
ATOM   26   H H    . CYS A 1 3  ? 0.107   -0.310 -2.916 1.00 0.00 ? 3  CYS A H    1  
ATOM   27   H HA   . CYS A 1 3  ? 0.360   -0.032 -0.054 1.00 0.00 ? 3  CYS A HA   1  
ATOM   28   H HB2  . CYS A 1 3  ? -0.652  1.778  -1.102 1.00 0.00 ? 3  CYS A HB2  1  
ATOM   29   H HB3  . CYS A 1 3  ? -1.740  0.825  -2.045 1.00 0.00 ? 3  CYS A HB3  1  
ATOM   30   N N    . SER A 1 4  ? -1.430  -2.476 -1.009 1.00 0.00 ? 4  SER A N    1  
ATOM   31   C CA   . SER A 1 4  ? -2.233  -3.654 -0.528 1.00 0.00 ? 4  SER A CA   1  
ATOM   32   C C    . SER A 1 4  ? -1.543  -4.143 0.762  1.00 0.00 ? 4  SER A C    1  
ATOM   33   O O    . SER A 1 4  ? -2.156  -4.687 1.659  1.00 0.00 ? 4  SER A O    1  
ATOM   34   C CB   . SER A 1 4  ? -2.209  -4.750 -1.601 1.00 0.00 ? 4  SER A CB   1  
ATOM   35   O OG   . SER A 1 4  ? -3.035  -5.778 -1.073 1.00 0.00 ? 4  SER A OG   1  
ATOM   36   H H    . SER A 1 4  ? -1.067  -2.477 -1.918 1.00 0.00 ? 4  SER A H    1  
ATOM   37   H HA   . SER A 1 4  ? -3.242  -3.334 -0.305 1.00 0.00 ? 4  SER A HA   1  
ATOM   38   H HB2  . SER A 1 4  ? -2.622  -4.400 -2.536 1.00 0.00 ? 4  SER A HB2  1  
ATOM   39   H HB3  . SER A 1 4  ? -1.214  -5.139 -1.753 1.00 0.00 ? 4  SER A HB3  1  
ATOM   40   H HG   . SER A 1 4  ? -2.600  -6.138 -0.297 1.00 0.00 ? 4  SER A HG   1  
ATOM   41   N N    . ASP A 1 5  ? -0.256  -3.901 0.762  1.00 0.00 ? 5  ASP A N    1  
ATOM   42   C CA   . ASP A 1 5  ? 0.658   -4.250 1.881  1.00 0.00 ? 5  ASP A CA   1  
ATOM   43   C C    . ASP A 1 5  ? 1.076   -2.857 2.399  1.00 0.00 ? 5  ASP A C    1  
ATOM   44   O O    . ASP A 1 5  ? 1.308   -1.976 1.594  1.00 0.00 ? 5  ASP A O    1  
ATOM   45   C CB   . ASP A 1 5  ? 1.872   -5.000 1.336  1.00 0.00 ? 5  ASP A CB   1  
ATOM   46   C CG   . ASP A 1 5  ? 1.413   -6.199 0.492  1.00 0.00 ? 5  ASP A CG   1  
ATOM   47   O OD1  . ASP A 1 5  ? 1.218   -5.977 -0.693 1.00 0.00 ? 5  ASP A OD1  1  
ATOM   48   O OD2  . ASP A 1 5  ? 1.284   -7.262 1.076  1.00 0.00 ? 5  ASP A OD2  1  
ATOM   49   H H    . ASP A 1 5  ? 0.134   -3.463 -0.023 1.00 0.00 ? 5  ASP A H    1  
ATOM   50   H HA   . ASP A 1 5  ? 0.128   -4.809 2.638  1.00 0.00 ? 5  ASP A HA   1  
ATOM   51   H HB2  . ASP A 1 5  ? 2.458   -4.342 0.714  1.00 0.00 ? 5  ASP A HB2  1  
ATOM   52   H HB3  . ASP A 1 5  ? 2.490   -5.350 2.150  1.00 0.00 ? 5  ASP A HB3  1  
ATOM   53   N N    . PRO A 1 6  ? 1.169   -2.653 3.693  1.00 0.00 ? 6  PRO A N    1  
ATOM   54   C CA   . PRO A 1 6  ? 1.428   -1.290 4.244  1.00 0.00 ? 6  PRO A CA   1  
ATOM   55   C C    . PRO A 1 6  ? 2.827   -0.761 3.893  1.00 0.00 ? 6  PRO A C    1  
ATOM   56   O O    . PRO A 1 6  ? 3.165   0.349  4.257  1.00 0.00 ? 6  PRO A O    1  
ATOM   57   C CB   . PRO A 1 6  ? 1.212   -1.421 5.753  1.00 0.00 ? 6  PRO A CB   1  
ATOM   58   C CG   . PRO A 1 6  ? 1.207   -2.928 6.074  1.00 0.00 ? 6  PRO A CG   1  
ATOM   59   C CD   . PRO A 1 6  ? 1.038   -3.696 4.750  1.00 0.00 ? 6  PRO A CD   1  
ATOM   60   H HA   . PRO A 1 6  ? 0.722   -0.611 3.781  1.00 0.00 ? 6  PRO A HA   1  
ATOM   61   H HB2  . PRO A 1 6  ? 1.995   -0.923 6.307  1.00 0.00 ? 6  PRO A HB2  1  
ATOM   62   H HB3  . PRO A 1 6  ? 0.262   -0.984 6.026  1.00 0.00 ? 6  PRO A HB3  1  
ATOM   63   H HG2  . PRO A 1 6  ? 2.138   -3.209 6.545  1.00 0.00 ? 6  PRO A HG2  1  
ATOM   64   H HG3  . PRO A 1 6  ? 0.393   -3.162 6.746  1.00 0.00 ? 6  PRO A HG3  1  
ATOM   65   H HD2  . PRO A 1 6  ? 1.810   -4.443 4.621  1.00 0.00 ? 6  PRO A HD2  1  
ATOM   66   H HD3  . PRO A 1 6  ? 0.061   -4.153 4.692  1.00 0.00 ? 6  PRO A HD3  1  
ATOM   67   N N    . ARG A 1 7  ? 3.592   -1.569 3.198  1.00 0.00 ? 7  ARG A N    1  
ATOM   68   C CA   . ARG A 1 7  ? 4.972   -1.169 2.785  1.00 0.00 ? 7  ARG A CA   1  
ATOM   69   C C    . ARG A 1 7  ? 4.882   0.157  2.002  1.00 0.00 ? 7  ARG A C    1  
ATOM   70   O O    . ARG A 1 7  ? 5.768   0.985  2.056  1.00 0.00 ? 7  ARG A O    1  
ATOM   71   C CB   . ARG A 1 7  ? 5.564   -2.299 1.902  1.00 0.00 ? 7  ARG A CB   1  
ATOM   72   C CG   . ARG A 1 7  ? 4.717   -2.485 0.608  1.00 0.00 ? 7  ARG A CG   1  
ATOM   73   C CD   . ARG A 1 7  ? 5.187   -3.715 -0.185 1.00 0.00 ? 7  ARG A CD   1  
ATOM   74   N NE   . ARG A 1 7  ? 4.947   -4.941 0.644  1.00 0.00 ? 7  ARG A NE   1  
ATOM   75   C CZ   . ARG A 1 7  ? 4.592   -6.088 0.116  1.00 0.00 ? 7  ARG A CZ   1  
ATOM   76   N NH1  . ARG A 1 7  ? 4.435   -6.223 -1.173 1.00 0.00 ? 7  ARG A NH1  1  
ATOM   77   N NH2  . ARG A 1 7  ? 4.402   -7.093 0.926  1.00 0.00 ? 7  ARG A NH2  1  
ATOM   78   H H    . ARG A 1 7  ? 3.255   -2.453 2.943  1.00 0.00 ? 7  ARG A H    1  
ATOM   79   H HA   . ARG A 1 7  ? 5.577   -1.021 3.669  1.00 0.00 ? 7  ARG A HA   1  
ATOM   80   H HB2  . ARG A 1 7  ? 6.580   -2.051 1.636  1.00 0.00 ? 7  ARG A HB2  1  
ATOM   81   H HB3  . ARG A 1 7  ? 5.576   -3.216 2.472  1.00 0.00 ? 7  ARG A HB3  1  
ATOM   82   H HG2  . ARG A 1 7  ? 3.674   -2.591 0.859  1.00 0.00 ? 7  ARG A HG2  1  
ATOM   83   H HG3  . ARG A 1 7  ? 4.828   -1.615 -0.023 1.00 0.00 ? 7  ARG A HG3  1  
ATOM   84   H HD2  . ARG A 1 7  ? 4.623   -3.775 -1.105 1.00 0.00 ? 7  ARG A HD2  1  
ATOM   85   H HD3  . ARG A 1 7  ? 6.240   -3.647 -0.415 1.00 0.00 ? 7  ARG A HD3  1  
ATOM   86   H HE   . ARG A 1 7  ? 5.053   -4.885 1.615  1.00 0.00 ? 7  ARG A HE   1  
ATOM   87   H HH11 . ARG A 1 7  ? 4.585   -5.448 -1.787 1.00 0.00 ? 7  ARG A HH11 1  
ATOM   88   H HH12 . ARG A 1 7  ? 4.162   -7.108 -1.548 1.00 0.00 ? 7  ARG A HH12 1  
ATOM   89   H HH21 . ARG A 1 7  ? 4.527   -6.971 1.911  1.00 0.00 ? 7  ARG A HH21 1  
ATOM   90   H HH22 . ARG A 1 7  ? 4.130   -7.985 0.562  1.00 0.00 ? 7  ARG A HH22 1  
ATOM   91   N N    . CYS A 1 8  ? 3.782   0.283  1.301  1.00 0.00 ? 8  CYS A N    1  
ATOM   92   C CA   . CYS A 1 8  ? 3.485   1.484  0.471  1.00 0.00 ? 8  CYS A CA   1  
ATOM   93   C C    . CYS A 1 8  ? 2.538   2.413  1.251  1.00 0.00 ? 8  CYS A C    1  
ATOM   94   O O    . CYS A 1 8  ? 2.863   3.543  1.558  1.00 0.00 ? 8  CYS A O    1  
ATOM   95   C CB   . CYS A 1 8  ? 2.833   0.994  -0.802 1.00 0.00 ? 8  CYS A CB   1  
ATOM   96   S SG   . CYS A 1 8  ? 3.474   1.570  -2.392 1.00 0.00 ? 8  CYS A SG   1  
ATOM   97   H H    . CYS A 1 8  ? 3.116   -0.439 1.306  1.00 0.00 ? 8  CYS A H    1  
ATOM   98   H HA   . CYS A 1 8  ? 4.402   2.011  0.245  1.00 0.00 ? 8  CYS A HA   1  
ATOM   99   H HB2  . CYS A 1 8  ? 2.877   -0.083 -0.780 1.00 0.00 ? 8  CYS A HB2  1  
ATOM   100  H HB3  . CYS A 1 8  ? 1.787   1.245  -0.773 1.00 0.00 ? 8  CYS A HB3  1  
ATOM   101  N N    . ALA A 1 9  ? 1.384   1.860  1.535  1.00 0.00 ? 9  ALA A N    1  
ATOM   102  C CA   . ALA A 1 9  ? 0.294   2.554  2.285  1.00 0.00 ? 9  ALA A CA   1  
ATOM   103  C C    . ALA A 1 9  ? -0.132  3.928  1.712  1.00 0.00 ? 9  ALA A C    1  
ATOM   104  O O    . ALA A 1 9  ? -0.418  4.841  2.464  1.00 0.00 ? 9  ALA A O    1  
ATOM   105  C CB   . ALA A 1 9  ? 0.758   2.707  3.753  1.00 0.00 ? 9  ALA A CB   1  
ATOM   106  H H    . ALA A 1 9  ? 1.229   0.939  1.238  1.00 0.00 ? 9  ALA A H    1  
ATOM   107  H HA   . ALA A 1 9  ? -0.571  1.908  2.264  1.00 0.00 ? 9  ALA A HA   1  
ATOM   108  H HB1  . ALA A 1 9  ? 0.948   1.733  4.178  1.00 0.00 ? 9  ALA A HB1  1  
ATOM   109  H HB2  . ALA A 1 9  ? 1.661   3.295  3.806  1.00 0.00 ? 9  ALA A HB2  1  
ATOM   110  H HB3  . ALA A 1 9  ? -0.010  3.192  4.339  1.00 0.00 ? 9  ALA A HB3  1  
ATOM   111  N N    . TRP A 1 10 ? -0.168  4.048  0.404  1.00 0.00 ? 10 TRP A N    1  
ATOM   112  C CA   . TRP A 1 10 ? -0.577  5.357  -0.217 1.00 0.00 ? 10 TRP A CA   1  
ATOM   113  C C    . TRP A 1 10 ? -2.097  5.408  -0.448 1.00 0.00 ? 10 TRP A C    1  
ATOM   114  O O    . TRP A 1 10 ? -2.574  5.782  -1.501 1.00 0.00 ? 10 TRP A O    1  
ATOM   115  C CB   . TRP A 1 10 ? 0.184   5.570  -1.571 1.00 0.00 ? 10 TRP A CB   1  
ATOM   116  C CG   . TRP A 1 10 ? 0.128   4.328  -2.458 1.00 0.00 ? 10 TRP A CG   1  
ATOM   117  C CD1  . TRP A 1 10 ? 0.935   3.264  -2.248 1.00 0.00 ? 10 TRP A CD1  1  
ATOM   118  C CD2  . TRP A 1 10 ? -0.676  4.068  -3.530 1.00 0.00 ? 10 TRP A CD2  1  
ATOM   119  N NE1  . TRP A 1 10 ? 0.603   2.407  -3.182 1.00 0.00 ? 10 TRP A NE1  1  
ATOM   120  C CE2  . TRP A 1 10 ? -0.352  2.793  -4.000 1.00 0.00 ? 10 TRP A CE2  1  
ATOM   121  C CE3  . TRP A 1 10 ? -1.671  4.804  -4.174 1.00 0.00 ? 10 TRP A CE3  1  
ATOM   122  C CZ2  . TRP A 1 10 ? -1.016  2.259  -5.100 1.00 0.00 ? 10 TRP A CZ2  1  
ATOM   123  C CZ3  . TRP A 1 10 ? -2.335  4.269  -5.275 1.00 0.00 ? 10 TRP A CZ3  1  
ATOM   124  C CH2  . TRP A 1 10 ? -2.009  2.998  -5.738 1.00 0.00 ? 10 TRP A CH2  1  
ATOM   125  H H    . TRP A 1 10 ? 0.073   3.285  -0.161 1.00 0.00 ? 10 TRP A H    1  
ATOM   126  H HA   . TRP A 1 10 ? -0.297  6.151  0.446  1.00 0.00 ? 10 TRP A HA   1  
ATOM   127  H HB2  . TRP A 1 10 ? -0.235  6.405  -2.115 1.00 0.00 ? 10 TRP A HB2  1  
ATOM   128  H HB3  . TRP A 1 10 ? 1.221   5.792  -1.365 1.00 0.00 ? 10 TRP A HB3  1  
ATOM   129  H HD1  . TRP A 1 10 ? 1.677   3.181  -1.472 1.00 0.00 ? 10 TRP A HD1  1  
ATOM   130  H HE1  . TRP A 1 10 ? 1.038   1.533  -3.264 1.00 0.00 ? 10 TRP A HE1  1  
ATOM   131  H HE3  . TRP A 1 10 ? -1.930  5.792  -3.824 1.00 0.00 ? 10 TRP A HE3  1  
ATOM   132  H HZ2  . TRP A 1 10 ? -0.762  1.272  -5.458 1.00 0.00 ? 10 TRP A HZ2  1  
ATOM   133  H HZ3  . TRP A 1 10 ? -3.104  4.843  -5.769 1.00 0.00 ? 10 TRP A HZ3  1  
ATOM   134  H HH2  . TRP A 1 10 ? -2.527  2.584  -6.591 1.00 0.00 ? 10 TRP A HH2  1  
ATOM   135  N N    . ARG A 1 11 ? -2.813  5.015  0.580  1.00 0.00 ? 11 ARG A N    1  
ATOM   136  C CA   . ARG A 1 11 ? -4.315  4.987  0.572  1.00 0.00 ? 11 ARG A CA   1  
ATOM   137  C C    . ARG A 1 11 ? -4.890  4.010  -0.478 1.00 0.00 ? 11 ARG A C    1  
ATOM   138  O O    . ARG A 1 11 ? -6.093  3.888  -0.601 1.00 0.00 ? 11 ARG A O    1  
ATOM   139  C CB   . ARG A 1 11 ? -4.816  6.449  0.318  1.00 0.00 ? 11 ARG A CB   1  
ATOM   140  C CG   . ARG A 1 11 ? -6.332  6.595  0.612  1.00 0.00 ? 11 ARG A CG   1  
ATOM   141  C CD   . ARG A 1 11 ? -6.750  8.068  0.441  1.00 0.00 ? 11 ARG A CD   1  
ATOM   142  N NE   . ARG A 1 11 ? -6.009  8.896  1.444  1.00 0.00 ? 11 ARG A NE   1  
ATOM   143  C CZ   . ARG A 1 11 ? -6.110  10.203 1.462  1.00 0.00 ? 11 ARG A CZ   1  
ATOM   144  N NH1  . ARG A 1 11 ? -6.866  10.824 0.596  1.00 0.00 ? 11 ARG A NH1  1  
ATOM   145  N NH2  . ARG A 1 11 ? -5.432  10.856 2.365  1.00 0.00 ? 11 ARG A NH2  1  
ATOM   146  H H    . ARG A 1 11 ? -2.346  4.727  1.391  1.00 0.00 ? 11 ARG A H    1  
ATOM   147  H HA   . ARG A 1 11 ? -4.643  4.662  1.549  1.00 0.00 ? 11 ARG A HA   1  
ATOM   148  H HB2  . ARG A 1 11 ? -4.256  7.124  0.949  1.00 0.00 ? 11 ARG A HB2  1  
ATOM   149  H HB3  . ARG A 1 11 ? -4.639  6.723  -0.712 1.00 0.00 ? 11 ARG A HB3  1  
ATOM   150  H HG2  . ARG A 1 11 ? -6.913  6.001  -0.075 1.00 0.00 ? 11 ARG A HG2  1  
ATOM   151  H HG3  . ARG A 1 11 ? -6.546  6.271  1.620  1.00 0.00 ? 11 ARG A HG3  1  
ATOM   152  H HD2  . ARG A 1 11 ? -6.509  8.415  -0.555 1.00 0.00 ? 11 ARG A HD2  1  
ATOM   153  H HD3  . ARG A 1 11 ? -7.811  8.178  0.609  1.00 0.00 ? 11 ARG A HD3  1  
ATOM   154  H HE   . ARG A 1 11 ? -5.436  8.453  2.102  1.00 0.00 ? 11 ARG A HE   1  
ATOM   155  H HH11 . ARG A 1 11 ? -7.378  10.306 -0.088 1.00 0.00 ? 11 ARG A HH11 1  
ATOM   156  H HH12 . ARG A 1 11 ? -6.934  11.821 0.621  1.00 0.00 ? 11 ARG A HH12 1  
ATOM   157  H HH21 . ARG A 1 11 ? -4.860  10.359 3.016  1.00 0.00 ? 11 ARG A HH21 1  
ATOM   158  H HH22 . ARG A 1 11 ? -5.487  11.854 2.405  1.00 0.00 ? 11 ARG A HH22 1  
ATOM   159  N N    . CYS A 1 12 ? -4.020  3.339  -1.199 1.00 0.00 ? 12 CYS A N    1  
ATOM   160  C CA   . CYS A 1 12 ? -4.436  2.356  -2.254 1.00 0.00 ? 12 CYS A CA   1  
ATOM   161  C C    . CYS A 1 12 ? -5.392  2.980  -3.292 1.00 0.00 ? 12 CYS A C    1  
ATOM   162  O O    . CYS A 1 12 ? -4.976  3.506  -4.304 1.00 0.00 ? 12 CYS A O    1  
ATOM   163  C CB   . CYS A 1 12 ? -5.109  1.140  -1.559 1.00 0.00 ? 12 CYS A CB   1  
ATOM   164  S SG   . CYS A 1 12 ? -4.112  0.124  -0.440 1.00 0.00 ? 12 CYS A SG   1  
ATOM   165  H H    . CYS A 1 12 ? -3.062  3.480  -1.041 1.00 0.00 ? 12 CYS A H    1  
ATOM   166  H HA   . CYS A 1 12 ? -3.548  2.023  -2.773 1.00 0.00 ? 12 CYS A HA   1  
ATOM   167  H HB2  . CYS A 1 12 ? -5.965  1.480  -0.998 1.00 0.00 ? 12 CYS A HB2  1  
ATOM   168  H HB3  . CYS A 1 12 ? -5.477  0.481  -2.332 1.00 0.00 ? 12 CYS A HB3  1  
HETATM 169  N N    . NH2 A 1 13 ? -6.683  2.947  -3.094 1.00 0.00 ? 13 NH2 A N    1  
HETATM 170  H HN1  . NH2 A 1 13 ? -7.046  2.527  -2.287 1.00 0.00 ? 13 NH2 A HN1  1  
HETATM 171  H HN2  . NH2 A 1 13 ? -7.289  3.343  -3.754 1.00 0.00 ? 13 NH2 A HN2  1  
ATOM   172  N N    . GLY A 1 1  ? -0.727  -5.902 -4.647 1.00 0.00 ? 1  GLY A N    2  
ATOM   173  C CA   . GLY A 1 1  ? -0.726  -4.421 -4.815 1.00 0.00 ? 1  GLY A CA   2  
ATOM   174  C C    . GLY A 1 1  ? 0.391   -3.784 -3.989 1.00 0.00 ? 1  GLY A C    2  
ATOM   175  O O    . GLY A 1 1  ? 1.032   -4.436 -3.186 1.00 0.00 ? 1  GLY A O    2  
ATOM   176  H H1   . GLY A 1 1  ? 0.192   -6.283 -4.944 1.00 0.00 ? 1  GLY A H1   2  
ATOM   177  H H2   . GLY A 1 1  ? -0.894  -6.136 -3.647 1.00 0.00 ? 1  GLY A H2   2  
ATOM   178  H H3   . GLY A 1 1  ? -1.481  -6.317 -5.231 1.00 0.00 ? 1  GLY A H3   2  
ATOM   179  H HA2  . GLY A 1 1  ? -0.575  -4.177 -5.856 1.00 0.00 ? 1  GLY A HA2  2  
ATOM   180  H HA3  . GLY A 1 1  ? -1.678  -4.029 -4.491 1.00 0.00 ? 1  GLY A HA3  2  
ATOM   181  N N    . CYS A 1 2  ? 0.581   -2.509 -4.217 1.00 0.00 ? 2  CYS A N    2  
ATOM   182  C CA   . CYS A 1 2  ? 1.630   -1.738 -3.495 1.00 0.00 ? 2  CYS A CA   2  
ATOM   183  C C    . CYS A 1 2  ? 1.055   -1.496 -2.109 1.00 0.00 ? 2  CYS A C    2  
ATOM   184  O O    . CYS A 1 2  ? 1.482   -2.131 -1.164 1.00 0.00 ? 2  CYS A O    2  
ATOM   185  C CB   . CYS A 1 2  ? 1.877   -0.434 -4.298 1.00 0.00 ? 2  CYS A CB   2  
ATOM   186  S SG   . CYS A 1 2  ? 3.126   0.747  -3.732 1.00 0.00 ? 2  CYS A SG   2  
ATOM   187  H H    . CYS A 1 2  ? 0.021   -2.039 -4.872 1.00 0.00 ? 2  CYS A H    2  
ATOM   188  H HA   . CYS A 1 2  ? 2.536   -2.314 -3.385 1.00 0.00 ? 2  CYS A HA   2  
ATOM   189  H HB2  . CYS A 1 2  ? 2.169   -0.732 -5.296 1.00 0.00 ? 2  CYS A HB2  2  
ATOM   190  H HB3  . CYS A 1 2  ? 0.941   0.094  -4.396 1.00 0.00 ? 2  CYS A HB3  2  
ATOM   191  N N    . CYS A 1 3  ? 0.099   -0.606 -2.035 1.00 0.00 ? 3  CYS A N    2  
ATOM   192  C CA   . CYS A 1 3  ? -0.544  -0.284 -0.718 1.00 0.00 ? 3  CYS A CA   2  
ATOM   193  C C    . CYS A 1 3  ? -1.305  -1.485 -0.151 1.00 0.00 ? 3  CYS A C    2  
ATOM   194  O O    . CYS A 1 3  ? -1.692  -1.458 1.002  1.00 0.00 ? 3  CYS A O    2  
ATOM   195  C CB   . CYS A 1 3  ? -1.479  0.908  -0.919 1.00 0.00 ? 3  CYS A CB   2  
ATOM   196  S SG   . CYS A 1 3  ? -2.891  1.102  0.197  1.00 0.00 ? 3  CYS A SG   2  
ATOM   197  H H    . CYS A 1 3  ? -0.189  -0.163 -2.862 1.00 0.00 ? 3  CYS A H    2  
ATOM   198  H HA   . CYS A 1 3  ? 0.222   -0.010 -0.011 1.00 0.00 ? 3  CYS A HA   2  
ATOM   199  H HB2  . CYS A 1 3  ? -0.885  1.799  -0.809 1.00 0.00 ? 3  CYS A HB2  2  
ATOM   200  H HB3  . CYS A 1 3  ? -1.820  0.886  -1.934 1.00 0.00 ? 3  CYS A HB3  2  
ATOM   201  N N    . SER A 1 4  ? -1.501  -2.500 -0.968 1.00 0.00 ? 4  SER A N    2  
ATOM   202  C CA   . SER A 1 4  ? -2.229  -3.734 -0.506 1.00 0.00 ? 4  SER A CA   2  
ATOM   203  C C    . SER A 1 4  ? -1.466  -4.227 0.740  1.00 0.00 ? 4  SER A C    2  
ATOM   204  O O    . SER A 1 4  ? -2.020  -4.812 1.651  1.00 0.00 ? 4  SER A O    2  
ATOM   205  C CB   . SER A 1 4  ? -2.185  -4.786 -1.624 1.00 0.00 ? 4  SER A CB   2  
ATOM   206  O OG   . SER A 1 4  ? -2.881  -5.904 -1.092 1.00 0.00 ? 4  SER A OG   2  
ATOM   207  H H    . SER A 1 4  ? -1.170  -2.453 -1.889 1.00 0.00 ? 4  SER A H    2  
ATOM   208  H HA   . SER A 1 4  ? -3.243  -3.476 -0.237 1.00 0.00 ? 4  SER A HA   2  
ATOM   209  H HB2  . SER A 1 4  ? -2.696  -4.438 -2.510 1.00 0.00 ? 4  SER A HB2  2  
ATOM   210  H HB3  . SER A 1 4  ? -1.173  -5.073 -1.866 1.00 0.00 ? 4  SER A HB3  2  
ATOM   211  H HG   . SER A 1 4  ? -3.748  -5.608 -0.806 1.00 0.00 ? 4  SER A HG   2  
ATOM   212  N N    . ASP A 1 5  ? -0.191  -3.941 0.686  1.00 0.00 ? 5  ASP A N    2  
ATOM   213  C CA   . ASP A 1 5  ? 0.788   -4.282 1.749  1.00 0.00 ? 5  ASP A CA   2  
ATOM   214  C C    . ASP A 1 5  ? 1.180   -2.877 2.248  1.00 0.00 ? 5  ASP A C    2  
ATOM   215  O O    . ASP A 1 5  ? 1.550   -2.053 1.435  1.00 0.00 ? 5  ASP A O    2  
ATOM   216  C CB   . ASP A 1 5  ? 1.999   -4.987 1.135  1.00 0.00 ? 5  ASP A CB   2  
ATOM   217  C CG   . ASP A 1 5  ? 1.553   -6.258 0.396  1.00 0.00 ? 5  ASP A CG   2  
ATOM   218  O OD1  . ASP A 1 5  ? 1.062   -6.099 -0.711 1.00 0.00 ? 5  ASP A OD1  2  
ATOM   219  O OD2  . ASP A 1 5  ? 1.729   -7.315 0.979  1.00 0.00 ? 5  ASP A OD2  2  
ATOM   220  H H    . ASP A 1 5  ? 0.145   -3.475 -0.108 1.00 0.00 ? 5  ASP A H    2  
ATOM   221  H HA   . ASP A 1 5  ? 0.318   -4.865 2.525  1.00 0.00 ? 5  ASP A HA   2  
ATOM   222  H HB2  . ASP A 1 5  ? 2.490   -4.330 0.430  1.00 0.00 ? 5  ASP A HB2  2  
ATOM   223  H HB3  . ASP A 1 5  ? 2.703   -5.248 1.912  1.00 0.00 ? 5  ASP A HB3  2  
ATOM   224  N N    . PRO A 1 6  ? 1.102   -2.600 3.530  1.00 0.00 ? 6  PRO A N    2  
ATOM   225  C CA   . PRO A 1 6  ? 1.300   -1.209 4.037  1.00 0.00 ? 6  PRO A CA   2  
ATOM   226  C C    . PRO A 1 6  ? 2.724   -0.686 3.812  1.00 0.00 ? 6  PRO A C    2  
ATOM   227  O O    . PRO A 1 6  ? 3.027   0.426  4.198  1.00 0.00 ? 6  PRO A O    2  
ATOM   228  C CB   . PRO A 1 6  ? 0.921   -1.264 5.521  1.00 0.00 ? 6  PRO A CB   2  
ATOM   229  C CG   . PRO A 1 6  ? 0.845   -2.754 5.911  1.00 0.00 ? 6  PRO A CG   2  
ATOM   230  C CD   . PRO A 1 6  ? 0.820   -3.584 4.616  1.00 0.00 ? 6  PRO A CD   2  
ATOM   231  H HA   . PRO A 1 6  ? 0.647   -0.554 3.466  1.00 0.00 ? 6  PRO A HA   2  
ATOM   232  H HB2  . PRO A 1 6  ? 1.654   -0.757 6.132  1.00 0.00 ? 6  PRO A HB2  2  
ATOM   233  H HB3  . PRO A 1 6  ? -0.040  -0.795 5.670  1.00 0.00 ? 6  PRO A HB3  2  
ATOM   234  H HG2  . PRO A 1 6  ? 1.706   -3.024 6.505  1.00 0.00 ? 6  PRO A HG2  2  
ATOM   235  H HG3  . PRO A 1 6  ? -0.049  -2.940 6.488  1.00 0.00 ? 6  PRO A HG3  2  
ATOM   236  H HD2  . PRO A 1 6  ? 1.584   -4.349 4.619  1.00 0.00 ? 6  PRO A HD2  2  
ATOM   237  H HD3  . PRO A 1 6  ? -0.153  -4.027 4.461  1.00 0.00 ? 6  PRO A HD3  2  
ATOM   238  N N    . ARG A 1 7  ? 3.557   -1.496 3.201  1.00 0.00 ? 7  ARG A N    2  
ATOM   239  C CA   . ARG A 1 7  ? 4.967   -1.081 2.919  1.00 0.00 ? 7  ARG A CA   2  
ATOM   240  C C    . ARG A 1 7  ? 4.867   0.210  2.076  1.00 0.00 ? 7  ARG A C    2  
ATOM   241  O O    . ARG A 1 7  ? 5.711   1.085  2.128  1.00 0.00 ? 7  ARG A O    2  
ATOM   242  C CB   . ARG A 1 7  ? 5.666   -2.227 2.140  1.00 0.00 ? 7  ARG A CB   2  
ATOM   243  C CG   . ARG A 1 7  ? 5.043   -2.412 0.724  1.00 0.00 ? 7  ARG A CG   2  
ATOM   244  C CD   . ARG A 1 7  ? 5.633   -3.645 0.008  1.00 0.00 ? 7  ARG A CD   2  
ATOM   245  N NE   . ARG A 1 7  ? 5.060   -4.889 0.613  1.00 0.00 ? 7  ARG A NE   2  
ATOM   246  C CZ   . ARG A 1 7  ? 5.663   -5.574 1.555  1.00 0.00 ? 7  ARG A CZ   2  
ATOM   247  N NH1  . ARG A 1 7  ? 6.823   -5.199 2.028  1.00 0.00 ? 7  ARG A NH1  2  
ATOM   248  N NH2  . ARG A 1 7  ? 5.061   -6.642 2.001  1.00 0.00 ? 7  ARG A NH2  2  
ATOM   249  H H    . ARG A 1 7  ? 3.258   -2.387 2.923  1.00 0.00 ? 7  ARG A H    2  
ATOM   250  H HA   . ARG A 1 7  ? 5.474   -0.870 3.851  1.00 0.00 ? 7  ARG A HA   2  
ATOM   251  H HB2  . ARG A 1 7  ? 6.719   -2.007 2.046  1.00 0.00 ? 7  ARG A HB2  2  
ATOM   252  H HB3  . ARG A 1 7  ? 5.557   -3.138 2.710  1.00 0.00 ? 7  ARG A HB3  2  
ATOM   253  H HG2  . ARG A 1 7  ? 3.972   -2.525 0.804  1.00 0.00 ? 7  ARG A HG2  2  
ATOM   254  H HG3  . ARG A 1 7  ? 5.248   -1.538 0.122  1.00 0.00 ? 7  ARG A HG3  2  
ATOM   255  H HD2  . ARG A 1 7  ? 5.358   -3.619 -1.037 1.00 0.00 ? 7  ARG A HD2  2  
ATOM   256  H HD3  . ARG A 1 7  ? 6.711   -3.659 0.078  1.00 0.00 ? 7  ARG A HD3  2  
ATOM   257  H HE   . ARG A 1 7  ? 4.193   -5.211 0.291  1.00 0.00 ? 7  ARG A HE   2  
ATOM   258  H HH11 . ARG A 1 7  ? 7.269   -4.377 1.678  1.00 0.00 ? 7  ARG A HH11 2  
ATOM   259  H HH12 . ARG A 1 7  ? 7.262   -5.738 2.745  1.00 0.00 ? 7  ARG A HH12 2  
ATOM   260  H HH21 . ARG A 1 7  ? 4.173   -6.909 1.624  1.00 0.00 ? 7  ARG A HH21 2  
ATOM   261  H HH22 . ARG A 1 7  ? 5.487   -7.193 2.718  1.00 0.00 ? 7  ARG A HH22 2  
ATOM   262  N N    . CYS A 1 8  ? 3.796   0.242  1.323  1.00 0.00 ? 8  CYS A N    2  
ATOM   263  C CA   . CYS A 1 8  ? 3.426   1.350  0.413  1.00 0.00 ? 8  CYS A CA   2  
ATOM   264  C C    . CYS A 1 8  ? 2.509   2.336  1.163  1.00 0.00 ? 8  CYS A C    2  
ATOM   265  O O    . CYS A 1 8  ? 2.834   3.494  1.333  1.00 0.00 ? 8  CYS A O    2  
ATOM   266  C CB   . CYS A 1 8  ? 2.764   0.654  -0.735 1.00 0.00 ? 8  CYS A CB   2  
ATOM   267  S SG   . CYS A 1 8  ? 3.829   -0.050 -2.017 1.00 0.00 ? 8  CYS A SG   2  
ATOM   268  H H    . CYS A 1 8  ? 3.160   -0.512 1.325  1.00 0.00 ? 8  CYS A H    2  
ATOM   269  H HA   . CYS A 1 8  ? 4.318   1.863  0.084  1.00 0.00 ? 8  CYS A HA   2  
ATOM   270  H HB2  . CYS A 1 8  ? 2.271   -0.191 -0.289 1.00 0.00 ? 8  CYS A HB2  2  
ATOM   271  H HB3  . CYS A 1 8  ? 1.971   1.241  -1.143 1.00 0.00 ? 8  CYS A HB3  2  
ATOM   272  N N    . ALA A 1 9  ? 1.384   1.811  1.580  1.00 0.00 ? 9  ALA A N    2  
ATOM   273  C CA   . ALA A 1 9  ? 0.341   2.580  2.335  1.00 0.00 ? 9  ALA A CA   2  
ATOM   274  C C    . ALA A 1 9  ? -0.070  3.957  1.759  1.00 0.00 ? 9  ALA A C    2  
ATOM   275  O O    . ALA A 1 9  ? -0.318  4.885  2.508  1.00 0.00 ? 9  ALA A O    2  
ATOM   276  C CB   . ALA A 1 9  ? 0.851   2.745  3.788  1.00 0.00 ? 9  ALA A CB   2  
ATOM   277  H H    . ALA A 1 9  ? 1.219   0.863  1.388  1.00 0.00 ? 9  ALA A H    2  
ATOM   278  H HA   . ALA A 1 9  ? -0.548  1.967  2.365  1.00 0.00 ? 9  ALA A HA   2  
ATOM   279  H HB1  . ALA A 1 9  ? 1.791   3.277  3.801  1.00 0.00 ? 9  ALA A HB1  2  
ATOM   280  H HB2  . ALA A 1 9  ? 0.133   3.292  4.380  1.00 0.00 ? 9  ALA A HB2  2  
ATOM   281  H HB3  . ALA A 1 9  ? 0.991   1.775  4.240  1.00 0.00 ? 9  ALA A HB3  2  
ATOM   282  N N    . TRP A 1 10 ? -0.139  4.068  0.452  1.00 0.00 ? 10 TRP A N    2  
ATOM   283  C CA   . TRP A 1 10 ? -0.538  5.376  -0.178 1.00 0.00 ? 10 TRP A CA   2  
ATOM   284  C C    . TRP A 1 10 ? -2.065  5.420  -0.359 1.00 0.00 ? 10 TRP A C    2  
ATOM   285  O O    . TRP A 1 10 ? -2.583  5.872  -1.361 1.00 0.00 ? 10 TRP A O    2  
ATOM   286  C CB   . TRP A 1 10 ? 0.172   5.546  -1.563 1.00 0.00 ? 10 TRP A CB   2  
ATOM   287  C CG   . TRP A 1 10 ? 0.052   4.266  -2.389 1.00 0.00 ? 10 TRP A CG   2  
ATOM   288  C CD1  . TRP A 1 10 ? 0.867   3.209  -2.177 1.00 0.00 ? 10 TRP A CD1  2  
ATOM   289  C CD2  . TRP A 1 10 ? -0.820  3.962  -3.394 1.00 0.00 ? 10 TRP A CD2  2  
ATOM   290  N NE1  . TRP A 1 10 ? 0.471   2.311  -3.043 1.00 0.00 ? 10 TRP A NE1  2  
ATOM   291  C CE2  . TRP A 1 10 ? -0.531  2.662  -3.819 1.00 0.00 ? 10 TRP A CE2  2  
ATOM   292  C CE3  . TRP A 1 10 ? -1.852  4.670  -4.013 1.00 0.00 ? 10 TRP A CE3  2  
ATOM   293  C CZ2  . TRP A 1 10 ? -1.265  2.076  -4.847 1.00 0.00 ? 10 TRP A CZ2  2  
ATOM   294  C CZ3  . TRP A 1 10 ? -2.585  4.082  -5.042 1.00 0.00 ? 10 TRP A CZ3  2  
ATOM   295  C CH2  . TRP A 1 10 ? -2.292  2.788  -5.457 1.00 0.00 ? 10 TRP A CH2  2  
ATOM   296  H H    . TRP A 1 10 ? 0.072   3.293  -0.107 1.00 0.00 ? 10 TRP A H    2  
ATOM   297  H HA   . TRP A 1 10 ? -0.239  6.178  0.470  1.00 0.00 ? 10 TRP A HA   2  
ATOM   298  H HB2  . TRP A 1 10 ? -0.259  6.366  -2.119 1.00 0.00 ? 10 TRP A HB2  2  
ATOM   299  H HB3  . TRP A 1 10 ? 1.220   5.757  -1.406 1.00 0.00 ? 10 TRP A HB3  2  
ATOM   300  H HD1  . TRP A 1 10 ? 1.659   3.159  -1.448 1.00 0.00 ? 10 TRP A HD1  2  
ATOM   301  H HE1  . TRP A 1 10 ? 0.896   1.432  -3.107 1.00 0.00 ? 10 TRP A HE1  2  
ATOM   302  H HE3  . TRP A 1 10 ? -2.084  5.675  -3.700 1.00 0.00 ? 10 TRP A HE3  2  
ATOM   303  H HZ2  . TRP A 1 10 ? -1.038  1.071  -5.169 1.00 0.00 ? 10 TRP A HZ2  2  
ATOM   304  H HZ3  . TRP A 1 10 ? -3.382  4.634  -5.518 1.00 0.00 ? 10 TRP A HZ3  2  
ATOM   305  H HH2  . TRP A 1 10 ? -2.864  2.334  -6.254 1.00 0.00 ? 10 TRP A HH2  2  
ATOM   306  N N    . ARG A 1 11 ? -2.738  4.935  0.657  1.00 0.00 ? 11 ARG A N    2  
ATOM   307  C CA   . ARG A 1 11 ? -4.237  4.880  0.689  1.00 0.00 ? 11 ARG A CA   2  
ATOM   308  C C    . ARG A 1 11 ? -4.823  4.060  -0.477 1.00 0.00 ? 11 ARG A C    2  
ATOM   309  O O    . ARG A 1 11 ? -6.019  4.086  -0.698 1.00 0.00 ? 11 ARG A O    2  
ATOM   310  C CB   . ARG A 1 11 ? -4.804  6.329  0.647  1.00 0.00 ? 11 ARG A CB   2  
ATOM   311  C CG   . ARG A 1 11 ? -4.268  7.135  1.853  1.00 0.00 ? 11 ARG A CG   2  
ATOM   312  C CD   . ARG A 1 11 ? -4.831  8.573  1.815  1.00 0.00 ? 11 ARG A CD   2  
ATOM   313  N NE   . ARG A 1 11 ? -6.326  8.520  1.899  1.00 0.00 ? 11 ARG A NE   2  
ATOM   314  C CZ   . ARG A 1 11 ? -6.952  8.326  3.034  1.00 0.00 ? 11 ARG A CZ   2  
ATOM   315  N NH1  . ARG A 1 11 ? -6.284  8.168  4.147  1.00 0.00 ? 11 ARG A NH1  2  
ATOM   316  N NH2  . ARG A 1 11 ? -8.256  8.295  3.018  1.00 0.00 ? 11 ARG A NH2  2  
ATOM   317  H H    . ARG A 1 11 ? -2.237  4.597  1.427  1.00 0.00 ? 11 ARG A H    2  
ATOM   318  H HA   . ARG A 1 11 ? -4.534  4.405  1.613  1.00 0.00 ? 11 ARG A HA   2  
ATOM   319  H HB2  . ARG A 1 11 ? -4.529  6.819  -0.275 1.00 0.00 ? 11 ARG A HB2  2  
ATOM   320  H HB3  . ARG A 1 11 ? -5.882  6.287  0.699  1.00 0.00 ? 11 ARG A HB3  2  
ATOM   321  H HG2  . ARG A 1 11 ? -4.560  6.653  2.775  1.00 0.00 ? 11 ARG A HG2  2  
ATOM   322  H HG3  . ARG A 1 11 ? -3.190  7.180  1.817  1.00 0.00 ? 11 ARG A HG3  2  
ATOM   323  H HD2  . ARG A 1 11 ? -4.445  9.155  2.637  1.00 0.00 ? 11 ARG A HD2  2  
ATOM   324  H HD3  . ARG A 1 11 ? -4.556  9.055  0.887  1.00 0.00 ? 11 ARG A HD3  2  
ATOM   325  H HE   . ARG A 1 11 ? -6.854  8.635  1.081  1.00 0.00 ? 11 ARG A HE   2  
ATOM   326  H HH11 . ARG A 1 11 ? -5.284  8.195  4.141  1.00 0.00 ? 11 ARG A HH11 2  
ATOM   327  H HH12 . ARG A 1 11 ? -6.774  8.022  5.005  1.00 0.00 ? 11 ARG A HH12 2  
ATOM   328  H HH21 . ARG A 1 11 ? -8.746  8.417  2.155  1.00 0.00 ? 11 ARG A HH21 2  
ATOM   329  H HH22 . ARG A 1 11 ? -8.762  8.148  3.866  1.00 0.00 ? 11 ARG A HH22 2  
ATOM   330  N N    . CYS A 1 12 ? -3.965  3.359  -1.183 1.00 0.00 ? 12 CYS A N    2  
ATOM   331  C CA   . CYS A 1 12 ? -4.386  2.513  -2.348 1.00 0.00 ? 12 CYS A CA   2  
ATOM   332  C C    . CYS A 1 12 ? -5.207  3.309  -3.382 1.00 0.00 ? 12 CYS A C    2  
ATOM   333  O O    . CYS A 1 12 ? -5.934  2.761  -4.188 1.00 0.00 ? 12 CYS A O    2  
ATOM   334  C CB   . CYS A 1 12 ? -5.207  1.314  -1.801 1.00 0.00 ? 12 CYS A CB   2  
ATOM   335  S SG   . CYS A 1 12 ? -4.358  0.095  -0.763 1.00 0.00 ? 12 CYS A SG   2  
ATOM   336  H H    . CYS A 1 12 ? -3.015  3.387  -0.943 1.00 0.00 ? 12 CYS A H    2  
ATOM   337  H HA   . CYS A 1 12 ? -3.496  2.143  -2.836 1.00 0.00 ? 12 CYS A HA   2  
ATOM   338  H HB2  . CYS A 1 12 ? -6.048  1.687  -1.237 1.00 0.00 ? 12 CYS A HB2  2  
ATOM   339  H HB3  . CYS A 1 12 ? -5.607  0.770  -2.645 1.00 0.00 ? 12 CYS A HB3  2  
HETATM 340  N N    . NH2 A 1 13 ? -5.115  4.611  -3.394 1.00 0.00 ? 13 NH2 A N    2  
HETATM 341  H HN1  . NH2 A 1 13 ? -4.532  5.066  -2.750 1.00 0.00 ? 13 NH2 A HN1  2  
HETATM 342  H HN2  . NH2 A 1 13 ? -5.629  5.132  -4.045 1.00 0.00 ? 13 NH2 A HN2  2  
ATOM   343  N N    . GLY A 1 1  ? -1.245  -5.535 -4.680 1.00 0.00 ? 1  GLY A N    3  
ATOM   344  C CA   . GLY A 1 1  ? -0.739  -4.172 -5.013 1.00 0.00 ? 1  GLY A CA   3  
ATOM   345  C C    . GLY A 1 1  ? 0.341   -3.730 -4.020 1.00 0.00 ? 1  GLY A C    3  
ATOM   346  O O    . GLY A 1 1  ? 0.691   -4.459 -3.110 1.00 0.00 ? 1  GLY A O    3  
ATOM   347  H H1   . GLY A 1 1  ? -1.069  -5.735 -3.676 1.00 0.00 ? 1  GLY A H1   3  
ATOM   348  H H2   . GLY A 1 1  ? -2.266  -5.580 -4.869 1.00 0.00 ? 1  GLY A H2   3  
ATOM   349  H H3   . GLY A 1 1  ? -0.752  -6.239 -5.266 1.00 0.00 ? 1  GLY A H3   3  
ATOM   350  H HA2  . GLY A 1 1  ? -0.320  -4.186 -6.010 1.00 0.00 ? 1  GLY A HA2  3  
ATOM   351  H HA3  . GLY A 1 1  ? -1.562  -3.473 -4.977 1.00 0.00 ? 1  GLY A HA3  3  
ATOM   352  N N    . CYS A 1 2  ? 0.838   -2.536 -4.228 1.00 0.00 ? 2  CYS A N    3  
ATOM   353  C CA   . CYS A 1 2  ? 1.897   -1.989 -3.327 1.00 0.00 ? 2  CYS A CA   3  
ATOM   354  C C    . CYS A 1 2  ? 1.234   -1.623 -2.000 1.00 0.00 ? 2  CYS A C    3  
ATOM   355  O O    . CYS A 1 2  ? 1.592   -2.181 -0.981 1.00 0.00 ? 2  CYS A O    3  
ATOM   356  C CB   . CYS A 1 2  ? 2.529   -0.766 -4.022 1.00 0.00 ? 2  CYS A CB   3  
ATOM   357  S SG   . CYS A 1 2  ? 4.033   -0.089 -3.276 1.00 0.00 ? 2  CYS A SG   3  
ATOM   358  H H    . CYS A 1 2  ? 0.513   -1.996 -4.979 1.00 0.00 ? 2  CYS A H    3  
ATOM   359  H HA   . CYS A 1 2  ? 2.645   -2.737 -3.135 1.00 0.00 ? 2  CYS A HA   3  
ATOM   360  H HB2  . CYS A 1 2  ? 2.767   -1.042 -5.038 1.00 0.00 ? 2  CYS A HB2  3  
ATOM   361  H HB3  . CYS A 1 2  ? 1.798   0.028  -4.070 1.00 0.00 ? 2  CYS A HB3  3  
ATOM   362  N N    . CYS A 1 3  ? 0.293   -0.712 -2.045 1.00 0.00 ? 3  CYS A N    3  
ATOM   363  C CA   . CYS A 1 3  ? -0.417  -0.296 -0.789 1.00 0.00 ? 3  CYS A CA   3  
ATOM   364  C C    . CYS A 1 3  ? -1.257  -1.443 -0.220 1.00 0.00 ? 3  CYS A C    3  
ATOM   365  O O    . CYS A 1 3  ? -1.691  -1.360 0.914  1.00 0.00 ? 3  CYS A O    3  
ATOM   366  C CB   . CYS A 1 3  ? -1.328  0.914  -1.074 1.00 0.00 ? 3  CYS A CB   3  
ATOM   367  S SG   . CYS A 1 3  ? -2.690  1.229  0.077  1.00 0.00 ? 3  CYS A SG   3  
ATOM   368  H H    . CYS A 1 3  ? 0.068   -0.312 -2.912 1.00 0.00 ? 3  CYS A H    3  
ATOM   369  H HA   . CYS A 1 3  ? 0.316   -0.029 -0.046 1.00 0.00 ? 3  CYS A HA   3  
ATOM   370  H HB2  . CYS A 1 3  ? -0.702  1.787  -1.021 1.00 0.00 ? 3  CYS A HB2  3  
ATOM   371  H HB3  . CYS A 1 3  ? -1.720  0.869  -2.074 1.00 0.00 ? 3  CYS A HB3  3  
ATOM   372  N N    . SER A 1 4  ? -1.463  -2.477 -1.007 1.00 0.00 ? 4  SER A N    3  
ATOM   373  C CA   . SER A 1 4  ? -2.265  -3.657 -0.532 1.00 0.00 ? 4  SER A CA   3  
ATOM   374  C C    . SER A 1 4  ? -1.580  -4.157 0.760  1.00 0.00 ? 4  SER A C    3  
ATOM   375  O O    . SER A 1 4  ? -2.192  -4.746 1.628  1.00 0.00 ? 4  SER A O    3  
ATOM   376  C CB   . SER A 1 4  ? -2.243  -4.747 -1.611 1.00 0.00 ? 4  SER A CB   3  
ATOM   377  O OG   . SER A 1 4  ? -3.062  -5.781 -1.087 1.00 0.00 ? 4  SER A OG   3  
ATOM   378  H H    . SER A 1 4  ? -1.090  -2.480 -1.913 1.00 0.00 ? 4  SER A H    3  
ATOM   379  H HA   . SER A 1 4  ? -3.273  -3.337 -0.308 1.00 0.00 ? 4  SER A HA   3  
ATOM   380  H HB2  . SER A 1 4  ? -2.660  -4.393 -2.542 1.00 0.00 ? 4  SER A HB2  3  
ATOM   381  H HB3  . SER A 1 4  ? -1.247  -5.130 -1.770 1.00 0.00 ? 4  SER A HB3  3  
ATOM   382  H HG   . SER A 1 4  ? -2.608  -6.165 -0.332 1.00 0.00 ? 4  SER A HG   3  
ATOM   383  N N    . ASP A 1 5  ? -0.304  -3.873 0.793  1.00 0.00 ? 5  ASP A N    3  
ATOM   384  C CA   . ASP A 1 5  ? 0.603   -4.223 1.918  1.00 0.00 ? 5  ASP A CA   3  
ATOM   385  C C    . ASP A 1 5  ? 1.063   -2.836 2.420  1.00 0.00 ? 5  ASP A C    3  
ATOM   386  O O    . ASP A 1 5  ? 1.276   -1.955 1.609  1.00 0.00 ? 5  ASP A O    3  
ATOM   387  C CB   . ASP A 1 5  ? 1.790   -5.019 1.381  1.00 0.00 ? 5  ASP A CB   3  
ATOM   388  C CG   . ASP A 1 5  ? 1.285   -6.237 0.590  1.00 0.00 ? 5  ASP A CG   3  
ATOM   389  O OD1  . ASP A 1 5  ? 1.033   -6.045 -0.590 1.00 0.00 ? 5  ASP A OD1  3  
ATOM   390  O OD2  . ASP A 1 5  ? 1.182   -7.285 1.205  1.00 0.00 ? 5  ASP A OD2  3  
ATOM   391  H H    . ASP A 1 5  ? 0.087   -3.401 0.029  1.00 0.00 ? 5  ASP A H    3  
ATOM   392  H HA   . ASP A 1 5  ? 0.061   -4.754 2.683  1.00 0.00 ? 5  ASP A HA   3  
ATOM   393  H HB2  . ASP A 1 5  ? 2.380   -4.398 0.724  1.00 0.00 ? 5  ASP A HB2  3  
ATOM   394  H HB3  . ASP A 1 5  ? 2.416   -5.354 2.197  1.00 0.00 ? 5  ASP A HB3  3  
ATOM   395  N N    . PRO A 1 6  ? 1.215   -2.639 3.709  1.00 0.00 ? 6  PRO A N    3  
ATOM   396  C CA   . PRO A 1 6  ? 1.514   -1.283 4.258  1.00 0.00 ? 6  PRO A CA   3  
ATOM   397  C C    . PRO A 1 6  ? 2.905   -0.769 3.863  1.00 0.00 ? 6  PRO A C    3  
ATOM   398  O O    . PRO A 1 6  ? 3.274   0.330  4.231  1.00 0.00 ? 6  PRO A O    3  
ATOM   399  C CB   . PRO A 1 6  ? 1.346   -1.418 5.773  1.00 0.00 ? 6  PRO A CB   3  
ATOM   400  C CG   . PRO A 1 6  ? 1.329   -2.928 6.088  1.00 0.00 ? 6  PRO A CG   3  
ATOM   401  C CD   . PRO A 1 6  ? 1.113   -3.688 4.765  1.00 0.00 ? 6  PRO A CD   3  
ATOM   402  H HA   . PRO A 1 6  ? 0.803   -0.591 3.823  1.00 0.00 ? 6  PRO A HA   3  
ATOM   403  H HB2  . PRO A 1 6  ? 2.157   -0.938 6.303  1.00 0.00 ? 6  PRO A HB2  3  
ATOM   404  H HB3  . PRO A 1 6  ? 0.414   -0.967 6.081  1.00 0.00 ? 6  PRO A HB3  3  
ATOM   405  H HG2  . PRO A 1 6  ? 2.269   -3.223 6.534  1.00 0.00 ? 6  PRO A HG2  3  
ATOM   406  H HG3  . PRO A 1 6  ? 0.530   -3.154 6.779  1.00 0.00 ? 6  PRO A HG3  3  
ATOM   407  H HD2  . PRO A 1 6  ? 1.876   -4.437 4.608  1.00 0.00 ? 6  PRO A HD2  3  
ATOM   408  H HD3  . PRO A 1 6  ? 0.133   -4.139 4.739  1.00 0.00 ? 6  PRO A HD3  3  
ATOM   409  N N    . ARG A 1 7  ? 3.632   -1.576 3.129  1.00 0.00 ? 7  ARG A N    3  
ATOM   410  C CA   . ARG A 1 7  ? 5.005   -1.188 2.672  1.00 0.00 ? 7  ARG A CA   3  
ATOM   411  C C    . ARG A 1 7  ? 4.906   0.145  1.904  1.00 0.00 ? 7  ARG A C    3  
ATOM   412  O O    . ARG A 1 7  ? 5.815   0.953  1.913  1.00 0.00 ? 7  ARG A O    3  
ATOM   413  C CB   . ARG A 1 7  ? 5.555   -2.313 1.757  1.00 0.00 ? 7  ARG A CB   3  
ATOM   414  C CG   . ARG A 1 7  ? 4.658   -2.480 0.495  1.00 0.00 ? 7  ARG A CG   3  
ATOM   415  C CD   . ARG A 1 7  ? 5.122   -3.675 -0.357 1.00 0.00 ? 7  ARG A CD   3  
ATOM   416  N NE   . ARG A 1 7  ? 4.940   -4.932 0.440  1.00 0.00 ? 7  ARG A NE   3  
ATOM   417  C CZ   . ARG A 1 7  ? 4.399   -6.018 -0.060 1.00 0.00 ? 7  ARG A CZ   3  
ATOM   418  N NH1  . ARG A 1 7  ? 3.983   -6.070 -1.298 1.00 0.00 ? 7  ARG A NH1  3  
ATOM   419  N NH2  . ARG A 1 7  ? 4.287   -7.052 0.726  1.00 0.00 ? 7  ARG A NH2  3  
ATOM   420  H H    . ARG A 1 7  ? 3.276   -2.451 2.872  1.00 0.00 ? 7  ARG A H    3  
ATOM   421  H HA   . ARG A 1 7  ? 5.640   -1.056 3.536  1.00 0.00 ? 7  ARG A HA   3  
ATOM   422  H HB2  . ARG A 1 7  ? 6.563   -2.068 1.454  1.00 0.00 ? 7  ARG A HB2  3  
ATOM   423  H HB3  . ARG A 1 7  ? 5.582   -3.236 2.315  1.00 0.00 ? 7  ARG A HB3  3  
ATOM   424  H HG2  . ARG A 1 7  ? 3.629   -2.624 0.788  1.00 0.00 ? 7  ARG A HG2  3  
ATOM   425  H HG3  . ARG A 1 7  ? 4.717   -1.590 -0.114 1.00 0.00 ? 7  ARG A HG3  3  
ATOM   426  H HD2  . ARG A 1 7  ? 4.532   -3.710 -1.261 1.00 0.00 ? 7  ARG A HD2  3  
ATOM   427  H HD3  . ARG A 1 7  ? 6.165   -3.575 -0.620 1.00 0.00 ? 7  ARG A HD3  3  
ATOM   428  H HE   . ARG A 1 7  ? 5.236   -4.945 1.373  1.00 0.00 ? 7  ARG A HE   3  
ATOM   429  H HH11 . ARG A 1 7  ? 4.072   -5.279 -1.901 1.00 0.00 ? 7  ARG A HH11 3  
ATOM   430  H HH12 . ARG A 1 7  ? 3.572   -6.914 -1.644 1.00 0.00 ? 7  ARG A HH12 3  
ATOM   431  H HH21 . ARG A 1 7  ? 4.609   -6.998 1.671  1.00 0.00 ? 7  ARG A HH21 3  
ATOM   432  H HH22 . ARG A 1 7  ? 3.877   -7.898 0.385  1.00 0.00 ? 7  ARG A HH22 3  
ATOM   433  N N    . CYS A 1 8  ? 3.772   0.302  1.267  1.00 0.00 ? 8  CYS A N    3  
ATOM   434  C CA   . CYS A 1 8  ? 3.449   1.513  0.459  1.00 0.00 ? 8  CYS A CA   3  
ATOM   435  C C    . CYS A 1 8  ? 2.510   2.427  1.267  1.00 0.00 ? 8  CYS A C    3  
ATOM   436  O O    . CYS A 1 8  ? 2.841   3.551  1.590  1.00 0.00 ? 8  CYS A O    3  
ATOM   437  C CB   . CYS A 1 8  ? 2.776   1.033  -0.808 1.00 0.00 ? 8  CYS A CB   3  
ATOM   438  S SG   . CYS A 1 8  ? 3.394   1.614  -2.404 1.00 0.00 ? 8  CYS A SG   3  
ATOM   439  H H    . CYS A 1 8  ? 3.095   -0.409 1.313  1.00 0.00 ? 8  CYS A H    3  
ATOM   440  H HA   . CYS A 1 8  ? 4.357   2.049  0.222  1.00 0.00 ? 8  CYS A HA   3  
ATOM   441  H HB2  . CYS A 1 8  ? 2.821   -0.044 -0.793 1.00 0.00 ? 8  CYS A HB2  3  
ATOM   442  H HB3  . CYS A 1 8  ? 1.730   1.283  -0.759 1.00 0.00 ? 8  CYS A HB3  3  
ATOM   443  N N    . ALA A 1 9  ? 1.356   1.873  1.553  1.00 0.00 ? 9  ALA A N    3  
ATOM   444  C CA   . ALA A 1 9  ? 0.277   2.559  2.326  1.00 0.00 ? 9  ALA A CA   3  
ATOM   445  C C    . ALA A 1 9  ? -0.163  3.932  1.767  1.00 0.00 ? 9  ALA A C    3  
ATOM   446  O O    . ALA A 1 9  ? -0.461  4.835  2.528  1.00 0.00 ? 9  ALA A O    3  
ATOM   447  C CB   . ALA A 1 9  ? 0.763   2.706  3.788  1.00 0.00 ? 9  ALA A CB   3  
ATOM   448  H H    . ALA A 1 9  ? 1.195   0.957  1.242  1.00 0.00 ? 9  ALA A H    3  
ATOM   449  H HA   . ALA A 1 9  ? -0.587  1.910  2.316  1.00 0.00 ? 9  ALA A HA   3  
ATOM   450  H HB1  . ALA A 1 9  ? 0.967   1.733  4.204  1.00 0.00 ? 9  ALA A HB1  3  
ATOM   451  H HB2  . ALA A 1 9  ? 1.664   3.302  3.829  1.00 0.00 ? 9  ALA A HB2  3  
ATOM   452  H HB3  . ALA A 1 9  ? 0.002   3.185  4.385  1.00 0.00 ? 9  ALA A HB3  3  
ATOM   453  N N    . TRP A 1 10 ? -0.195  4.066  0.462  1.00 0.00 ? 10 TRP A N    3  
ATOM   454  C CA   . TRP A 1 10 ? -0.618  5.376  -0.150 1.00 0.00 ? 10 TRP A CA   3  
ATOM   455  C C    . TRP A 1 10 ? -2.137  5.408  -0.370 1.00 0.00 ? 10 TRP A C    3  
ATOM   456  O O    . TRP A 1 10 ? -2.619  5.865  -1.387 1.00 0.00 ? 10 TRP A O    3  
ATOM   457  C CB   . TRP A 1 10 ? 0.121   5.600  -1.513 1.00 0.00 ? 10 TRP A CB   3  
ATOM   458  C CG   . TRP A 1 10 ? 0.029   4.361  -2.401 1.00 0.00 ? 10 TRP A CG   3  
ATOM   459  C CD1  . TRP A 1 10 ? 0.852   3.304  -2.226 1.00 0.00 ? 10 TRP A CD1  3  
ATOM   460  C CD2  . TRP A 1 10 ? -0.822  4.095  -3.438 1.00 0.00 ? 10 TRP A CD2  3  
ATOM   461  N NE1  . TRP A 1 10 ? 0.486   2.443  -3.143 1.00 0.00 ? 10 TRP A NE1  3  
ATOM   462  C CE2  . TRP A 1 10 ? -0.507  2.820  -3.919 1.00 0.00 ? 10 TRP A CE2  3  
ATOM   463  C CE3  . TRP A 1 10 ? -1.853  4.816  -4.044 1.00 0.00 ? 10 TRP A CE3  3  
ATOM   464  C CZ2  . TRP A 1 10 ? -1.214  2.274  -4.986 1.00 0.00 ? 10 TRP A CZ2  3  
ATOM   465  C CZ3  . TRP A 1 10 ? -2.558  4.269  -5.112 1.00 0.00 ? 10 TRP A CZ3  3  
ATOM   466  C CH2  . TRP A 1 10 ? -2.239  2.998  -5.582 1.00 0.00 ? 10 TRP A CH2  3  
ATOM   467  H H    . TRP A 1 10 ? 0.055   3.312  -0.109 1.00 0.00 ? 10 TRP A H    3  
ATOM   468  H HA   . TRP A 1 10 ? -0.343  6.164  0.518  1.00 0.00 ? 10 TRP A HA   3  
ATOM   469  H HB2  . TRP A 1 10 ? -0.299  6.443  -2.043 1.00 0.00 ? 10 TRP A HB2  3  
ATOM   470  H HB3  . TRP A 1 10 ? 1.165   5.808  -1.324 1.00 0.00 ? 10 TRP A HB3  3  
ATOM   471  H HD1  . TRP A 1 10 ? 1.626   3.232  -1.480 1.00 0.00 ? 10 TRP A HD1  3  
ATOM   472  H HE1  . TRP A 1 10 ? 0.923   1.573  -3.242 1.00 0.00 ? 10 TRP A HE1  3  
ATOM   473  H HE3  . TRP A 1 10 ? -2.105  5.804  -3.689 1.00 0.00 ? 10 TRP A HE3  3  
ATOM   474  H HZ2  . TRP A 1 10 ? -0.964  1.288  -5.349 1.00 0.00 ? 10 TRP A HZ2  3  
ATOM   475  H HZ3  . TRP A 1 10 ? -3.354  4.832  -5.576 1.00 0.00 ? 10 TRP A HZ3  3  
ATOM   476  H HH2  . TRP A 1 10 ? -2.789  2.577  -6.411 1.00 0.00 ? 10 TRP A HH2  3  
ATOM   477  N N    . ARG A 1 11 ? -2.842  4.912  0.620  1.00 0.00 ? 11 ARG A N    3  
ATOM   478  C CA   . ARG A 1 11 ? -4.344  4.839  0.624  1.00 0.00 ? 11 ARG A CA   3  
ATOM   479  C C    . ARG A 1 11 ? -4.880  3.949  -0.519 1.00 0.00 ? 11 ARG A C    3  
ATOM   480  O O    . ARG A 1 11 ? -6.078  3.843  -0.701 1.00 0.00 ? 11 ARG A O    3  
ATOM   481  C CB   . ARG A 1 11 ? -4.915  6.314  0.526  1.00 0.00 ? 11 ARG A CB   3  
ATOM   482  C CG   . ARG A 1 11 ? -5.428  6.709  -0.890 1.00 0.00 ? 11 ARG A CG   3  
ATOM   483  C CD   . ARG A 1 11 ? -5.620  8.232  -0.975 1.00 0.00 ? 11 ARG A CD   3  
ATOM   484  N NE   . ARG A 1 11 ? -6.046  8.576  -2.370 1.00 0.00 ? 11 ARG A NE   3  
ATOM   485  C CZ   . ARG A 1 11 ? -5.213  8.529  -3.381 1.00 0.00 ? 11 ARG A CZ   3  
ATOM   486  N NH1  . ARG A 1 11 ? -3.966  8.179  -3.206 1.00 0.00 ? 11 ARG A NH1  3  
ATOM   487  N NH2  . ARG A 1 11 ? -5.667  8.844  -4.563 1.00 0.00 ? 11 ARG A NH2  3  
ATOM   488  H H    . ARG A 1 11 ? -2.358  4.571  1.400  1.00 0.00 ? 11 ARG A H    3  
ATOM   489  H HA   . ARG A 1 11 ? -4.651  4.402  1.562  1.00 0.00 ? 11 ARG A HA   3  
ATOM   490  H HB2  . ARG A 1 11 ? -5.734  6.409  1.225  1.00 0.00 ? 11 ARG A HB2  3  
ATOM   491  H HB3  . ARG A 1 11 ? -4.146  7.010  0.831  1.00 0.00 ? 11 ARG A HB3  3  
ATOM   492  H HG2  . ARG A 1 11 ? -4.768  6.376  -1.670 1.00 0.00 ? 11 ARG A HG2  3  
ATOM   493  H HG3  . ARG A 1 11 ? -6.392  6.249  -1.054 1.00 0.00 ? 11 ARG A HG3  3  
ATOM   494  H HD2  . ARG A 1 11 ? -6.389  8.554  -0.290 1.00 0.00 ? 11 ARG A HD2  3  
ATOM   495  H HD3  . ARG A 1 11 ? -4.701  8.753  -0.747 1.00 0.00 ? 11 ARG A HD3  3  
ATOM   496  H HE   . ARG A 1 11 ? -6.975  8.842  -2.531 1.00 0.00 ? 11 ARG A HE   3  
ATOM   497  H HH11 . ARG A 1 11 ? -3.632  7.941  -2.293 1.00 0.00 ? 11 ARG A HH11 3  
ATOM   498  H HH12 . ARG A 1 11 ? -3.342  8.150  -3.987 1.00 0.00 ? 11 ARG A HH12 3  
ATOM   499  H HH21 . ARG A 1 11 ? -6.625  9.109  -4.675 1.00 0.00 ? 11 ARG A HH21 3  
ATOM   500  H HH22 . ARG A 1 11 ? -5.058  8.820  -5.355 1.00 0.00 ? 11 ARG A HH22 3  
ATOM   501  N N    . CYS A 1 12 ? -3.975  3.338  -1.249 1.00 0.00 ? 12 CYS A N    3  
ATOM   502  C CA   . CYS A 1 12 ? -4.337  2.441  -2.397 1.00 0.00 ? 12 CYS A CA   3  
ATOM   503  C C    . CYS A 1 12 ? -5.211  3.176  -3.433 1.00 0.00 ? 12 CYS A C    3  
ATOM   504  O O    . CYS A 1 12 ? -5.967  2.582  -4.177 1.00 0.00 ? 12 CYS A O    3  
ATOM   505  C CB   . CYS A 1 12 ? -5.080  1.198  -1.836 1.00 0.00 ? 12 CYS A CB   3  
ATOM   506  S SG   . CYS A 1 12 ? -4.190  0.113  -0.689 1.00 0.00 ? 12 CYS A SG   3  
ATOM   507  H H    . CYS A 1 12 ? -3.026  3.466  -1.036 1.00 0.00 ? 12 CYS A H    3  
ATOM   508  H HA   . CYS A 1 12 ? -3.425  2.131  -2.884 1.00 0.00 ? 12 CYS A HA   3  
ATOM   509  H HB2  . CYS A 1 12 ? -5.986  1.514  -1.343 1.00 0.00 ? 12 CYS A HB2  3  
ATOM   510  H HB3  . CYS A 1 12 ? -5.372  0.584  -2.674 1.00 0.00 ? 12 CYS A HB3  3  
HETATM 511  N N    . NH2 A 1 13 ? -5.134  4.475  -3.511 1.00 0.00 ? 13 NH2 A N    3  
HETATM 512  H HN1  . NH2 A 1 13 ? -4.529  4.964  -2.916 1.00 0.00 ? 13 NH2 A HN1  3  
HETATM 513  H HN2  . NH2 A 1 13 ? -5.680  4.961  -4.163 1.00 0.00 ? 13 NH2 A HN2  3  
ATOM   514  N N    . GLY A 1 1  ? -1.179  -5.614 -4.597 1.00 0.00 ? 1  GLY A N    4  
ATOM   515  C CA   . GLY A 1 1  ? -0.741  -4.232 -4.946 1.00 0.00 ? 1  GLY A CA   4  
ATOM   516  C C    . GLY A 1 1  ? 0.343   -3.740 -3.981 1.00 0.00 ? 1  GLY A C    4  
ATOM   517  O O    . GLY A 1 1  ? 0.750   -4.451 -3.082 1.00 0.00 ? 1  GLY A O    4  
ATOM   518  H H1   . GLY A 1 1  ? -0.436  -6.083 -4.041 1.00 0.00 ? 1  GLY A H1   4  
ATOM   519  H H2   . GLY A 1 1  ? -2.053  -5.568 -4.036 1.00 0.00 ? 1  GLY A H2   4  
ATOM   520  H H3   . GLY A 1 1  ? -1.352  -6.153 -5.468 1.00 0.00 ? 1  GLY A H3   4  
ATOM   521  H HA2  . GLY A 1 1  ? -0.347  -4.230 -5.952 1.00 0.00 ? 1  GLY A HA2  4  
ATOM   522  H HA3  . GLY A 1 1  ? -1.592  -3.570 -4.892 1.00 0.00 ? 1  GLY A HA3  4  
ATOM   523  N N    . CYS A 1 2  ? 0.780   -2.525 -4.200 1.00 0.00 ? 2  CYS A N    4  
ATOM   524  C CA   . CYS A 1 2  ? 1.836   -1.931 -3.327 1.00 0.00 ? 2  CYS A CA   4  
ATOM   525  C C    . CYS A 1 2  ? 1.180   -1.572 -1.999 1.00 0.00 ? 2  CYS A C    4  
ATOM   526  O O    . CYS A 1 2  ? 1.565   -2.121 -0.987 1.00 0.00 ? 2  CYS A O    4  
ATOM   527  C CB   . CYS A 1 2  ? 2.415   -0.701 -4.062 1.00 0.00 ? 2  CYS A CB   4  
ATOM   528  S SG   . CYS A 1 2  ? 3.934   0.019  -3.393 1.00 0.00 ? 2  CYS A SG   4  
ATOM   529  H H    . CYS A 1 2  ? 0.412   -2.000 -4.941 1.00 0.00 ? 2  CYS A H    4  
ATOM   530  H HA   . CYS A 1 2  ? 2.606   -2.652 -3.121 1.00 0.00 ? 2  CYS A HA   4  
ATOM   531  H HB2  . CYS A 1 2  ? 2.621   -0.988 -5.083 1.00 0.00 ? 2  CYS A HB2  4  
ATOM   532  H HB3  . CYS A 1 2  ? 1.666   0.076  -4.094 1.00 0.00 ? 2  CYS A HB3  4  
ATOM   533  N N    . CYS A 1 3  ? 0.219   -0.682 -2.029 1.00 0.00 ? 3  CYS A N    4  
ATOM   534  C CA   . CYS A 1 3  ? -0.480  -0.283 -0.760 1.00 0.00 ? 3  CYS A CA   4  
ATOM   535  C C    . CYS A 1 3  ? -1.283  -1.452 -0.182 1.00 0.00 ? 3  CYS A C    4  
ATOM   536  O O    . CYS A 1 3  ? -1.676  -1.400 0.967  1.00 0.00 ? 3  CYS A O    4  
ATOM   537  C CB   . CYS A 1 3  ? -1.421  0.904  -1.034 1.00 0.00 ? 3  CYS A CB   4  
ATOM   538  S SG   . CYS A 1 3  ? -2.836  1.135  0.072  1.00 0.00 ? 3  CYS A SG   4  
ATOM   539  H H    . CYS A 1 3  ? -0.029  -0.287 -2.891 1.00 0.00 ? 3  CYS A H    4  
ATOM   540  H HA   . CYS A 1 3  ? 0.258   0.000  -0.026 1.00 0.00 ? 3  CYS A HA   4  
ATOM   541  H HB2  . CYS A 1 3  ? -0.829  1.798  -0.933 1.00 0.00 ? 3  CYS A HB2  4  
ATOM   542  H HB3  . CYS A 1 3  ? -1.771  0.872  -2.050 1.00 0.00 ? 3  CYS A HB3  4  
ATOM   543  N N    . SER A 1 4  ? -1.501  -2.471 -0.985 1.00 0.00 ? 4  SER A N    4  
ATOM   544  C CA   . SER A 1 4  ? -2.269  -3.673 -0.511 1.00 0.00 ? 4  SER A CA   4  
ATOM   545  C C    . SER A 1 4  ? -1.539  -4.203 0.741  1.00 0.00 ? 4  SER A C    4  
ATOM   546  O O    . SER A 1 4  ? -2.118  -4.824 1.611  1.00 0.00 ? 4  SER A O    4  
ATOM   547  C CB   . SER A 1 4  ? -2.275  -4.731 -1.624 1.00 0.00 ? 4  SER A CB   4  
ATOM   548  O OG   . SER A 1 4  ? -3.052  -5.798 -1.099 1.00 0.00 ? 4  SER A OG   4  
ATOM   549  H H    . SER A 1 4  ? -1.159  -2.448 -1.903 1.00 0.00 ? 4  SER A H    4  
ATOM   550  H HA   . SER A 1 4  ? -3.272  -3.373 -0.246 1.00 0.00 ? 4  SER A HA   4  
ATOM   551  H HB2  . SER A 1 4  ? -2.740  -4.355 -2.523 1.00 0.00 ? 4  SER A HB2  4  
ATOM   552  H HB3  . SER A 1 4  ? -1.281  -5.090 -1.840 1.00 0.00 ? 4  SER A HB3  4  
ATOM   553  H HG   . SER A 1 4  ? -3.911  -5.447 -0.851 1.00 0.00 ? 4  SER A HG   4  
ATOM   554  N N    . ASP A 1 5  ? -0.263  -3.909 0.745  1.00 0.00 ? 5  ASP A N    4  
ATOM   555  C CA   . ASP A 1 5  ? 0.674   -4.287 1.835  1.00 0.00 ? 5  ASP A CA   4  
ATOM   556  C C    . ASP A 1 5  ? 1.149   -2.915 2.361  1.00 0.00 ? 5  ASP A C    4  
ATOM   557  O O    . ASP A 1 5  ? 1.438   -2.046 1.563  1.00 0.00 ? 5  ASP A O    4  
ATOM   558  C CB   . ASP A 1 5  ? 1.841   -5.084 1.239  1.00 0.00 ? 5  ASP A CB   4  
ATOM   559  C CG   . ASP A 1 5  ? 1.272   -6.289 0.466  1.00 0.00 ? 5  ASP A CG   4  
ATOM   560  O OD1  . ASP A 1 5  ? 1.007   -6.098 -0.712 1.00 0.00 ? 5  ASP A OD1  4  
ATOM   561  O OD2  . ASP A 1 5  ? 1.134   -7.326 1.092  1.00 0.00 ? 5  ASP A OD2  4  
ATOM   562  H H    . ASP A 1 5  ? 0.102   -3.409 -0.015 1.00 0.00 ? 5  ASP A H    4  
ATOM   563  H HA   . ASP A 1 5  ? 0.152   -4.839 2.601  1.00 0.00 ? 5  ASP A HA   4  
ATOM   564  H HB2  . ASP A 1 5  ? 2.416   -4.468 0.561  1.00 0.00 ? 5  ASP A HB2  4  
ATOM   565  H HB3  . ASP A 1 5  ? 2.493   -5.438 2.024  1.00 0.00 ? 5  ASP A HB3  4  
ATOM   566  N N    . PRO A 1 6  ? 1.226   -2.718 3.656  1.00 0.00 ? 6  PRO A N    4  
ATOM   567  C CA   . PRO A 1 6  ? 1.466   -1.357 4.221  1.00 0.00 ? 6  PRO A CA   4  
ATOM   568  C C    . PRO A 1 6  ? 2.850   -0.789 3.875  1.00 0.00 ? 6  PRO A C    4  
ATOM   569  O O    . PRO A 1 6  ? 3.163   0.322  4.256  1.00 0.00 ? 6  PRO A O    4  
ATOM   570  C CB   . PRO A 1 6  ? 1.258   -1.506 5.731  1.00 0.00 ? 6  PRO A CB   4  
ATOM   571  C CG   . PRO A 1 6  ? 1.266   -3.018 6.036  1.00 0.00 ? 6  PRO A CG   4  
ATOM   572  C CD   . PRO A 1 6  ? 1.095   -3.771 4.705  1.00 0.00 ? 6  PRO A CD   4  
ATOM   573  H HA   . PRO A 1 6  ? 0.742   -0.687 3.774  1.00 0.00 ? 6  PRO A HA   4  
ATOM   574  H HB2  . PRO A 1 6  ? 2.040   -1.011 6.287  1.00 0.00 ? 6  PRO A HB2  4  
ATOM   575  H HB3  . PRO A 1 6  ? 0.307   -1.078 6.012  1.00 0.00 ? 6  PRO A HB3  4  
ATOM   576  H HG2  . PRO A 1 6  ? 2.201   -3.295 6.499  1.00 0.00 ? 6  PRO A HG2  4  
ATOM   577  H HG3  . PRO A 1 6  ? 0.458   -3.264 6.708  1.00 0.00 ? 6  PRO A HG3  4  
ATOM   578  H HD2  . PRO A 1 6  ? 1.864   -4.518 4.569  1.00 0.00 ? 6  PRO A HD2  4  
ATOM   579  H HD3  . PRO A 1 6  ? 0.116   -4.225 4.646  1.00 0.00 ? 6  PRO A HD3  4  
ATOM   580  N N    . ARG A 1 7  ? 3.634   -1.562 3.164  1.00 0.00 ? 7  ARG A N    4  
ATOM   581  C CA   . ARG A 1 7  ? 5.000   -1.106 2.766  1.00 0.00 ? 7  ARG A CA   4  
ATOM   582  C C    . ARG A 1 7  ? 4.885   0.173  1.915  1.00 0.00 ? 7  ARG A C    4  
ATOM   583  O O    . ARG A 1 7  ? 5.806   0.963  1.855  1.00 0.00 ? 7  ARG A O    4  
ATOM   584  C CB   . ARG A 1 7  ? 5.676   -2.274 1.991  1.00 0.00 ? 7  ARG A CB   4  
ATOM   585  C CG   . ARG A 1 7  ? 4.920   -2.697 0.693  1.00 0.00 ? 7  ARG A CG   4  
ATOM   586  C CD   . ARG A 1 7  ? 5.392   -1.874 -0.520 1.00 0.00 ? 7  ARG A CD   4  
ATOM   587  N NE   . ARG A 1 7  ? 4.842   -2.533 -1.746 1.00 0.00 ? 7  ARG A NE   4  
ATOM   588  C CZ   . ARG A 1 7  ? 5.494   -2.542 -2.885 1.00 0.00 ? 7  ARG A CZ   4  
ATOM   589  N NH1  . ARG A 1 7  ? 6.659   -1.963 -3.000 1.00 0.00 ? 7  ARG A NH1  4  
ATOM   590  N NH2  . ARG A 1 7  ? 4.946   -3.149 -3.902 1.00 0.00 ? 7  ARG A NH2  4  
ATOM   591  H H    . ARG A 1 7  ? 3.325   -2.450 2.891  1.00 0.00 ? 7  ARG A H    4  
ATOM   592  H HA   . ARG A 1 7  ? 5.565   -0.881 3.659  1.00 0.00 ? 7  ARG A HA   4  
ATOM   593  H HB2  . ARG A 1 7  ? 6.689   -1.990 1.745  1.00 0.00 ? 7  ARG A HB2  4  
ATOM   594  H HB3  . ARG A 1 7  ? 5.727   -3.131 2.648  1.00 0.00 ? 7  ARG A HB3  4  
ATOM   595  H HG2  . ARG A 1 7  ? 5.092   -3.744 0.494  1.00 0.00 ? 7  ARG A HG2  4  
ATOM   596  H HG3  . ARG A 1 7  ? 3.858   -2.551 0.821  1.00 0.00 ? 7  ARG A HG3  4  
ATOM   597  H HD2  . ARG A 1 7  ? 5.033   -0.859 -0.482 1.00 0.00 ? 7  ARG A HD2  4  
ATOM   598  H HD3  . ARG A 1 7  ? 6.472   -1.872 -0.556 1.00 0.00 ? 7  ARG A HD3  4  
ATOM   599  H HE   . ARG A 1 7  ? 3.970   -2.978 -1.696 1.00 0.00 ? 7  ARG A HE   4  
ATOM   600  H HH11 . ARG A 1 7  ? 7.075   -1.497 -2.220 1.00 0.00 ? 7  ARG A HH11 4  
ATOM   601  H HH12 . ARG A 1 7  ? 7.138   -1.985 -3.878 1.00 0.00 ? 7  ARG A HH12 4  
ATOM   602  H HH21 . ARG A 1 7  ? 4.056   -3.594 -3.800 1.00 0.00 ? 7  ARG A HH21 4  
ATOM   603  H HH22 . ARG A 1 7  ? 5.419   -3.170 -4.782 1.00 0.00 ? 7  ARG A HH22 4  
ATOM   604  N N    . CYS A 1 8  ? 3.743   0.322  1.285  1.00 0.00 ? 8  CYS A N    4  
ATOM   605  C CA   . CYS A 1 8  ? 3.457   1.505  0.419  1.00 0.00 ? 8  CYS A CA   4  
ATOM   606  C C    . CYS A 1 8  ? 2.533   2.449  1.210  1.00 0.00 ? 8  CYS A C    4  
ATOM   607  O O    . CYS A 1 8  ? 2.858   3.591  1.474  1.00 0.00 ? 8  CYS A O    4  
ATOM   608  C CB   . CYS A 1 8  ? 2.763   1.010  -0.826 1.00 0.00 ? 8  CYS A CB   4  
ATOM   609  S SG   . CYS A 1 8  ? 3.284   1.665  -2.429 1.00 0.00 ? 8  CYS A SG   4  
ATOM   610  H H    . CYS A 1 8  ? 3.045   -0.364 1.367  1.00 0.00 ? 8  CYS A H    4  
ATOM   611  H HA   . CYS A 1 8  ? 4.374   2.019  0.169  1.00 0.00 ? 8  CYS A HA   4  
ATOM   612  H HB2  . CYS A 1 8  ? 2.841   -0.064 -0.819 1.00 0.00 ? 8  CYS A HB2  4  
ATOM   613  H HB3  . CYS A 1 8  ? 1.712   1.228  -0.748 1.00 0.00 ? 8  CYS A HB3  4  
ATOM   614  N N    . ALA A 1 9  ? 1.396   1.893  1.549  1.00 0.00 ? 9  ALA A N    4  
ATOM   615  C CA   . ALA A 1 9  ? 0.324   2.589  2.321  1.00 0.00 ? 9  ALA A CA   4  
ATOM   616  C C    . ALA A 1 9  ? -0.129  3.960  1.759  1.00 0.00 ? 9  ALA A C    4  
ATOM   617  O O    . ALA A 1 9  ? -0.403  4.873  2.515  1.00 0.00 ? 9  ALA A O    4  
ATOM   618  C CB   . ALA A 1 9  ? 0.826   2.747  3.778  1.00 0.00 ? 9  ALA A CB   4  
ATOM   619  H H    . ALA A 1 9  ? 1.242   0.964  1.281  1.00 0.00 ? 9  ALA A H    4  
ATOM   620  H HA   . ALA A 1 9  ? -0.535  1.936  2.320  1.00 0.00 ? 9  ALA A HA   4  
ATOM   621  H HB1  . ALA A 1 9  ? 1.024   1.773  4.202  1.00 0.00 ? 9  ALA A HB1  4  
ATOM   622  H HB2  . ALA A 1 9  ? 1.732   3.333  3.805  1.00 0.00 ? 9  ALA A HB2  4  
ATOM   623  H HB3  . ALA A 1 9  ? 0.075   3.236  4.381  1.00 0.00 ? 9  ALA A HB3  4  
ATOM   624  N N    . TRP A 1 10 ? -0.200  4.076  0.452  1.00 0.00 ? 10 TRP A N    4  
ATOM   625  C CA   . TRP A 1 10 ? -0.637  5.376  -0.170 1.00 0.00 ? 10 TRP A CA   4  
ATOM   626  C C    . TRP A 1 10 ? -2.161  5.402  -0.361 1.00 0.00 ? 10 TRP A C    4  
ATOM   627  O O    . TRP A 1 10 ? -2.676  5.868  -1.358 1.00 0.00 ? 10 TRP A O    4  
ATOM   628  C CB   . TRP A 1 10 ? 0.078   5.580  -1.547 1.00 0.00 ? 10 TRP A CB   4  
ATOM   629  C CG   . TRP A 1 10 ? -0.051  4.334  -2.421 1.00 0.00 ? 10 TRP A CG   4  
ATOM   630  C CD1  . TRP A 1 10 ? 0.728   3.246  -2.230 1.00 0.00 ? 10 TRP A CD1  4  
ATOM   631  C CD2  . TRP A 1 10 ? -0.898  4.094  -3.464 1.00 0.00 ? 10 TRP A CD2  4  
ATOM   632  N NE1  . TRP A 1 10 ? 0.338   2.394  -3.144 1.00 0.00 ? 10 TRP A NE1  4  
ATOM   633  C CE2  . TRP A 1 10 ? -0.631  2.805  -3.934 1.00 0.00 ? 10 TRP A CE2  4  
ATOM   634  C CE3  . TRP A 1 10 ? -1.891  4.854  -4.081 1.00 0.00 ? 10 TRP A CE3  4  
ATOM   635  C CZ2  . TRP A 1 10 ? -1.348  2.283  -5.006 1.00 0.00 ? 10 TRP A CZ2  4  
ATOM   636  C CZ3  . TRP A 1 10 ? -2.608  4.332  -5.154 1.00 0.00 ? 10 TRP A CZ3  4  
ATOM   637  C CH2  . TRP A 1 10 ? -2.338  3.047  -5.616 1.00 0.00 ? 10 TRP A CH2  4  
ATOM   638  H H    . TRP A 1 10 ? 0.032   3.312  -0.113 1.00 0.00 ? 10 TRP A H    4  
ATOM   639  H HA   . TRP A 1 10 ? -0.357  6.175  0.487  1.00 0.00 ? 10 TRP A HA   4  
ATOM   640  H HB2  . TRP A 1 10 ? -0.343  6.423  -2.073 1.00 0.00 ? 10 TRP A HB2  4  
ATOM   641  H HB3  . TRP A 1 10 ? 1.128   5.774  -1.380 1.00 0.00 ? 10 TRP A HB3  4  
ATOM   642  H HD1  . TRP A 1 10 ? 1.490   3.147  -1.475 1.00 0.00 ? 10 TRP A HD1  4  
ATOM   643  H HE1  . TRP A 1 10 ? 0.742   1.506  -3.232 1.00 0.00 ? 10 TRP A HE1  4  
ATOM   644  H HE3  . TRP A 1 10 ? -2.107  5.853  -3.731 1.00 0.00 ? 10 TRP A HE3  4  
ATOM   645  H HZ2  . TRP A 1 10 ? -1.136  1.285  -5.362 1.00 0.00 ? 10 TRP A HZ2  4  
ATOM   646  H HZ3  . TRP A 1 10 ? -3.376  4.924  -5.628 1.00 0.00 ? 10 TRP A HZ3  4  
ATOM   647  H HH2  . TRP A 1 10 ? -2.896  2.643  -6.448 1.00 0.00 ? 10 TRP A HH2  4  
ATOM   648  N N    . ARG A 1 11 ? -2.835  4.885  0.637  1.00 0.00 ? 11 ARG A N    4  
ATOM   649  C CA   . ARG A 1 11 ? -4.335  4.808  0.654  1.00 0.00 ? 11 ARG A CA   4  
ATOM   650  C C    . ARG A 1 11 ? -4.870  3.988  -0.545 1.00 0.00 ? 11 ARG A C    4  
ATOM   651  O O    . ARG A 1 11 ? -6.058  3.958  -0.793 1.00 0.00 ? 11 ARG A O    4  
ATOM   652  C CB   . ARG A 1 11 ? -4.884  6.271  0.637  1.00 0.00 ? 11 ARG A CB   4  
ATOM   653  C CG   . ARG A 1 11 ? -6.391  6.316  1.000  1.00 0.00 ? 11 ARG A CG   4  
ATOM   654  C CD   . ARG A 1 11 ? -6.871  7.783  1.050  1.00 0.00 ? 11 ARG A CD   4  
ATOM   655  N NE   . ARG A 1 11 ? -6.103  8.519  2.106  1.00 0.00 ? 11 ARG A NE   4  
ATOM   656  C CZ   . ARG A 1 11 ? -6.378  8.393  3.382  1.00 0.00 ? 11 ARG A CZ   4  
ATOM   657  N NH1  . ARG A 1 11 ? -7.344  7.611  3.783  1.00 0.00 ? 11 ARG A NH1  4  
ATOM   658  N NH2  . ARG A 1 11 ? -5.659  9.071  4.231  1.00 0.00 ? 11 ARG A NH2  4  
ATOM   659  H H    . ARG A 1 11 ? -2.334  4.536  1.403  1.00 0.00 ? 11 ARG A H    4  
ATOM   660  H HA   . ARG A 1 11 ? -4.635  4.314  1.567  1.00 0.00 ? 11 ARG A HA   4  
ATOM   661  H HB2  . ARG A 1 11 ? -4.324  6.863  1.346  1.00 0.00 ? 11 ARG A HB2  4  
ATOM   662  H HB3  . ARG A 1 11 ? -4.750  6.702  -0.344 1.00 0.00 ? 11 ARG A HB3  4  
ATOM   663  H HG2  . ARG A 1 11 ? -6.980  5.800  0.259  1.00 0.00 ? 11 ARG A HG2  4  
ATOM   664  H HG3  . ARG A 1 11 ? -6.553  5.842  1.958  1.00 0.00 ? 11 ARG A HG3  4  
ATOM   665  H HD2  . ARG A 1 11 ? -6.698  8.265  0.100  1.00 0.00 ? 11 ARG A HD2  4  
ATOM   666  H HD3  . ARG A 1 11 ? -7.927  7.831  1.278  1.00 0.00 ? 11 ARG A HD3  4  
ATOM   667  H HE   . ARG A 1 11 ? -5.373  9.114  1.835  1.00 0.00 ? 11 ARG A HE   4  
ATOM   668  H HH11 . ARG A 1 11 ? -7.885  7.097  3.118  1.00 0.00 ? 11 ARG A HH11 4  
ATOM   669  H HH12 . ARG A 1 11 ? -7.542  7.525  4.759  1.00 0.00 ? 11 ARG A HH12 4  
ATOM   670  H HH21 . ARG A 1 11 ? -4.923  9.663  3.903  1.00 0.00 ? 11 ARG A HH21 4  
ATOM   671  H HH22 . ARG A 1 11 ? -5.842  8.998  5.212  1.00 0.00 ? 11 ARG A HH22 4  
ATOM   672  N N    . CYS A 1 12 ? -3.968  3.341  -1.251 1.00 0.00 ? 12 CYS A N    4  
ATOM   673  C CA   . CYS A 1 12 ? -4.329  2.504  -2.442 1.00 0.00 ? 12 CYS A CA   4  
ATOM   674  C C    . CYS A 1 12 ? -5.141  3.293  -3.488 1.00 0.00 ? 12 CYS A C    4  
ATOM   675  O O    . CYS A 1 12 ? -5.794  2.738  -4.350 1.00 0.00 ? 12 CYS A O    4  
ATOM   676  C CB   . CYS A 1 12 ? -5.132  1.271  -1.945 1.00 0.00 ? 12 CYS A CB   4  
ATOM   677  S SG   . CYS A 1 12 ? -4.299  0.092  -0.852 1.00 0.00 ? 12 CYS A SG   4  
ATOM   678  H H    . CYS A 1 12 ? -3.025  3.406  -0.992 1.00 0.00 ? 12 CYS A H    4  
ATOM   679  H HA   . CYS A 1 12 ? -3.415  2.171  -2.909 1.00 0.00 ? 12 CYS A HA   4  
ATOM   680  H HB2  . CYS A 1 12 ? -6.024  1.609  -1.437 1.00 0.00 ? 12 CYS A HB2  4  
ATOM   681  H HB3  . CYS A 1 12 ? -5.455  0.714  -2.812 1.00 0.00 ? 12 CYS A HB3  4  
HETATM 682  N N    . NH2 A 1 13 ? -5.124  4.598  -3.449 1.00 0.00 ? 13 NH2 A N    4  
HETATM 683  H HN1  . NH2 A 1 13 ? -4.601  5.060  -2.761 1.00 0.00 ? 13 NH2 A HN1  4  
HETATM 684  H HN2  . NH2 A 1 13 ? -5.632  5.113  -4.109 1.00 0.00 ? 13 NH2 A HN2  4  
ATOM   685  N N    . GLY A 1 1  ? -0.992  -5.658 -4.743 1.00 0.00 ? 1  GLY A N    5  
ATOM   686  C CA   . GLY A 1 1  ? -0.514  -4.276 -5.030 1.00 0.00 ? 1  GLY A CA   5  
ATOM   687  C C    . GLY A 1 1  ? 0.521   -3.831 -3.990 1.00 0.00 ? 1  GLY A C    5  
ATOM   688  O O    . GLY A 1 1  ? 0.781   -4.532 -3.029 1.00 0.00 ? 1  GLY A O    5  
ATOM   689  H H1   . GLY A 1 1  ? -1.156  -5.763 -3.722 1.00 0.00 ? 1  GLY A H1   5  
ATOM   690  H H2   . GLY A 1 1  ? -1.878  -5.834 -5.257 1.00 0.00 ? 1  GLY A H2   5  
ATOM   691  H H3   . GLY A 1 1  ? -0.271  -6.343 -5.049 1.00 0.00 ? 1  GLY A H3   5  
ATOM   692  H HA2  . GLY A 1 1  ? -0.065  -4.254 -6.011 1.00 0.00 ? 1  GLY A HA2  5  
ATOM   693  H HA3  . GLY A 1 1  ? -1.356  -3.599 -5.003 1.00 0.00 ? 1  GLY A HA3  5  
ATOM   694  N N    . CYS A 1 2  ? 1.082   -2.670 -4.218 1.00 0.00 ? 2  CYS A N    5  
ATOM   695  C CA   . CYS A 1 2  ? 2.107   -2.125 -3.278 1.00 0.00 ? 2  CYS A CA   5  
ATOM   696  C C    . CYS A 1 2  ? 1.383   -1.716 -1.993 1.00 0.00 ? 2  CYS A C    5  
ATOM   697  O O    . CYS A 1 2  ? 1.680   -2.250 -0.942 1.00 0.00 ? 2  CYS A O    5  
ATOM   698  C CB   . CYS A 1 2  ? 2.797   -0.931 -3.973 1.00 0.00 ? 2  CYS A CB   5  
ATOM   699  S SG   . CYS A 1 2  ? 4.272   -0.249 -3.175 1.00 0.00 ? 2  CYS A SG   5  
ATOM   700  H H    . CYS A 1 2  ? 0.827   -2.154 -5.011 1.00 0.00 ? 2  CYS A H    5  
ATOM   701  H HA   . CYS A 1 2  ? 2.829   -2.885 -3.034 1.00 0.00 ? 2  CYS A HA   5  
ATOM   702  H HB2  . CYS A 1 2  ? 3.082   -1.241 -4.966 1.00 0.00 ? 2  CYS A HB2  5  
ATOM   703  H HB3  . CYS A 1 2  ? 2.082   -0.129 -4.081 1.00 0.00 ? 2  CYS A HB3  5  
ATOM   704  N N    . CYS A 1 3  ? 0.459   -0.795 -2.114 1.00 0.00 ? 3  CYS A N    5  
ATOM   705  C CA   . CYS A 1 3  ? -0.323  -0.324 -0.921 1.00 0.00 ? 3  CYS A CA   5  
ATOM   706  C C    . CYS A 1 3  ? -1.204  -1.432 -0.343 1.00 0.00 ? 3  CYS A C    5  
ATOM   707  O O    . CYS A 1 3  ? -1.680  -1.304 0.769  1.00 0.00 ? 3  CYS A O    5  
ATOM   708  C CB   . CYS A 1 3  ? -1.182  0.866  -1.330 1.00 0.00 ? 3  CYS A CB   5  
ATOM   709  S SG   . CYS A 1 3  ? -2.694  1.221  -0.406 1.00 0.00 ? 3  CYS A SG   5  
ATOM   710  H H    . CYS A 1 3  ? 0.287   -0.422 -3.004 1.00 0.00 ? 3  CYS A H    5  
ATOM   711  H HA   . CYS A 1 3  ? 0.349   0.008  -0.150 1.00 0.00 ? 3  CYS A HA   5  
ATOM   712  H HB2  . CYS A 1 3  ? -0.583  1.750  -1.220 1.00 0.00 ? 3  CYS A HB2  5  
ATOM   713  H HB3  . CYS A 1 3  ? -1.430  0.791  -2.372 1.00 0.00 ? 3  CYS A HB3  5  
ATOM   714  N N    . SER A 1 4  ? -1.398  -2.487 -1.106 1.00 0.00 ? 4  SER A N    5  
ATOM   715  C CA   . SER A 1 4  ? -2.238  -3.635 -0.624 1.00 0.00 ? 4  SER A CA   5  
ATOM   716  C C    . SER A 1 4  ? -1.601  -4.127 0.693  1.00 0.00 ? 4  SER A C    5  
ATOM   717  O O    . SER A 1 4  ? -2.251  -4.689 1.553  1.00 0.00 ? 4  SER A O    5  
ATOM   718  C CB   . SER A 1 4  ? -2.221  -4.750 -1.680 1.00 0.00 ? 4  SER A CB   5  
ATOM   719  O OG   . SER A 1 4  ? -3.085  -5.749 -1.158 1.00 0.00 ? 4  SER A OG   5  
ATOM   720  H H    . SER A 1 4  ? -0.990  -2.527 -1.995 1.00 0.00 ? 4  SER A H    5  
ATOM   721  H HA   . SER A 1 4  ? -3.245  -3.287 -0.432 1.00 0.00 ? 4  SER A HA   5  
ATOM   722  H HB2  . SER A 1 4  ? -2.602  -4.404 -2.630 1.00 0.00 ? 4  SER A HB2  5  
ATOM   723  H HB3  . SER A 1 4  ? -1.234  -5.166 -1.805 1.00 0.00 ? 4  SER A HB3  5  
ATOM   724  H HG   . SER A 1 4  ? -3.942  -5.349 -0.999 1.00 0.00 ? 4  SER A HG   5  
ATOM   725  N N    . ASP A 1 5  ? -0.319  -3.870 0.762  1.00 0.00 ? 5  ASP A N    5  
ATOM   726  C CA   . ASP A 1 5  ? 0.541   -4.225 1.923  1.00 0.00 ? 5  ASP A CA   5  
ATOM   727  C C    . ASP A 1 5  ? 1.038   -2.849 2.415  1.00 0.00 ? 5  ASP A C    5  
ATOM   728  O O    . ASP A 1 5  ? 1.327   -1.997 1.597  1.00 0.00 ? 5  ASP A O    5  
ATOM   729  C CB   . ASP A 1 5  ? 1.705   -5.093 1.432  1.00 0.00 ? 5  ASP A CB   5  
ATOM   730  C CG   . ASP A 1 5  ? 1.137   -6.303 0.670  1.00 0.00 ? 5  ASP A CG   5  
ATOM   731  O OD1  . ASP A 1 5  ? 0.964   -6.152 -0.531 1.00 0.00 ? 5  ASP A OD1  5  
ATOM   732  O OD2  . ASP A 1 5  ? 0.904   -7.304 1.327  1.00 0.00 ? 5  ASP A OD2  5  
ATOM   733  H H    . ASP A 1 5  ? 0.105   -3.418 0.005  1.00 0.00 ? 5  ASP A H    5  
ATOM   734  H HA   . ASP A 1 5  ? -0.046  -4.719 2.683  1.00 0.00 ? 5  ASP A HA   5  
ATOM   735  H HB2  . ASP A 1 5  ? 2.345   -4.528 0.769  1.00 0.00 ? 5  ASP A HB2  5  
ATOM   736  H HB3  . ASP A 1 5  ? 2.293   -5.440 2.269  1.00 0.00 ? 5  ASP A HB3  5  
ATOM   737  N N    . PRO A 1 6  ? 1.134   -2.628 3.705  1.00 0.00 ? 6  PRO A N    5  
ATOM   738  C CA   . PRO A 1 6  ? 1.413   -1.261 4.240  1.00 0.00 ? 6  PRO A CA   5  
ATOM   739  C C    . PRO A 1 6  ? 2.818   -0.753 3.898  1.00 0.00 ? 6  PRO A C    5  
ATOM   740  O O    . PRO A 1 6  ? 3.161   0.363  4.244  1.00 0.00 ? 6  PRO A O    5  
ATOM   741  C CB   . PRO A 1 6  ? 1.179   -1.368 5.748  1.00 0.00 ? 6  PRO A CB   5  
ATOM   742  C CG   . PRO A 1 6  ? 1.158   -2.871 6.092  1.00 0.00 ? 6  PRO A CG   5  
ATOM   743  C CD   . PRO A 1 6  ? 0.987   -3.655 4.778  1.00 0.00 ? 6  PRO A CD   5  
ATOM   744  H HA   . PRO A 1 6  ? 0.720   -0.579 3.760  1.00 0.00 ? 6  PRO A HA   5  
ATOM   745  H HB2  . PRO A 1 6  ? 1.962   -0.870 6.304  1.00 0.00 ? 6  PRO A HB2  5  
ATOM   746  H HB3  . PRO A 1 6  ? 0.230   -0.917 6.005  1.00 0.00 ? 6  PRO A HB3  5  
ATOM   747  H HG2  . PRO A 1 6  ? 2.083   -3.153 6.572  1.00 0.00 ? 6  PRO A HG2  5  
ATOM   748  H HG3  . PRO A 1 6  ? 0.338   -3.086 6.762  1.00 0.00 ? 6  PRO A HG3  5  
ATOM   749  H HD2  . PRO A 1 6  ? 1.751   -4.411 4.663  1.00 0.00 ? 6  PRO A HD2  5  
ATOM   750  H HD3  . PRO A 1 6  ? 0.006   -4.102 4.723  1.00 0.00 ? 6  PRO A HD3  5  
ATOM   751  N N    . ARG A 1 7  ? 3.586   -1.579 3.230  1.00 0.00 ? 7  ARG A N    5  
ATOM   752  C CA   . ARG A 1 7  ? 4.977   -1.196 2.829  1.00 0.00 ? 7  ARG A CA   5  
ATOM   753  C C    . ARG A 1 7  ? 4.913   0.116  2.023  1.00 0.00 ? 7  ARG A C    5  
ATOM   754  O O    . ARG A 1 7  ? 5.823   0.923  2.049  1.00 0.00 ? 7  ARG A O    5  
ATOM   755  C CB   . ARG A 1 7  ? 5.572   -2.341 1.973  1.00 0.00 ? 7  ARG A CB   5  
ATOM   756  C CG   . ARG A 1 7  ? 4.694   -2.601 0.715  1.00 0.00 ? 7  ARG A CG   5  
ATOM   757  C CD   . ARG A 1 7  ? 5.227   -3.809 -0.070 1.00 0.00 ? 7  ARG A CD   5  
ATOM   758  N NE   . ARG A 1 7  ? 6.610   -3.496 -0.549 1.00 0.00 ? 7  ARG A NE   5  
ATOM   759  C CZ   . ARG A 1 7  ? 7.288   -4.345 -1.280 1.00 0.00 ? 7  ARG A CZ   5  
ATOM   760  N NH1  . ARG A 1 7  ? 6.772   -5.498 -1.613 1.00 0.00 ? 7  ARG A NH1  5  
ATOM   761  N NH2  . ARG A 1 7  ? 8.488   -4.003 -1.662 1.00 0.00 ? 7  ARG A NH2  5  
ATOM   762  H H    . ARG A 1 7  ? 3.246   -2.465 2.988  1.00 0.00 ? 7  ARG A H    5  
ATOM   763  H HA   . ARG A 1 7  ? 5.570   -1.039 3.718  1.00 0.00 ? 7  ARG A HA   5  
ATOM   764  H HB2  . ARG A 1 7  ? 6.575   -2.076 1.672  1.00 0.00 ? 7  ARG A HB2  5  
ATOM   765  H HB3  . ARG A 1 7  ? 5.624   -3.240 2.571  1.00 0.00 ? 7  ARG A HB3  5  
ATOM   766  H HG2  . ARG A 1 7  ? 3.673   -2.791 1.007  1.00 0.00 ? 7  ARG A HG2  5  
ATOM   767  H HG3  . ARG A 1 7  ? 4.710   -1.736 0.067  1.00 0.00 ? 7  ARG A HG3  5  
ATOM   768  H HD2  . ARG A 1 7  ? 5.261   -4.687 0.560  1.00 0.00 ? 7  ARG A HD2  5  
ATOM   769  H HD3  . ARG A 1 7  ? 4.594   -4.006 -0.923 1.00 0.00 ? 7  ARG A HD3  5  
ATOM   770  H HE   . ARG A 1 7  ? 7.018   -2.637 -0.311 1.00 0.00 ? 7  ARG A HE   5  
ATOM   771  H HH11 . ARG A 1 7  ? 5.850   -5.742 -1.310 1.00 0.00 ? 7  ARG A HH11 5  
ATOM   772  H HH12 . ARG A 1 7  ? 7.299   -6.138 -2.171 1.00 0.00 ? 7  ARG A HH12 5  
ATOM   773  H HH21 . ARG A 1 7  ? 8.863   -3.115 -1.395 1.00 0.00 ? 7  ARG A HH21 5  
ATOM   774  H HH22 . ARG A 1 7  ? 9.032   -4.629 -2.220 1.00 0.00 ? 7  ARG A HH22 5  
ATOM   775  N N    . CYS A 1 8  ? 3.808   0.257  1.333  1.00 0.00 ? 8  CYS A N    5  
ATOM   776  C CA   . CYS A 1 8  ? 3.524   1.445  0.480  1.00 0.00 ? 8  CYS A CA   5  
ATOM   777  C C    . CYS A 1 8  ? 2.540   2.358  1.229  1.00 0.00 ? 8  CYS A C    5  
ATOM   778  O O    . CYS A 1 8  ? 2.834   3.496  1.539  1.00 0.00 ? 8  CYS A O    5  
ATOM   779  C CB   . CYS A 1 8  ? 2.911   0.944  -0.808 1.00 0.00 ? 8  CYS A CB   5  
ATOM   780  S SG   . CYS A 1 8  ? 3.610   1.484  -2.384 1.00 0.00 ? 8  CYS A SG   5  
ATOM   781  H H    . CYS A 1 8  ? 3.129   -0.453 1.366  1.00 0.00 ? 8  CYS A H    5  
ATOM   782  H HA   . CYS A 1 8  ? 4.438   1.986  0.280  1.00 0.00 ? 8  CYS A HA   5  
ATOM   783  H HB2  . CYS A 1 8  ? 2.948   -0.133 -0.770 1.00 0.00 ? 8  CYS A HB2  5  
ATOM   784  H HB3  . CYS A 1 8  ? 1.866   1.206  -0.817 1.00 0.00 ? 8  CYS A HB3  5  
ATOM   785  N N    . ALA A 1 9  ? 1.389   1.783  1.482  1.00 0.00 ? 9  ALA A N    5  
ATOM   786  C CA   . ALA A 1 9  ? 0.266   2.461  2.198  1.00 0.00 ? 9  ALA A CA   5  
ATOM   787  C C    . ALA A 1 9  ? -0.118  3.841  1.623  1.00 0.00 ? 9  ALA A C    5  
ATOM   788  O O    . ALA A 1 9  ? -0.362  4.767  2.375  1.00 0.00 ? 9  ALA A O    5  
ATOM   789  C CB   . ALA A 1 9  ? 0.662   2.593  3.685  1.00 0.00 ? 9  ALA A CB   5  
ATOM   790  H H    . ALA A 1 9  ? 1.261   0.858  1.188  1.00 0.00 ? 9  ALA A H    5  
ATOM   791  H HA   . ALA A 1 9  ? -0.601  1.822  2.127  1.00 0.00 ? 9  ALA A HA   5  
ATOM   792  H HB1  . ALA A 1 9  ? 0.836   1.616  4.107  1.00 0.00 ? 9  ALA A HB1  5  
ATOM   793  H HB2  . ALA A 1 9  ? 1.559   3.185  3.787  1.00 0.00 ? 9  ALA A HB2  5  
ATOM   794  H HB3  . ALA A 1 9  ? -0.136  3.070  4.238  1.00 0.00 ? 9  ALA A HB3  5  
ATOM   795  N N    . TRP A 1 10 ? -0.168  3.956  0.315  1.00 0.00 ? 10 TRP A N    5  
ATOM   796  C CA   . TRP A 1 10 ? -0.543  5.280  -0.290 1.00 0.00 ? 10 TRP A CA   5  
ATOM   797  C C    . TRP A 1 10 ? -2.060  5.444  -0.413 1.00 0.00 ? 10 TRP A C    5  
ATOM   798  O O    . TRP A 1 10 ? -2.580  5.969  -1.380 1.00 0.00 ? 10 TRP A O    5  
ATOM   799  C CB   . TRP A 1 10 ? 0.124   5.441  -1.691 1.00 0.00 ? 10 TRP A CB   5  
ATOM   800  C CG   . TRP A 1 10 ? 0.086   4.188  -2.562 1.00 0.00 ? 10 TRP A CG   5  
ATOM   801  C CD1  . TRP A 1 10 ? 0.988   3.187  -2.421 1.00 0.00 ? 10 TRP A CD1  5  
ATOM   802  C CD2  . TRP A 1 10 ? -0.775  3.872  -3.570 1.00 0.00 ? 10 TRP A CD2  5  
ATOM   803  N NE1  . TRP A 1 10 ? 0.649   2.312  -3.334 1.00 0.00 ? 10 TRP A NE1  5  
ATOM   804  C CE2  . TRP A 1 10 ? -0.393  2.627  -4.075 1.00 0.00 ? 10 TRP A CE2  5  
ATOM   805  C CE3  . TRP A 1 10 ? -1.871  4.532  -4.128 1.00 0.00 ? 10 TRP A CE3  5  
ATOM   806  C CZ2  . TRP A 1 10 ? -1.098  2.046  -5.126 1.00 0.00 ? 10 TRP A CZ2  5  
ATOM   807  C CZ3  . TRP A 1 10 ? -2.575  3.951  -5.181 1.00 0.00 ? 10 TRP A CZ3  5  
ATOM   808  C CH2  . TRP A 1 10 ? -2.190  2.710  -5.679 1.00 0.00 ? 10 TRP A CH2  5  
ATOM   809  H H    . TRP A 1 10 ? 0.039   3.189  -0.258 1.00 0.00 ? 10 TRP A H    5  
ATOM   810  H HA   . TRP A 1 10 ? -0.163  6.054  0.344  1.00 0.00 ? 10 TRP A HA   5  
ATOM   811  H HB2  . TRP A 1 10 ? -0.318  6.261  -2.239 1.00 0.00 ? 10 TRP A HB2  5  
ATOM   812  H HB3  . TRP A 1 10 ? 1.154   5.677  -1.517 1.00 0.00 ? 10 TRP A HB3  5  
ATOM   813  H HD1  . TRP A 1 10 ? 1.792   3.154  -1.702 1.00 0.00 ? 10 TRP A HD1  5  
ATOM   814  H HE1  . TRP A 1 10 ? 1.140   1.473  -3.457 1.00 0.00 ? 10 TRP A HE1  5  
ATOM   815  H HE3  . TRP A 1 10 ? -2.174  5.495  -3.750 1.00 0.00 ? 10 TRP A HE3  5  
ATOM   816  H HZ2  . TRP A 1 10 ? -0.797  1.082  -5.511 1.00 0.00 ? 10 TRP A HZ2  5  
ATOM   817  H HZ3  . TRP A 1 10 ? -3.423  4.465  -5.610 1.00 0.00 ? 10 TRP A HZ3  5  
ATOM   818  H HH2  . TRP A 1 10 ? -2.739  2.260  -6.494 1.00 0.00 ? 10 TRP A HH2  5  
ATOM   819  N N    . ARG A 1 11 ? -2.716  4.972  0.616  1.00 0.00 ? 11 ARG A N    5  
ATOM   820  C CA   . ARG A 1 11 ? -4.207  5.023  0.719  1.00 0.00 ? 11 ARG A CA   5  
ATOM   821  C C    . ARG A 1 11 ? -4.905  4.517  -0.553 1.00 0.00 ? 11 ARG A C    5  
ATOM   822  O O    . ARG A 1 11 ? -6.023  4.913  -0.827 1.00 0.00 ? 11 ARG A O    5  
ATOM   823  C CB   . ARG A 1 11 ? -4.627  6.493  1.018  1.00 0.00 ? 11 ARG A CB   5  
ATOM   824  C CG   . ARG A 1 11 ? -3.923  7.038  2.293  1.00 0.00 ? 11 ARG A CG   5  
ATOM   825  C CD   . ARG A 1 11 ? -4.281  6.201  3.545  1.00 0.00 ? 11 ARG A CD   5  
ATOM   826  N NE   . ARG A 1 11 ? -5.770  6.181  3.717  1.00 0.00 ? 11 ARG A NE   5  
ATOM   827  C CZ   . ARG A 1 11 ? -6.424  7.196  4.225  1.00 0.00 ? 11 ARG A CZ   5  
ATOM   828  N NH1  . ARG A 1 11 ? -5.794  8.276  4.607  1.00 0.00 ? 11 ARG A NH1  5  
ATOM   829  N NH2  . ARG A 1 11 ? -7.720  7.092  4.338  1.00 0.00 ? 11 ARG A NH2  5  
ATOM   830  H H    . ARG A 1 11 ? -2.210  4.569  1.349  1.00 0.00 ? 11 ARG A H    5  
ATOM   831  H HA   . ARG A 1 11 ? -4.509  4.382  1.533  1.00 0.00 ? 11 ARG A HA   5  
ATOM   832  H HB2  . ARG A 1 11 ? -4.367  7.121  0.178  1.00 0.00 ? 11 ARG A HB2  5  
ATOM   833  H HB3  . ARG A 1 11 ? -5.697  6.543  1.154  1.00 0.00 ? 11 ARG A HB3  5  
ATOM   834  H HG2  . ARG A 1 11 ? -2.852  7.024  2.150  1.00 0.00 ? 11 ARG A HG2  5  
ATOM   835  H HG3  . ARG A 1 11 ? -4.226  8.063  2.450  1.00 0.00 ? 11 ARG A HG3  5  
ATOM   836  H HD2  . ARG A 1 11 ? -3.929  5.186  3.444  1.00 0.00 ? 11 ARG A HD2  5  
ATOM   837  H HD3  . ARG A 1 11 ? -3.828  6.633  4.426  1.00 0.00 ? 11 ARG A HD3  5  
ATOM   838  H HE   . ARG A 1 11 ? -6.269  5.386  3.439  1.00 0.00 ? 11 ARG A HE   5  
ATOM   839  H HH11 . ARG A 1 11 ? -4.802  8.339  4.513  1.00 0.00 ? 11 ARG A HH11 5  
ATOM   840  H HH12 . ARG A 1 11 ? -6.309  9.041  4.995  1.00 0.00 ? 11 ARG A HH12 5  
ATOM   841  H HH21 . ARG A 1 11 ? -8.181  6.257  4.041  1.00 0.00 ? 11 ARG A HH21 5  
ATOM   842  H HH22 . ARG A 1 11 ? -8.250  7.848  4.723  1.00 0.00 ? 11 ARG A HH22 5  
ATOM   843  N N    . CYS A 1 12 ? -4.224  3.663  -1.287 1.00 0.00 ? 12 CYS A N    5  
ATOM   844  C CA   . CYS A 1 12 ? -4.811  3.097  -2.554 1.00 0.00 ? 12 CYS A CA   5  
ATOM   845  C C    . CYS A 1 12 ? -6.314  2.772  -2.465 1.00 0.00 ? 12 CYS A C    5  
ATOM   846  O O    . CYS A 1 12 ? -6.781  2.145  -1.536 1.00 0.00 ? 12 CYS A O    5  
ATOM   847  C CB   . CYS A 1 12 ? -4.074  1.824  -2.920 1.00 0.00 ? 12 CYS A CB   5  
ATOM   848  S SG   . CYS A 1 12 ? -4.058  0.490  -1.700 1.00 0.00 ? 12 CYS A SG   5  
ATOM   849  H H    . CYS A 1 12 ? -3.315  3.395  -1.005 1.00 0.00 ? 12 CYS A H    5  
ATOM   850  H HA   . CYS A 1 12 ? -4.654  3.820  -3.339 1.00 0.00 ? 12 CYS A HA   5  
ATOM   851  H HB2  . CYS A 1 12 ? -4.492  1.429  -3.835 1.00 0.00 ? 12 CYS A HB2  5  
ATOM   852  H HB3  . CYS A 1 12 ? -3.048  2.086  -3.121 1.00 0.00 ? 12 CYS A HB3  5  
HETATM 853  N N    . NH2 A 1 13 ? -7.104  3.186  -3.419 1.00 0.00 ? 13 NH2 A N    5  
HETATM 854  H HN1  . NH2 A 1 13 ? -6.737  3.694  -4.172 1.00 0.00 ? 13 NH2 A HN1  5  
HETATM 855  H HN2  . NH2 A 1 13 ? -8.063  2.989  -3.379 1.00 0.00 ? 13 NH2 A HN2  5  
ATOM   856  N N    . GLY A 1 1  ? -1.180  -5.583 -4.820 1.00 0.00 ? 1  GLY A N    6  
ATOM   857  C CA   . GLY A 1 1  ? -0.709  -4.199 -5.117 1.00 0.00 ? 1  GLY A CA   6  
ATOM   858  C C    . GLY A 1 1  ? 0.425   -3.800 -4.170 1.00 0.00 ? 1  GLY A C    6  
ATOM   859  O O    . GLY A 1 1  ? 0.968   -4.625 -3.458 1.00 0.00 ? 1  GLY A O    6  
ATOM   860  H H1   . GLY A 1 1  ? -0.360  -6.204 -4.675 1.00 0.00 ? 1  GLY A H1   6  
ATOM   861  H H2   . GLY A 1 1  ? -1.762  -5.570 -3.958 1.00 0.00 ? 1  GLY A H2   6  
ATOM   862  H H3   . GLY A 1 1  ? -1.747  -5.934 -5.618 1.00 0.00 ? 1  GLY A H3   6  
ATOM   863  H HA2  . GLY A 1 1  ? -0.351  -4.153 -6.134 1.00 0.00 ? 1  GLY A HA2  6  
ATOM   864  H HA3  . GLY A 1 1  ? -1.533  -3.513 -4.993 1.00 0.00 ? 1  GLY A HA3  6  
ATOM   865  N N    . CYS A 1 2  ? 0.750   -2.532 -4.197 1.00 0.00 ? 2  CYS A N    6  
ATOM   866  C CA   . CYS A 1 2  ? 1.838   -2.007 -3.322 1.00 0.00 ? 2  CYS A CA   6  
ATOM   867  C C    . CYS A 1 2  ? 1.197   -1.635 -1.986 1.00 0.00 ? 2  CYS A C    6  
ATOM   868  O O    . CYS A 1 2  ? 1.574   -2.181 -0.967 1.00 0.00 ? 2  CYS A O    6  
ATOM   869  C CB   . CYS A 1 2  ? 2.474   -0.791 -4.023 1.00 0.00 ? 2  CYS A CB   6  
ATOM   870  S SG   . CYS A 1 2  ? 3.991   -0.123 -3.292 1.00 0.00 ? 2  CYS A SG   6  
ATOM   871  H H    . CYS A 1 2  ? 0.275   -1.921 -4.798 1.00 0.00 ? 2  CYS A H    6  
ATOM   872  H HA   . CYS A 1 2  ? 2.582   -2.764 -3.141 1.00 0.00 ? 2  CYS A HA   6  
ATOM   873  H HB2  . CYS A 1 2  ? 2.701   -1.071 -5.041 1.00 0.00 ? 2  CYS A HB2  6  
ATOM   874  H HB3  . CYS A 1 2  ? 1.749   0.008  -4.067 1.00 0.00 ? 2  CYS A HB3  6  
ATOM   875  N N    . CYS A 1 3  ? 0.250   -0.728 -2.029 1.00 0.00 ? 3  CYS A N    6  
ATOM   876  C CA   . CYS A 1 3  ? -0.446  -0.296 -0.770 1.00 0.00 ? 3  CYS A CA   6  
ATOM   877  C C    . CYS A 1 3  ? -1.269  -1.431 -0.161 1.00 0.00 ? 3  CYS A C    6  
ATOM   878  O O    . CYS A 1 3  ? -1.643  -1.342 0.993  1.00 0.00 ? 3  CYS A O    6  
ATOM   879  C CB   . CYS A 1 3  ? -1.368  0.902  -1.063 1.00 0.00 ? 3  CYS A CB   6  
ATOM   880  S SG   . CYS A 1 3  ? -2.765  1.179  0.052  1.00 0.00 ? 3  CYS A SG   6  
ATOM   881  H H    . CYS A 1 3  ? 0.012   -0.343 -2.898 1.00 0.00 ? 3  CYS A H    6  
ATOM   882  H HA   . CYS A 1 3  ? 0.297   -0.010 -0.043 1.00 0.00 ? 3  CYS A HA   6  
ATOM   883  H HB2  . CYS A 1 3  ? -0.757  1.785  -0.986 1.00 0.00 ? 3  CYS A HB2  6  
ATOM   884  H HB3  . CYS A 1 3  ? -1.728  0.860  -2.075 1.00 0.00 ? 3  CYS A HB3  6  
ATOM   885  N N    . SER A 1 4  ? -1.530  -2.463 -0.935 1.00 0.00 ? 4  SER A N    6  
ATOM   886  C CA   . SER A 1 4  ? -2.325  -3.625 -0.407 1.00 0.00 ? 4  SER A CA   6  
ATOM   887  C C    . SER A 1 4  ? -1.586  -4.132 0.851  1.00 0.00 ? 4  SER A C    6  
ATOM   888  O O    . SER A 1 4  ? -2.162  -4.705 1.754  1.00 0.00 ? 4  SER A O    6  
ATOM   889  C CB   . SER A 1 4  ? -2.388  -4.727 -1.485 1.00 0.00 ? 4  SER A CB   6  
ATOM   890  O OG   . SER A 1 4  ? -1.034  -5.080 -1.726 1.00 0.00 ? 4  SER A OG   6  
ATOM   891  H H    . SER A 1 4  ? -1.207  -2.476 -1.860 1.00 0.00 ? 4  SER A H    6  
ATOM   892  H HA   . SER A 1 4  ? -3.316  -3.289 -0.134 1.00 0.00 ? 4  SER A HA   6  
ATOM   893  H HB2  . SER A 1 4  ? -2.929  -5.593 -1.136 1.00 0.00 ? 4  SER A HB2  6  
ATOM   894  H HB3  . SER A 1 4  ? -2.828  -4.357 -2.399 1.00 0.00 ? 4  SER A HB3  6  
ATOM   895  H HG   . SER A 1 4  ? -0.971  -5.440 -2.613 1.00 0.00 ? 4  SER A HG   6  
ATOM   896  N N    . ASP A 1 5  ? -0.302  -3.871 0.816  1.00 0.00 ? 5  ASP A N    6  
ATOM   897  C CA   . ASP A 1 5  ? 0.653   -4.230 1.896  1.00 0.00 ? 5  ASP A CA   6  
ATOM   898  C C    . ASP A 1 5  ? 1.090   -2.841 2.416  1.00 0.00 ? 5  ASP A C    6  
ATOM   899  O O    . ASP A 1 5  ? 1.296   -1.951 1.610  1.00 0.00 ? 5  ASP A O    6  
ATOM   900  C CB   . ASP A 1 5  ? 1.850   -4.973 1.303  1.00 0.00 ? 5  ASP A CB   6  
ATOM   901  C CG   . ASP A 1 5  ? 1.366   -6.125 0.409  1.00 0.00 ? 5  ASP A CG   6  
ATOM   902  O OD1  . ASP A 1 5  ? 0.921   -7.110 0.974  1.00 0.00 ? 5  ASP A OD1  6  
ATOM   903  O OD2  . ASP A 1 5  ? 1.471   -5.950 -0.795 1.00 0.00 ? 5  ASP A OD2  6  
ATOM   904  H H    . ASP A 1 5  ? 0.057   -3.411 0.029  1.00 0.00 ? 5  ASP A H    6  
ATOM   905  H HA   . ASP A 1 5  ? 0.153   -4.797 2.668  1.00 0.00 ? 5  ASP A HA   6  
ATOM   906  H HB2  . ASP A 1 5  ? 2.443   -4.293 0.711  1.00 0.00 ? 5  ASP A HB2  6  
ATOM   907  H HB3  . ASP A 1 5  ? 2.468   -5.374 2.093  1.00 0.00 ? 5  ASP A HB3  6  
ATOM   908  N N    . PRO A 1 6  ? 1.232   -2.648 3.706  1.00 0.00 ? 6  PRO A N    6  
ATOM   909  C CA   . PRO A 1 6  ? 1.518   -1.292 4.260  1.00 0.00 ? 6  PRO A CA   6  
ATOM   910  C C    . PRO A 1 6  ? 2.907   -0.765 3.873  1.00 0.00 ? 6  PRO A C    6  
ATOM   911  O O    . PRO A 1 6  ? 3.265   0.336  4.247  1.00 0.00 ? 6  PRO A O    6  
ATOM   912  C CB   . PRO A 1 6  ? 1.346   -1.436 5.775  1.00 0.00 ? 6  PRO A CB   6  
ATOM   913  C CG   . PRO A 1 6  ? 1.337   -2.947 6.083  1.00 0.00 ? 6  PRO A CG   6  
ATOM   914  C CD   . PRO A 1 6  ? 1.133   -3.702 4.757  1.00 0.00 ? 6  PRO A CD   6  
ATOM   915  H HA   . PRO A 1 6  ? 0.802   -0.605 3.826  1.00 0.00 ? 6  PRO A HA   6  
ATOM   916  H HB2  . PRO A 1 6  ? 2.151   -0.952 6.309  1.00 0.00 ? 6  PRO A HB2  6  
ATOM   917  H HB3  . PRO A 1 6  ? 0.410   -0.991 6.080  1.00 0.00 ? 6  PRO A HB3  6  
ATOM   918  H HG2  . PRO A 1 6  ? 2.276   -3.238 6.532  1.00 0.00 ? 6  PRO A HG2  6  
ATOM   919  H HG3  . PRO A 1 6  ? 0.536   -3.180 6.769  1.00 0.00 ? 6  PRO A HG3  6  
ATOM   920  H HD2  . PRO A 1 6  ? 1.902   -4.445 4.600  1.00 0.00 ? 6  PRO A HD2  6  
ATOM   921  H HD3  . PRO A 1 6  ? 0.156   -4.160 4.722  1.00 0.00 ? 6  PRO A HD3  6  
ATOM   922  N N    . ARG A 1 7  ? 3.644   -1.561 3.138  1.00 0.00 ? 7  ARG A N    6  
ATOM   923  C CA   . ARG A 1 7  ? 5.014   -1.158 2.687  1.00 0.00 ? 7  ARG A CA   6  
ATOM   924  C C    . ARG A 1 7  ? 4.903   0.173  1.917  1.00 0.00 ? 7  ARG A C    6  
ATOM   925  O O    . ARG A 1 7  ? 5.794   0.999  1.945  1.00 0.00 ? 7  ARG A O    6  
ATOM   926  C CB   . ARG A 1 7  ? 5.579   -2.281 1.777  1.00 0.00 ? 7  ARG A CB   6  
ATOM   927  C CG   . ARG A 1 7  ? 4.712   -2.431 0.493  1.00 0.00 ? 7  ARG A CG   6  
ATOM   928  C CD   . ARG A 1 7  ? 5.152   -3.653 -0.331 1.00 0.00 ? 7  ARG A CD   6  
ATOM   929  N NE   . ARG A 1 7  ? 4.880   -4.890 0.467  1.00 0.00 ? 7  ARG A NE   6  
ATOM   930  C CZ   . ARG A 1 7  ? 4.569   -6.032 -0.097 1.00 0.00 ? 7  ARG A CZ   6  
ATOM   931  N NH1  . ARG A 1 7  ? 4.483   -6.141 -1.396 1.00 0.00 ? 7  ARG A NH1  6  
ATOM   932  N NH2  . ARG A 1 7  ? 4.343   -7.053 0.682  1.00 0.00 ? 7  ARG A NH2  6  
ATOM   933  H H    . ARG A 1 7  ? 3.295   -2.438 2.875  1.00 0.00 ? 7  ARG A H    6  
ATOM   934  H HA   . ARG A 1 7  ? 5.643   -1.019 3.555  1.00 0.00 ? 7  ARG A HA   6  
ATOM   935  H HB2  . ARG A 1 7  ? 6.595   -2.039 1.501  1.00 0.00 ? 7  ARG A HB2  6  
ATOM   936  H HB3  . ARG A 1 7  ? 5.588   -3.209 2.329  1.00 0.00 ? 7  ARG A HB3  6  
ATOM   937  H HG2  . ARG A 1 7  ? 3.670   -2.529 0.758  1.00 0.00 ? 7  ARG A HG2  6  
ATOM   938  H HG3  . ARG A 1 7  ? 4.823   -1.552 -0.124 1.00 0.00 ? 7  ARG A HG3  6  
ATOM   939  H HD2  . ARG A 1 7  ? 4.587   -3.678 -1.251 1.00 0.00 ? 7  ARG A HD2  6  
ATOM   940  H HD3  . ARG A 1 7  ? 6.207   -3.604 -0.560 1.00 0.00 ? 7  ARG A HD3  6  
ATOM   941  H HE   . ARG A 1 7  ? 4.935   -4.847 1.445  1.00 0.00 ? 7  ARG A HE   6  
ATOM   942  H HH11 . ARG A 1 7  ? 4.660   -5.354 -1.985 1.00 0.00 ? 7  ARG A HH11 6  
ATOM   943  H HH12 . ARG A 1 7  ? 4.241   -7.022 -1.803 1.00 0.00 ? 7  ARG A HH12 6  
ATOM   944  H HH21 . ARG A 1 7  ? 4.410   -6.950 1.674  1.00 0.00 ? 7  ARG A HH21 6  
ATOM   945  H HH22 . ARG A 1 7  ? 4.100   -7.939 0.285  1.00 0.00 ? 7  ARG A HH22 6  
ATOM   946  N N    . CYS A 1 8  ? 3.778   0.306  1.258  1.00 0.00 ? 8  CYS A N    6  
ATOM   947  C CA   . CYS A 1 8  ? 3.451   1.510  0.444  1.00 0.00 ? 8  CYS A CA   6  
ATOM   948  C C    . CYS A 1 8  ? 2.522   2.431  1.255  1.00 0.00 ? 8  CYS A C    6  
ATOM   949  O O    . CYS A 1 8  ? 2.855   3.558  1.563  1.00 0.00 ? 8  CYS A O    6  
ATOM   950  C CB   . CYS A 1 8  ? 2.767   1.019  -0.814 1.00 0.00 ? 8  CYS A CB   6  
ATOM   951  S SG   . CYS A 1 8  ? 3.373   1.586  -2.420 1.00 0.00 ? 8  CYS A SG   6  
ATOM   952  H H    . CYS A 1 8  ? 3.114   -0.416 1.288  1.00 0.00 ? 8  CYS A H    6  
ATOM   953  H HA   . CYS A 1 8  ? 4.357   2.042  0.195  1.00 0.00 ? 8  CYS A HA   6  
ATOM   954  H HB2  . CYS A 1 8  ? 2.811   -0.058 -0.791 1.00 0.00 ? 8  CYS A HB2  6  
ATOM   955  H HB3  . CYS A 1 8  ? 1.721   1.269  -0.759 1.00 0.00 ? 8  CYS A HB3  6  
ATOM   956  N N    . ALA A 1 9  ? 1.371   1.878  1.558  1.00 0.00 ? 9  ALA A N    6  
ATOM   957  C CA   . ALA A 1 9  ? 0.299   2.568  2.339  1.00 0.00 ? 9  ALA A CA   6  
ATOM   958  C C    . ALA A 1 9  ? -0.151  3.937  1.774  1.00 0.00 ? 9  ALA A C    6  
ATOM   959  O O    . ALA A 1 9  ? -0.439  4.847  2.532  1.00 0.00 ? 9  ALA A O    6  
ATOM   960  C CB   . ALA A 1 9  ? 0.805   2.729  3.793  1.00 0.00 ? 9  ALA A CB   6  
ATOM   961  H H    . ALA A 1 9  ? 1.207   0.961  1.256  1.00 0.00 ? 9  ALA A H    6  
ATOM   962  H HA   . ALA A 1 9  ? -0.562  1.917  2.344  1.00 0.00 ? 9  ALA A HA   6  
ATOM   963  H HB1  . ALA A 1 9  ? 1.015   1.758  4.215  1.00 0.00 ? 9  ALA A HB1  6  
ATOM   964  H HB2  . ALA A 1 9  ? 1.705   3.324  3.820  1.00 0.00 ? 9  ALA A HB2  6  
ATOM   965  H HB3  . ALA A 1 9  ? 0.051   3.210  4.398  1.00 0.00 ? 9  ALA A HB3  6  
ATOM   966  N N    . TRP A 1 10 ? -0.205  4.061  0.467  1.00 0.00 ? 10 TRP A N    6  
ATOM   967  C CA   . TRP A 1 10 ? -0.641  5.363  -0.150 1.00 0.00 ? 10 TRP A CA   6  
ATOM   968  C C    . TRP A 1 10 ? -2.163  5.383  -0.357 1.00 0.00 ? 10 TRP A C    6  
ATOM   969  O O    . TRP A 1 10 ? -2.668  5.832  -1.367 1.00 0.00 ? 10 TRP A O    6  
ATOM   970  C CB   . TRP A 1 10 ? 0.087   5.580  -1.522 1.00 0.00 ? 10 TRP A CB   6  
ATOM   971  C CG   . TRP A 1 10 ? 0.007   4.329  -2.396 1.00 0.00 ? 10 TRP A CG   6  
ATOM   972  C CD1  . TRP A 1 10 ? 0.834   3.278  -2.208 1.00 0.00 ? 10 TRP A CD1  6  
ATOM   973  C CD2  . TRP A 1 10 ? -0.835  4.050  -3.435 1.00 0.00 ? 10 TRP A CD2  6  
ATOM   974  N NE1  . TRP A 1 10 ? 0.478   2.407  -3.119 1.00 0.00 ? 10 TRP A NE1  6  
ATOM   975  C CE2  . TRP A 1 10 ? -0.512  2.773  -3.905 1.00 0.00 ? 10 TRP A CE2  6  
ATOM   976  C CE3  . TRP A 1 10 ? -1.865  4.763  -4.051 1.00 0.00 ? 10 TRP A CE3  6  
ATOM   977  C CZ2  . TRP A 1 10 ? -1.210  2.215  -4.972 1.00 0.00 ? 10 TRP A CZ2  6  
ATOM   978  C CZ3  . TRP A 1 10 ? -2.562  4.205  -5.120 1.00 0.00 ? 10 TRP A CZ3  6  
ATOM   979  C CH2  . TRP A 1 10 ? -2.234  2.932  -5.580 1.00 0.00 ? 10 TRP A CH2  6  
ATOM   980  H H    . TRP A 1 10 ? 0.037   3.301  -0.100 1.00 0.00 ? 10 TRP A H    6  
ATOM   981  H HA   . TRP A 1 10 ? -0.368  6.159  0.511  1.00 0.00 ? 10 TRP A HA   6  
ATOM   982  H HB2  . TRP A 1 10 ? -0.348  6.409  -2.058 1.00 0.00 ? 10 TRP A HB2  6  
ATOM   983  H HB3  . TRP A 1 10 ? 1.129   5.804  -1.340 1.00 0.00 ? 10 TRP A HB3  6  
ATOM   984  H HD1  . TRP A 1 10 ? 1.604   3.214  -1.457 1.00 0.00 ? 10 TRP A HD1  6  
ATOM   985  H HE1  . TRP A 1 10 ? 0.919   1.538  -3.209 1.00 0.00 ? 10 TRP A HE1  6  
ATOM   986  H HE3  . TRP A 1 10 ? -2.124  5.751  -3.704 1.00 0.00 ? 10 TRP A HE3  6  
ATOM   987  H HZ2  . TRP A 1 10 ? -0.953  1.228  -5.328 1.00 0.00 ? 10 TRP A HZ2  6  
ATOM   988  H HZ3  . TRP A 1 10 ? -3.357  4.761  -5.593 1.00 0.00 ? 10 TRP A HZ3  6  
ATOM   989  H HH2  . TRP A 1 10 ? -2.777  2.501  -6.409 1.00 0.00 ? 10 TRP A HH2  6  
ATOM   990  N N    . ARG A 1 11 ? -2.850  4.881  0.642  1.00 0.00 ? 11 ARG A N    6  
ATOM   991  C CA   . ARG A 1 11 ? -4.348  4.805  0.643  1.00 0.00 ? 11 ARG A CA   6  
ATOM   992  C C    . ARG A 1 11 ? -4.875  3.970  -0.549 1.00 0.00 ? 11 ARG A C    6  
ATOM   993  O O    . ARG A 1 11 ? -6.066  3.915  -0.789 1.00 0.00 ? 11 ARG A O    6  
ATOM   994  C CB   . ARG A 1 11 ? -4.896  6.280  0.612  1.00 0.00 ? 11 ARG A CB   6  
ATOM   995  C CG   . ARG A 1 11 ? -6.440  6.375  0.752  1.00 0.00 ? 11 ARG A CG   6  
ATOM   996  C CD   . ARG A 1 11 ? -6.926  5.714  2.062  1.00 0.00 ? 11 ARG A CD   6  
ATOM   997  N NE   . ARG A 1 11 ? -8.416  5.839  2.130  1.00 0.00 ? 11 ARG A NE   6  
ATOM   998  C CZ   . ARG A 1 11 ? -9.209  5.036  1.462  1.00 0.00 ? 11 ARG A CZ   6  
ATOM   999  N NH1  . ARG A 1 11 ? -8.717  4.089  0.705  1.00 0.00 ? 11 ARG A NH1  6  
ATOM   1000 N NH2  . ARG A 1 11 ? -10.495 5.213  1.577  1.00 0.00 ? 11 ARG A NH2  6  
ATOM   1001 H H    . ARG A 1 11 ? -2.359  4.545  1.419  1.00 0.00 ? 11 ARG A H    6  
ATOM   1002 H HA   . ARG A 1 11 ? -4.646  4.315  1.558  1.00 0.00 ? 11 ARG A HA   6  
ATOM   1003 H HB2  . ARG A 1 11 ? -4.438  6.838  1.415  1.00 0.00 ? 11 ARG A HB2  6  
ATOM   1004 H HB3  . ARG A 1 11 ? -4.620  6.751  -0.318 1.00 0.00 ? 11 ARG A HB3  6  
ATOM   1005 H HG2  . ARG A 1 11 ? -6.712  7.419  0.780  1.00 0.00 ? 11 ARG A HG2  6  
ATOM   1006 H HG3  . ARG A 1 11 ? -6.933  5.935  -0.102 1.00 0.00 ? 11 ARG A HG3  6  
ATOM   1007 H HD2  . ARG A 1 11 ? -6.660  4.669  2.104  1.00 0.00 ? 11 ARG A HD2  6  
ATOM   1008 H HD3  . ARG A 1 11 ? -6.500  6.220  2.916  1.00 0.00 ? 11 ARG A HD3  6  
ATOM   1009 H HE   . ARG A 1 11 ? -8.810  6.541  2.688  1.00 0.00 ? 11 ARG A HE   6  
ATOM   1010 H HH11 . ARG A 1 11 ? -7.728  3.968  0.629  1.00 0.00 ? 11 ARG A HH11 6  
ATOM   1011 H HH12 . ARG A 1 11 ? -9.334  3.484  0.203  1.00 0.00 ? 11 ARG A HH12 6  
ATOM   1012 H HH21 . ARG A 1 11 ? -10.850 5.943  2.160  1.00 0.00 ? 11 ARG A HH21 6  
ATOM   1013 H HH22 . ARG A 1 11 ? -11.128 4.617  1.080  1.00 0.00 ? 11 ARG A HH22 6  
ATOM   1014 N N    . CYS A 1 12 ? -3.966  3.337  -1.255 1.00 0.00 ? 12 CYS A N    6  
ATOM   1015 C CA   . CYS A 1 12 ? -4.316  2.485  -2.440 1.00 0.00 ? 12 CYS A CA   6  
ATOM   1016 C C    . CYS A 1 12 ? -5.146  3.257  -3.485 1.00 0.00 ? 12 CYS A C    6  
ATOM   1017 O O    . CYS A 1 12 ? -5.808  2.688  -4.330 1.00 0.00 ? 12 CYS A O    6  
ATOM   1018 C CB   . CYS A 1 12 ? -5.095  1.244  -1.932 1.00 0.00 ? 12 CYS A CB   6  
ATOM   1019 S SG   . CYS A 1 12 ? -4.245  0.104  -0.809 1.00 0.00 ? 12 CYS A SG   6  
ATOM   1020 H H    . CYS A 1 12 ? -3.023  3.418  -1.000 1.00 0.00 ? 12 CYS A H    6  
ATOM   1021 H HA   . CYS A 1 12 ? -3.397  2.166  -2.908 1.00 0.00 ? 12 CYS A HA   6  
ATOM   1022 H HB2  . CYS A 1 12 ? -6.000  1.566  -1.442 1.00 0.00 ? 12 CYS A HB2  6  
ATOM   1023 H HB3  . CYS A 1 12 ? -5.391  0.663  -2.794 1.00 0.00 ? 12 CYS A HB3  6  
HETATM 1024 N N    . NH2 A 1 13 ? -5.134  4.562  -3.463 1.00 0.00 ? 13 NH2 A N    6  
HETATM 1025 H HN1  . NH2 A 1 13 ? -4.605  5.036  -2.788 1.00 0.00 ? 13 NH2 A HN1  6  
HETATM 1026 H HN2  . NH2 A 1 13 ? -5.654  5.068  -4.121 1.00 0.00 ? 13 NH2 A HN2  6  
ATOM   1027 N N    . GLY A 1 1  ? -1.043  -5.642 -4.702 1.00 0.00 ? 1  GLY A N    7  
ATOM   1028 C CA   . GLY A 1 1  ? -0.510  -4.288 -5.031 1.00 0.00 ? 1  GLY A CA   7  
ATOM   1029 C C    . GLY A 1 1  ? 0.527   -3.841 -3.992 1.00 0.00 ? 1  GLY A C    7  
ATOM   1030 O O    . GLY A 1 1  ? 0.796   -4.542 -3.036 1.00 0.00 ? 1  GLY A O    7  
ATOM   1031 H H1   . GLY A 1 1  ? -0.966  -5.807 -3.679 1.00 0.00 ? 1  GLY A H1   7  
ATOM   1032 H H2   . GLY A 1 1  ? -2.040  -5.700 -4.988 1.00 0.00 ? 1  GLY A H2   7  
ATOM   1033 H H3   . GLY A 1 1  ? -0.492  -6.362 -5.212 1.00 0.00 ? 1  GLY A H3   7  
ATOM   1034 H HA2  . GLY A 1 1  ? -0.045  -4.320 -6.006 1.00 0.00 ? 1  GLY A HA2  7  
ATOM   1035 H HA3  . GLY A 1 1  ? -1.327  -3.582 -5.043 1.00 0.00 ? 1  GLY A HA3  7  
ATOM   1036 N N    . CYS A 1 2  ? 1.079   -2.675 -4.221 1.00 0.00 ? 2  CYS A N    7  
ATOM   1037 C CA   . CYS A 1 2  ? 2.104   -2.126 -3.282 1.00 0.00 ? 2  CYS A CA   7  
ATOM   1038 C C    . CYS A 1 2  ? 1.382   -1.721 -1.996 1.00 0.00 ? 2  CYS A C    7  
ATOM   1039 O O    . CYS A 1 2  ? 1.682   -2.254 -0.946 1.00 0.00 ? 2  CYS A O    7  
ATOM   1040 C CB   . CYS A 1 2  ? 2.788   -0.928 -3.979 1.00 0.00 ? 2  CYS A CB   7  
ATOM   1041 S SG   . CYS A 1 2  ? 4.263   -0.243 -3.185 1.00 0.00 ? 2  CYS A SG   7  
ATOM   1042 H H    . CYS A 1 2  ? 0.818   -2.159 -5.011 1.00 0.00 ? 2  CYS A H    7  
ATOM   1043 H HA   . CYS A 1 2  ? 2.830   -2.883 -3.041 1.00 0.00 ? 2  CYS A HA   7  
ATOM   1044 H HB2  . CYS A 1 2  ? 3.071   -1.237 -4.973 1.00 0.00 ? 2  CYS A HB2  7  
ATOM   1045 H HB3  . CYS A 1 2  ? 2.069   -0.130 -4.086 1.00 0.00 ? 2  CYS A HB3  7  
ATOM   1046 N N    . CYS A 1 3  ? 0.454   -0.802 -2.115 1.00 0.00 ? 3  CYS A N    7  
ATOM   1047 C CA   . CYS A 1 3  ? -0.325  -0.332 -0.920 1.00 0.00 ? 3  CYS A CA   7  
ATOM   1048 C C    . CYS A 1 3  ? -1.204  -1.443 -0.342 1.00 0.00 ? 3  CYS A C    7  
ATOM   1049 O O    . CYS A 1 3  ? -1.683  -1.315 0.769  1.00 0.00 ? 3  CYS A O    7  
ATOM   1050 C CB   . CYS A 1 3  ? -1.185  0.857  -1.327 1.00 0.00 ? 3  CYS A CB   7  
ATOM   1051 S SG   . CYS A 1 3  ? -2.706  1.204  -0.416 1.00 0.00 ? 3  CYS A SG   7  
ATOM   1052 H H    . CYS A 1 3  ? 0.282   -0.426 -3.003 1.00 0.00 ? 3  CYS A H    7  
ATOM   1053 H HA   . CYS A 1 3  ? 0.348   -0.002 -0.149 1.00 0.00 ? 3  CYS A HA   7  
ATOM   1054 H HB2  . CYS A 1 3  ? -0.587  1.740  -1.205 1.00 0.00 ? 3  CYS A HB2  7  
ATOM   1055 H HB3  . CYS A 1 3  ? -1.423  0.791  -2.372 1.00 0.00 ? 3  CYS A HB3  7  
ATOM   1056 N N    . SER A 1 4  ? -1.393  -2.499 -1.104 1.00 0.00 ? 4  SER A N    7  
ATOM   1057 C CA   . SER A 1 4  ? -2.231  -3.650 -0.625 1.00 0.00 ? 4  SER A CA   7  
ATOM   1058 C C    . SER A 1 4  ? -1.588  -4.144 0.689  1.00 0.00 ? 4  SER A C    7  
ATOM   1059 O O    . SER A 1 4  ? -2.234  -4.716 1.546  1.00 0.00 ? 4  SER A O    7  
ATOM   1060 C CB   . SER A 1 4  ? -2.212  -4.760 -1.686 1.00 0.00 ? 4  SER A CB   7  
ATOM   1061 O OG   . SER A 1 4  ? -3.069  -5.764 -1.162 1.00 0.00 ? 4  SER A OG   7  
ATOM   1062 H H    . SER A 1 4  ? -0.983  -2.536 -1.994 1.00 0.00 ? 4  SER A H    7  
ATOM   1063 H HA   . SER A 1 4  ? -3.236  -3.304 -0.431 1.00 0.00 ? 4  SER A HA   7  
ATOM   1064 H HB2  . SER A 1 4  ? -2.598  -4.413 -2.632 1.00 0.00 ? 4  SER A HB2  7  
ATOM   1065 H HB3  . SER A 1 4  ? -1.223  -5.172 -1.814 1.00 0.00 ? 4  SER A HB3  7  
ATOM   1066 H HG   . SER A 1 4  ? -2.642  -6.147 -0.393 1.00 0.00 ? 4  SER A HG   7  
ATOM   1067 N N    . ASP A 1 5  ? -0.308  -3.879 0.759  1.00 0.00 ? 5  ASP A N    7  
ATOM   1068 C CA   . ASP A 1 5  ? 0.555   -4.234 1.917  1.00 0.00 ? 5  ASP A CA   7  
ATOM   1069 C C    . ASP A 1 5  ? 1.051   -2.857 2.411  1.00 0.00 ? 5  ASP A C    7  
ATOM   1070 O O    . ASP A 1 5  ? 1.344   -2.005 1.594  1.00 0.00 ? 5  ASP A O    7  
ATOM   1071 C CB   . ASP A 1 5  ? 1.719   -5.099 1.421  1.00 0.00 ? 5  ASP A CB   7  
ATOM   1072 C CG   . ASP A 1 5  ? 1.149   -6.309 0.662  1.00 0.00 ? 5  ASP A CG   7  
ATOM   1073 O OD1  . ASP A 1 5  ? 0.968   -6.158 -0.538 1.00 0.00 ? 5  ASP A OD1  7  
ATOM   1074 O OD2  . ASP A 1 5  ? 0.924   -7.312 1.320  1.00 0.00 ? 5  ASP A OD2  7  
ATOM   1075 H H    . ASP A 1 5  ? 0.113   -3.419 0.003  1.00 0.00 ? 5  ASP A H    7  
ATOM   1076 H HA   . ASP A 1 5  ? -0.030  -4.729 2.678  1.00 0.00 ? 5  ASP A HA   7  
ATOM   1077 H HB2  . ASP A 1 5  ? 2.356   -4.533 0.756  1.00 0.00 ? 5  ASP A HB2  7  
ATOM   1078 H HB3  . ASP A 1 5  ? 2.311   -5.445 2.257  1.00 0.00 ? 5  ASP A HB3  7  
ATOM   1079 N N    . PRO A 1 6  ? 1.142   -2.637 3.703  1.00 0.00 ? 6  PRO A N    7  
ATOM   1080 C CA   . PRO A 1 6  ? 1.415   -1.270 4.239  1.00 0.00 ? 6  PRO A CA   7  
ATOM   1081 C C    . PRO A 1 6  ? 2.819   -0.754 3.900  1.00 0.00 ? 6  PRO A C    7  
ATOM   1082 O O    . PRO A 1 6  ? 3.154   0.361  4.250  1.00 0.00 ? 6  PRO A O    7  
ATOM   1083 C CB   . PRO A 1 6  ? 1.179   -1.380 5.747  1.00 0.00 ? 6  PRO A CB   7  
ATOM   1084 C CG   . PRO A 1 6  ? 1.162   -2.885 6.089  1.00 0.00 ? 6  PRO A CG   7  
ATOM   1085 C CD   . PRO A 1 6  ? 0.998   -3.667 4.773  1.00 0.00 ? 6  PRO A CD   7  
ATOM   1086 H HA   . PRO A 1 6  ? 0.720   -0.592 3.759  1.00 0.00 ? 6  PRO A HA   7  
ATOM   1087 H HB2  . PRO A 1 6  ? 1.961   -0.882 6.304  1.00 0.00 ? 6  PRO A HB2  7  
ATOM   1088 H HB3  . PRO A 1 6  ? 0.229   -0.934 6.004  1.00 0.00 ? 6  PRO A HB3  7  
ATOM   1089 H HG2  . PRO A 1 6  ? 2.087   -3.164 6.570  1.00 0.00 ? 6  PRO A HG2  7  
ATOM   1090 H HG3  . PRO A 1 6  ? 0.341   -3.103 6.756  1.00 0.00 ? 6  PRO A HG3  7  
ATOM   1091 H HD2  . PRO A 1 6  ? 1.764   -4.419 4.659  1.00 0.00 ? 6  PRO A HD2  7  
ATOM   1092 H HD3  . PRO A 1 6  ? 0.017   -4.117 4.716  1.00 0.00 ? 6  PRO A HD3  7  
ATOM   1093 N N    . ARG A 1 7  ? 3.593   -1.576 3.233  1.00 0.00 ? 7  ARG A N    7  
ATOM   1094 C CA   . ARG A 1 7  ? 4.982   -1.181 2.838  1.00 0.00 ? 7  ARG A CA   7  
ATOM   1095 C C    . ARG A 1 7  ? 4.911   0.128  2.028  1.00 0.00 ? 7  ARG A C    7  
ATOM   1096 O O    . ARG A 1 7  ? 5.814   0.942  2.058  1.00 0.00 ? 7  ARG A O    7  
ATOM   1097 C CB   . ARG A 1 7  ? 5.593   -2.323 1.987  1.00 0.00 ? 7  ARG A CB   7  
ATOM   1098 C CG   . ARG A 1 7  ? 4.726   -2.595 0.724  1.00 0.00 ? 7  ARG A CG   7  
ATOM   1099 C CD   . ARG A 1 7  ? 5.261   -3.808 -0.061 1.00 0.00 ? 7  ARG A CD   7  
ATOM   1100 N NE   . ARG A 1 7  ? 6.643   -3.504 -0.560 1.00 0.00 ? 7  ARG A NE   7  
ATOM   1101 C CZ   . ARG A 1 7  ? 7.724   -3.897 0.068  1.00 0.00 ? 7  ARG A CZ   7  
ATOM   1102 N NH1  . ARG A 1 7  ? 7.651   -4.581 1.178  1.00 0.00 ? 7  ARG A NH1  7  
ATOM   1103 N NH2  . ARG A 1 7  ? 8.877   -3.581 -0.453 1.00 0.00 ? 7  ARG A NH2  7  
ATOM   1104 H H    . ARG A 1 7  ? 3.260   -2.463 2.990  1.00 0.00 ? 7  ARG A H    7  
ATOM   1105 H HA   . ARG A 1 7  ? 5.570   -1.017 3.729  1.00 0.00 ? 7  ARG A HA   7  
ATOM   1106 H HB2  . ARG A 1 7  ? 6.592   -2.042 1.693  1.00 0.00 ? 7  ARG A HB2  7  
ATOM   1107 H HB3  . ARG A 1 7  ? 5.652   -3.219 2.588  1.00 0.00 ? 7  ARG A HB3  7  
ATOM   1108 H HG2  . ARG A 1 7  ? 3.704   -2.785 1.011  1.00 0.00 ? 7  ARG A HG2  7  
ATOM   1109 H HG3  . ARG A 1 7  ? 4.742   -1.732 0.073  1.00 0.00 ? 7  ARG A HG3  7  
ATOM   1110 H HD2  . ARG A 1 7  ? 5.271   -4.696 0.554  1.00 0.00 ? 7  ARG A HD2  7  
ATOM   1111 H HD3  . ARG A 1 7  ? 4.625   -3.990 -0.915 1.00 0.00 ? 7  ARG A HD3  7  
ATOM   1112 H HE   . ARG A 1 7  ? 6.740   -2.992 -1.389 1.00 0.00 ? 7  ARG A HE   7  
ATOM   1113 H HH11 . ARG A 1 7  ? 6.764   -4.815 1.574  1.00 0.00 ? 7  ARG A HH11 7  
ATOM   1114 H HH12 . ARG A 1 7  ? 8.491   -4.870 1.638  1.00 0.00 ? 7  ARG A HH12 7  
ATOM   1115 H HH21 . ARG A 1 7  ? 8.914   -3.057 -1.304 1.00 0.00 ? 7  ARG A HH21 7  
ATOM   1116 H HH22 . ARG A 1 7  ? 9.723   -3.863 -0.003 1.00 0.00 ? 7  ARG A HH22 7  
ATOM   1117 N N    . CYS A 1 8  ? 3.809   0.259  1.333  1.00 0.00 ? 8  CYS A N    7  
ATOM   1118 C CA   . CYS A 1 8  ? 3.521   1.445  0.477  1.00 0.00 ? 8  CYS A CA   7  
ATOM   1119 C C    . CYS A 1 8  ? 2.537   2.356  1.227  1.00 0.00 ? 8  CYS A C    7  
ATOM   1120 O O    . CYS A 1 8  ? 2.830   3.496  1.535  1.00 0.00 ? 8  CYS A O    7  
ATOM   1121 C CB   . CYS A 1 8  ? 2.906   0.940  -0.809 1.00 0.00 ? 8  CYS A CB   7  
ATOM   1122 S SG   . CYS A 1 8  ? 3.594   1.485  -2.388 1.00 0.00 ? 8  CYS A SG   7  
ATOM   1123 H H    . CYS A 1 8  ? 3.135   -0.455 1.363  1.00 0.00 ? 8  CYS A H    7  
ATOM   1124 H HA   . CYS A 1 8  ? 4.433   1.987  0.273  1.00 0.00 ? 8  CYS A HA   7  
ATOM   1125 H HB2  . CYS A 1 8  ? 2.949   -0.136 -0.772 1.00 0.00 ? 8  CYS A HB2  7  
ATOM   1126 H HB3  . CYS A 1 8  ? 1.860   1.197  -0.816 1.00 0.00 ? 8  CYS A HB3  7  
ATOM   1127 N N    . ALA A 1 9  ? 1.387   1.781  1.484  1.00 0.00 ? 9  ALA A N    7  
ATOM   1128 C CA   . ALA A 1 9  ? 0.266   2.459  2.201  1.00 0.00 ? 9  ALA A CA   7  
ATOM   1129 C C    . ALA A 1 9  ? -0.117  3.841  1.628  1.00 0.00 ? 9  ALA A C    7  
ATOM   1130 O O    . ALA A 1 9  ? -0.346  4.770  2.382  1.00 0.00 ? 9  ALA A O    7  
ATOM   1131 C CB   . ALA A 1 9  ? 0.663   2.586  3.690  1.00 0.00 ? 9  ALA A CB   7  
ATOM   1132 H H    . ALA A 1 9  ? 1.259   0.855  1.191  1.00 0.00 ? 9  ALA A H    7  
ATOM   1133 H HA   . ALA A 1 9  ? -0.602  1.820  2.130  1.00 0.00 ? 9  ALA A HA   7  
ATOM   1134 H HB1  . ALA A 1 9  ? 0.835   1.607  4.109  1.00 0.00 ? 9  ALA A HB1  7  
ATOM   1135 H HB2  . ALA A 1 9  ? 1.562   3.175  3.791  1.00 0.00 ? 9  ALA A HB2  7  
ATOM   1136 H HB3  . ALA A 1 9  ? -0.132  3.063  4.245  1.00 0.00 ? 9  ALA A HB3  7  
ATOM   1137 N N    . TRP A 1 10 ? -0.183  3.956  0.320  1.00 0.00 ? 10 TRP A N    7  
ATOM   1138 C CA   . TRP A 1 10 ? -0.558  5.281  -0.283 1.00 0.00 ? 10 TRP A CA   7  
ATOM   1139 C C    . TRP A 1 10 ? -2.073  5.454  -0.407 1.00 0.00 ? 10 TRP A C    7  
ATOM   1140 O O    . TRP A 1 10 ? -2.590  5.994  -1.367 1.00 0.00 ? 10 TRP A O    7  
ATOM   1141 C CB   . TRP A 1 10 ? 0.111   5.442  -1.681 1.00 0.00 ? 10 TRP A CB   7  
ATOM   1142 C CG   . TRP A 1 10 ? 0.073   4.193  -2.556 1.00 0.00 ? 10 TRP A CG   7  
ATOM   1143 C CD1  . TRP A 1 10 ? 0.968   3.186  -2.413 1.00 0.00 ? 10 TRP A CD1  7  
ATOM   1144 C CD2  . TRP A 1 10 ? -0.784  3.885  -3.571 1.00 0.00 ? 10 TRP A CD2  7  
ATOM   1145 N NE1  . TRP A 1 10 ? 0.630   2.315  -3.333 1.00 0.00 ? 10 TRP A NE1  7  
ATOM   1146 C CE2  . TRP A 1 10 ? -0.405  2.639  -4.079 1.00 0.00 ? 10 TRP A CE2  7  
ATOM   1147 C CE3  . TRP A 1 10 ? -1.871  4.553  -4.133 1.00 0.00 ? 10 TRP A CE3  7  
ATOM   1148 C CZ2  . TRP A 1 10 ? -1.106  2.066  -5.137 1.00 0.00 ? 10 TRP A CZ2  7  
ATOM   1149 C CZ3  . TRP A 1 10 ? -2.573  3.982  -5.192 1.00 0.00 ? 10 TRP A CZ3  7  
ATOM   1150 C CH2  . TRP A 1 10 ? -2.192  2.740  -5.694 1.00 0.00 ? 10 TRP A CH2  7  
ATOM   1151 H H    . TRP A 1 10 ? 0.012   3.187  -0.253 1.00 0.00 ? 10 TRP A H    7  
ATOM   1152 H HA   . TRP A 1 10 ? -0.174  6.052  0.353  1.00 0.00 ? 10 TRP A HA   7  
ATOM   1153 H HB2  . TRP A 1 10 ? -0.325  6.265  -2.228 1.00 0.00 ? 10 TRP A HB2  7  
ATOM   1154 H HB3  . TRP A 1 10 ? 1.143   5.674  -1.504 1.00 0.00 ? 10 TRP A HB3  7  
ATOM   1155 H HD1  . TRP A 1 10 ? 1.768   3.145  -1.691 1.00 0.00 ? 10 TRP A HD1  7  
ATOM   1156 H HE1  . TRP A 1 10 ? 1.118   1.475  -3.455 1.00 0.00 ? 10 TRP A HE1  7  
ATOM   1157 H HE3  . TRP A 1 10 ? -2.172  5.517  -3.751 1.00 0.00 ? 10 TRP A HE3  7  
ATOM   1158 H HZ2  . TRP A 1 10 ? -0.809  1.104  -5.523 1.00 0.00 ? 10 TRP A HZ2  7  
ATOM   1159 H HZ3  . TRP A 1 10 ? -3.415  4.502  -5.625 1.00 0.00 ? 10 TRP A HZ3  7  
ATOM   1160 H HH2  . TRP A 1 10 ? -2.737  2.297  -6.514 1.00 0.00 ? 10 TRP A HH2  7  
ATOM   1161 N N    . ARG A 1 11 ? -2.734  4.976  0.620  1.00 0.00 ? 11 ARG A N    7  
ATOM   1162 C CA   . ARG A 1 11 ? -4.223  5.033  0.727  1.00 0.00 ? 11 ARG A CA   7  
ATOM   1163 C C    . ARG A 1 11 ? -4.902  4.540  -0.569 1.00 0.00 ? 11 ARG A C    7  
ATOM   1164 O O    . ARG A 1 11 ? -6.001  4.955  -0.883 1.00 0.00 ? 11 ARG A O    7  
ATOM   1165 C CB   . ARG A 1 11 ? -4.602  6.507  1.059  1.00 0.00 ? 11 ARG A CB   7  
ATOM   1166 C CG   . ARG A 1 11 ? -6.060  6.614  1.581  1.00 0.00 ? 11 ARG A CG   7  
ATOM   1167 C CD   . ARG A 1 11 ? -6.377  8.080  1.932  1.00 0.00 ? 11 ARG A CD   7  
ATOM   1168 N NE   . ARG A 1 11 ? -6.268  8.904  0.688  1.00 0.00 ? 11 ARG A NE   7  
ATOM   1169 C CZ   . ARG A 1 11 ? -6.421  10.204 0.711  1.00 0.00 ? 11 ARG A CZ   7  
ATOM   1170 N NH1  . ARG A 1 11 ? -6.677  10.824 1.834  1.00 0.00 ? 11 ARG A NH1  7  
ATOM   1171 N NH2  . ARG A 1 11 ? -6.313  10.855 -0.414 1.00 0.00 ? 11 ARG A NH2  7  
ATOM   1172 H H    . ARG A 1 11 ? -2.226  4.565  1.347  1.00 0.00 ? 11 ARG A H    7  
ATOM   1173 H HA   . ARG A 1 11 ? -4.525  4.384  1.536  1.00 0.00 ? 11 ARG A HA   7  
ATOM   1174 H HB2  . ARG A 1 11 ? -3.927  6.884  1.814  1.00 0.00 ? 11 ARG A HB2  7  
ATOM   1175 H HB3  . ARG A 1 11 ? -4.488  7.114  0.171  1.00 0.00 ? 11 ARG A HB3  7  
ATOM   1176 H HG2  . ARG A 1 11 ? -6.768  6.280  0.840  1.00 0.00 ? 11 ARG A HG2  7  
ATOM   1177 H HG3  . ARG A 1 11 ? -6.175  6.003  2.464  1.00 0.00 ? 11 ARG A HG3  7  
ATOM   1178 H HD2  . ARG A 1 11 ? -7.381  8.162  2.321  1.00 0.00 ? 11 ARG A HD2  7  
ATOM   1179 H HD3  . ARG A 1 11 ? -5.677  8.453  2.667  1.00 0.00 ? 11 ARG A HD3  7  
ATOM   1180 H HE   . ARG A 1 11 ? -6.077  8.461  -0.166 1.00 0.00 ? 11 ARG A HE   7  
ATOM   1181 H HH11 . ARG A 1 11 ? -6.758  10.308 2.685  1.00 0.00 ? 11 ARG A HH11 7  
ATOM   1182 H HH12 . ARG A 1 11 ? -6.792  11.817 1.839  1.00 0.00 ? 11 ARG A HH12 7  
ATOM   1183 H HH21 . ARG A 1 11 ? -6.117  10.359 -1.259 1.00 0.00 ? 11 ARG A HH21 7  
ATOM   1184 H HH22 . ARG A 1 11 ? -6.425  11.848 -0.429 1.00 0.00 ? 11 ARG A HH22 7  
ATOM   1185 N N    . CYS A 1 12 ? -4.222  3.671  -1.285 1.00 0.00 ? 12 CYS A N    7  
ATOM   1186 C CA   . CYS A 1 12 ? -4.790  3.120  -2.567 1.00 0.00 ? 12 CYS A CA   7  
ATOM   1187 C C    . CYS A 1 12 ? -6.294  2.795  -2.497 1.00 0.00 ? 12 CYS A C    7  
ATOM   1188 O O    . CYS A 1 12 ? -6.774  2.175  -1.570 1.00 0.00 ? 12 CYS A O    7  
ATOM   1189 C CB   . CYS A 1 12 ? -4.051  1.850  -2.938 1.00 0.00 ? 12 CYS A CB   7  
ATOM   1190 S SG   . CYS A 1 12 ? -4.057  0.499  -1.736 1.00 0.00 ? 12 CYS A SG   7  
ATOM   1191 H H    . CYS A 1 12 ? -3.324  3.384  -0.984 1.00 0.00 ? 12 CYS A H    7  
ATOM   1192 H HA   . CYS A 1 12 ? -4.625  3.853  -3.341 1.00 0.00 ? 12 CYS A HA   7  
ATOM   1193 H HB2  . CYS A 1 12 ? -4.455  1.467  -3.864 1.00 0.00 ? 12 CYS A HB2  7  
ATOM   1194 H HB3  . CYS A 1 12 ? -3.022  2.112  -3.118 1.00 0.00 ? 12 CYS A HB3  7  
HETATM 1195 N N    . NH2 A 1 13 ? -7.070  3.202  -3.465 1.00 0.00 ? 13 NH2 A N    7  
HETATM 1196 H HN1  . NH2 A 1 13 ? -6.692  3.703  -4.218 1.00 0.00 ? 13 NH2 A HN1  7  
HETATM 1197 H HN2  . NH2 A 1 13 ? -8.030  3.006  -3.437 1.00 0.00 ? 13 NH2 A HN2  7  
ATOM   1198 N N    . GLY A 1 1  ? -1.289  -5.524 -4.783 1.00 0.00 ? 1  GLY A N    8  
ATOM   1199 C CA   . GLY A 1 1  ? -0.831  -4.132 -5.052 1.00 0.00 ? 1  GLY A CA   8  
ATOM   1200 C C    . GLY A 1 1  ? 0.254   -3.710 -4.054 1.00 0.00 ? 1  GLY A C    8  
ATOM   1201 O O    . GLY A 1 1  ? 0.618   -4.458 -3.167 1.00 0.00 ? 1  GLY A O    8  
ATOM   1202 H H1   . GLY A 1 1  ? -1.404  -5.660 -3.759 1.00 0.00 ? 1  GLY A H1   8  
ATOM   1203 H H2   . GLY A 1 1  ? -2.200  -5.687 -5.258 1.00 0.00 ? 1  GLY A H2   8  
ATOM   1204 H H3   . GLY A 1 1  ? -0.583  -6.195 -5.142 1.00 0.00 ? 1  GLY A H3   8  
ATOM   1205 H HA2  . GLY A 1 1  ? -0.431  -4.080 -6.053 1.00 0.00 ? 1  GLY A HA2  8  
ATOM   1206 H HA3  . GLY A 1 1  ? -1.674  -3.461 -4.965 1.00 0.00 ? 1  GLY A HA3  8  
ATOM   1207 N N    . CYS A 1 2  ? 0.738   -2.507 -4.239 1.00 0.00 ? 2  CYS A N    8  
ATOM   1208 C CA   . CYS A 1 2  ? 1.802   -1.966 -3.340 1.00 0.00 ? 2  CYS A CA   8  
ATOM   1209 C C    . CYS A 1 2  ? 1.161   -1.623 -1.999 1.00 0.00 ? 2  CYS A C    8  
ATOM   1210 O O    . CYS A 1 2  ? 1.546   -2.190 -0.995 1.00 0.00 ? 2  CYS A O    8  
ATOM   1211 C CB   . CYS A 1 2  ? 2.416   -0.741 -4.039 1.00 0.00 ? 2  CYS A CB   8  
ATOM   1212 S SG   . CYS A 1 2  ? 3.940   -0.069 -3.333 1.00 0.00 ? 2  CYS A SG   8  
ATOM   1213 H H    . CYS A 1 2  ? 0.400   -1.954 -4.973 1.00 0.00 ? 2  CYS A H    8  
ATOM   1214 H HA   . CYS A 1 2  ? 2.556   -2.705 -3.158 1.00 0.00 ? 2  CYS A HA   8  
ATOM   1215 H HB2  . CYS A 1 2  ? 2.625   -1.014 -5.062 1.00 0.00 ? 2  CYS A HB2  8  
ATOM   1216 H HB3  . CYS A 1 2  ? 1.683   0.052  -4.065 1.00 0.00 ? 2  CYS A HB3  8  
ATOM   1217 N N    . CYS A 1 3  ? 0.209   -0.722 -2.014 1.00 0.00 ? 3  CYS A N    8  
ATOM   1218 C CA   . CYS A 1 3  ? -0.482  -0.331 -0.738 1.00 0.00 ? 3  CYS A CA   8  
ATOM   1219 C C    . CYS A 1 3  ? -1.277  -1.503 -0.156 1.00 0.00 ? 3  CYS A C    8  
ATOM   1220 O O    . CYS A 1 3  ? -1.698  -1.437 0.984  1.00 0.00 ? 3  CYS A O    8  
ATOM   1221 C CB   . CYS A 1 3  ? -1.420  0.865  -1.009 1.00 0.00 ? 3  CYS A CB   8  
ATOM   1222 S SG   . CYS A 1 3  ? -2.840  1.113  0.087  1.00 0.00 ? 3  CYS A SG   8  
ATOM   1223 H H    . CYS A 1 3  ? -0.037  -0.314 -2.870 1.00 0.00 ? 3  CYS A H    8  
ATOM   1224 H HA   . CYS A 1 3  ? 0.261   -0.051 -0.009 1.00 0.00 ? 3  CYS A HA   8  
ATOM   1225 H HB2  . CYS A 1 3  ? -0.818  1.750  -0.898 1.00 0.00 ? 3  CYS A HB2  8  
ATOM   1226 H HB3  . CYS A 1 3  ? -1.760  0.846  -2.027 1.00 0.00 ? 3  CYS A HB3  8  
ATOM   1227 N N    . SER A 1 4  ? -1.464  -2.541 -0.942 1.00 0.00 ? 4  SER A N    8  
ATOM   1228 C CA   . SER A 1 4  ? -2.223  -3.744 -0.458 1.00 0.00 ? 4  SER A CA   8  
ATOM   1229 C C    . SER A 1 4  ? -1.476  -4.261 0.790  1.00 0.00 ? 4  SER A C    8  
ATOM   1230 O O    . SER A 1 4  ? -2.041  -4.884 1.668  1.00 0.00 ? 4  SER A O    8  
ATOM   1231 C CB   . SER A 1 4  ? -2.230  -4.812 -1.563 1.00 0.00 ? 4  SER A CB   8  
ATOM   1232 O OG   . SER A 1 4  ? -3.004  -5.877 -1.025 1.00 0.00 ? 4  SER A OG   8  
ATOM   1233 H H    . SER A 1 4  ? -1.104  -2.532 -1.854 1.00 0.00 ? 4  SER A H    8  
ATOM   1234 H HA   . SER A 1 4  ? -3.227  -3.450 -0.183 1.00 0.00 ? 4  SER A HA   8  
ATOM   1235 H HB2  . SER A 1 4  ? -2.701  -4.446 -2.464 1.00 0.00 ? 4  SER A HB2  8  
ATOM   1236 H HB3  . SER A 1 4  ? -1.236  -5.171 -1.778 1.00 0.00 ? 4  SER A HB3  8  
ATOM   1237 H HG   . SER A 1 4  ? -3.774  -5.503 -0.595 1.00 0.00 ? 4  SER A HG   8  
ATOM   1238 N N    . ASP A 1 5  ? -0.203  -3.953 0.782  1.00 0.00 ? 5  ASP A N    8  
ATOM   1239 C CA   . ASP A 1 5  ? 0.749   -4.317 1.864  1.00 0.00 ? 5  ASP A CA   8  
ATOM   1240 C C    . ASP A 1 5  ? 1.197   -2.935 2.391  1.00 0.00 ? 5  ASP A C    8  
ATOM   1241 O O    . ASP A 1 5  ? 1.464   -2.060 1.591  1.00 0.00 ? 5  ASP A O    8  
ATOM   1242 C CB   . ASP A 1 5  ? 1.931   -5.077 1.263  1.00 0.00 ? 5  ASP A CB   8  
ATOM   1243 C CG   . ASP A 1 5  ? 1.412   -6.271 0.446  1.00 0.00 ? 5  ASP A CG   8  
ATOM   1244 O OD1  . ASP A 1 5  ? 1.205   -7.305 1.062  1.00 0.00 ? 5  ASP A OD1  8  
ATOM   1245 O OD2  . ASP A 1 5  ? 1.250   -6.074 -0.748 1.00 0.00 ? 5  ASP A OD2  8  
ATOM   1246 H H    . ASP A 1 5  ? 0.149   -3.454 0.016  1.00 0.00 ? 5  ASP A H    8  
ATOM   1247 H HA   . ASP A 1 5  ? 0.242   -4.883 2.632  1.00 0.00 ? 5  ASP A HA   8  
ATOM   1248 H HB2  . ASP A 1 5  ? 2.481   -4.420 0.608  1.00 0.00 ? 5  ASP A HB2  8  
ATOM   1249 H HB3  . ASP A 1 5  ? 2.593   -5.431 2.039  1.00 0.00 ? 5  ASP A HB3  8  
ATOM   1250 N N    . PRO A 1 6  ? 1.277   -2.741 3.687  1.00 0.00 ? 6  PRO A N    8  
ATOM   1251 C CA   . PRO A 1 6  ? 1.472   -1.374 4.258  1.00 0.00 ? 6  PRO A CA   8  
ATOM   1252 C C    . PRO A 1 6  ? 2.833   -0.757 3.914  1.00 0.00 ? 6  PRO A C    8  
ATOM   1253 O O    . PRO A 1 6  ? 3.094   0.377  4.269  1.00 0.00 ? 6  PRO A O    8  
ATOM   1254 C CB   . PRO A 1 6  ? 1.268   -1.542 5.767  1.00 0.00 ? 6  PRO A CB   8  
ATOM   1255 C CG   . PRO A 1 6  ? 1.356   -3.052 6.063  1.00 0.00 ? 6  PRO A CG   8  
ATOM   1256 C CD   . PRO A 1 6  ? 1.193   -3.804 4.731  1.00 0.00 ? 6  PRO A CD   8  
ATOM   1257 H HA   . PRO A 1 6  ? 0.729   -0.728 3.809  1.00 0.00 ? 6  PRO A HA   8  
ATOM   1258 H HB2  . PRO A 1 6  ? 2.024   -1.009 6.327  1.00 0.00 ? 6  PRO A HB2  8  
ATOM   1259 H HB3  . PRO A 1 6  ? 0.295   -1.167 6.050  1.00 0.00 ? 6  PRO A HB3  8  
ATOM   1260 H HG2  . PRO A 1 6  ? 2.314   -3.287 6.504  1.00 0.00 ? 6  PRO A HG2  8  
ATOM   1261 H HG3  . PRO A 1 6  ? 0.575   -3.343 6.751  1.00 0.00 ? 6  PRO A HG3  8  
ATOM   1262 H HD2  . PRO A 1 6  ? 1.983   -4.525 4.581  1.00 0.00 ? 6  PRO A HD2  8  
ATOM   1263 H HD3  . PRO A 1 6  ? 0.229   -4.289 4.681  1.00 0.00 ? 6  PRO A HD3  8  
ATOM   1264 N N    . ARG A 1 7  ? 3.656   -1.517 3.236  1.00 0.00 ? 7  ARG A N    8  
ATOM   1265 C CA   . ARG A 1 7  ? 5.009   -1.022 2.835  1.00 0.00 ? 7  ARG A CA   8  
ATOM   1266 C C    . ARG A 1 7  ? 4.850   0.260  1.999  1.00 0.00 ? 7  ARG A C    8  
ATOM   1267 O O    . ARG A 1 7  ? 5.704   1.125  2.017  1.00 0.00 ? 7  ARG A O    8  
ATOM   1268 C CB   . ARG A 1 7  ? 5.715   -2.141 2.029  1.00 0.00 ? 7  ARG A CB   8  
ATOM   1269 C CG   . ARG A 1 7  ? 4.835   -2.655 0.855  1.00 0.00 ? 7  ARG A CG   8  
ATOM   1270 C CD   . ARG A 1 7  ? 5.505   -3.914 0.261  1.00 0.00 ? 7  ARG A CD   8  
ATOM   1271 N NE   . ARG A 1 7  ? 4.536   -4.610 -0.642 1.00 0.00 ? 7  ARG A NE   8  
ATOM   1272 C CZ   . ARG A 1 7  ? 4.267   -4.184 -1.849 1.00 0.00 ? 7  ARG A CZ   8  
ATOM   1273 N NH1  . ARG A 1 7  ? 4.843   -3.112 -2.323 1.00 0.00 ? 7  ARG A NH1  8  
ATOM   1274 N NH2  . ARG A 1 7  ? 3.409   -4.871 -2.552 1.00 0.00 ? 7  ARG A NH2  8  
ATOM   1275 H H    . ARG A 1 7  ? 3.383   -2.424 2.988  1.00 0.00 ? 7  ARG A H    8  
ATOM   1276 H HA   . ARG A 1 7  ? 5.574   -0.791 3.727  1.00 0.00 ? 7  ARG A HA   8  
ATOM   1277 H HB2  . ARG A 1 7  ? 6.647   -1.760 1.636  1.00 0.00 ? 7  ARG A HB2  8  
ATOM   1278 H HB3  . ARG A 1 7  ? 5.940   -2.958 2.699  1.00 0.00 ? 7  ARG A HB3  8  
ATOM   1279 H HG2  . ARG A 1 7  ? 3.836   -2.895 1.181  1.00 0.00 ? 7  ARG A HG2  8  
ATOM   1280 H HG3  . ARG A 1 7  ? 4.770   -1.893 0.092  1.00 0.00 ? 7  ARG A HG3  8  
ATOM   1281 H HD2  . ARG A 1 7  ? 6.392   -3.650 -0.297 1.00 0.00 ? 7  ARG A HD2  8  
ATOM   1282 H HD3  . ARG A 1 7  ? 5.779   -4.599 1.052  1.00 0.00 ? 7  ARG A HD3  8  
ATOM   1283 H HE   . ARG A 1 7  ? 4.084   -5.418 -0.319 1.00 0.00 ? 7  ARG A HE   8  
ATOM   1284 H HH11 . ARG A 1 7  ? 5.498   -2.602 -1.764 1.00 0.00 ? 7  ARG A HH11 8  
ATOM   1285 H HH12 . ARG A 1 7  ? 4.627   -2.800 -3.247 1.00 0.00 ? 7  ARG A HH12 8  
ATOM   1286 H HH21 . ARG A 1 7  ? 2.985   -5.686 -2.162 1.00 0.00 ? 7  ARG A HH21 8  
ATOM   1287 H HH22 . ARG A 1 7  ? 3.176   -4.579 -3.480 1.00 0.00 ? 7  ARG A HH22 8  
ATOM   1288 N N    . CYS A 1 8  ? 3.747   0.323  1.295  1.00 0.00 ? 8  CYS A N    8  
ATOM   1289 C CA   . CYS A 1 8  ? 3.427   1.494  0.430  1.00 0.00 ? 8  CYS A CA   8  
ATOM   1290 C C    . CYS A 1 8  ? 2.493   2.435  1.213  1.00 0.00 ? 8  CYS A C    8  
ATOM   1291 O O    . CYS A 1 8  ? 2.817   3.577  1.480  1.00 0.00 ? 8  CYS A O    8  
ATOM   1292 C CB   . CYS A 1 8  ? 2.738   0.976  -0.806 1.00 0.00 ? 8  CYS A CB   8  
ATOM   1293 S SG   . CYS A 1 8  ? 3.289   1.600  -2.411 1.00 0.00 ? 8  CYS A SG   8  
ATOM   1294 H H    . CYS A 1 8  ? 3.102   -0.418 1.318  1.00 0.00 ? 8  CYS A H    8  
ATOM   1295 H HA   . CYS A 1 8  ? 4.334   2.019  0.164  1.00 0.00 ? 8  CYS A HA   8  
ATOM   1296 H HB2  . CYS A 1 8  ? 2.819   -0.099 -0.782 1.00 0.00 ? 8  CYS A HB2  8  
ATOM   1297 H HB3  . CYS A 1 8  ? 1.687   1.193  -0.736 1.00 0.00 ? 8  CYS A HB3  8  
ATOM   1298 N N    . ALA A 1 9  ? 1.353   1.880  1.542  1.00 0.00 ? 9  ALA A N    8  
ATOM   1299 C CA   . ALA A 1 9  ? 0.278   2.584  2.303  1.00 0.00 ? 9  ALA A CA   8  
ATOM   1300 C C    . ALA A 1 9  ? -0.138  3.961  1.736  1.00 0.00 ? 9  ALA A C    8  
ATOM   1301 O O    . ALA A 1 9  ? -0.394  4.884  2.488  1.00 0.00 ? 9  ALA A O    8  
ATOM   1302 C CB   . ALA A 1 9  ? 0.762   2.725  3.770  1.00 0.00 ? 9  ALA A CB   8  
ATOM   1303 H H    . ALA A 1 9  ? 1.197   0.951  1.274  1.00 0.00 ? 9  ALA A H    8  
ATOM   1304 H HA   . ALA A 1 9  ? -0.591  1.944  2.285  1.00 0.00 ? 9  ALA A HA   8  
ATOM   1305 H HB1  . ALA A 1 9  ? 0.940   1.747  4.193  1.00 0.00 ? 9  ALA A HB1  8  
ATOM   1306 H HB2  . ALA A 1 9  ? 1.677   3.297  3.814  1.00 0.00 ? 9  ALA A HB2  8  
ATOM   1307 H HB3  . ALA A 1 9  ? 0.011   3.222  4.367  1.00 0.00 ? 9  ALA A HB3  8  
ATOM   1308 N N    . TRP A 1 10 ? -0.200  4.071  0.429  1.00 0.00 ? 10 TRP A N    8  
ATOM   1309 C CA   . TRP A 1 10 ? -0.604  5.375  -0.206 1.00 0.00 ? 10 TRP A CA   8  
ATOM   1310 C C    . TRP A 1 10 ? -2.126  5.416  -0.393 1.00 0.00 ? 10 TRP A C    8  
ATOM   1311 O O    . TRP A 1 10 ? -2.638  5.887  -1.391 1.00 0.00 ? 10 TRP A O    8  
ATOM   1312 C CB   . TRP A 1 10 ? 0.107   5.550  -1.590 1.00 0.00 ? 10 TRP A CB   8  
ATOM   1313 C CG   . TRP A 1 10 ? -0.068  4.302  -2.453 1.00 0.00 ? 10 TRP A CG   8  
ATOM   1314 C CD1  . TRP A 1 10 ? 0.682   3.195  -2.262 1.00 0.00 ? 10 TRP A CD1  8  
ATOM   1315 C CD2  . TRP A 1 10 ? -0.936  4.075  -3.485 1.00 0.00 ? 10 TRP A CD2  8  
ATOM   1316 N NE1  . TRP A 1 10 ? 0.259   2.345  -3.163 1.00 0.00 ? 10 TRP A NE1  8  
ATOM   1317 C CE2  . TRP A 1 10 ? -0.708  2.774  -3.946 1.00 0.00 ? 10 TRP A CE2  8  
ATOM   1318 C CE3  . TRP A 1 10 ? -1.917  4.854  -4.100 1.00 0.00 ? 10 TRP A CE3  8  
ATOM   1319 C CZ2  . TRP A 1 10 ? -1.452  2.259  -5.002 1.00 0.00 ? 10 TRP A CZ2  8  
ATOM   1320 C CZ3  . TRP A 1 10 ? -2.659  4.339  -5.159 1.00 0.00 ? 10 TRP A CZ3  8  
ATOM   1321 C CH2  . TRP A 1 10 ? -2.427  3.043  -5.611 1.00 0.00 ? 10 TRP A CH2  8  
ATOM   1322 H H    . TRP A 1 10 ? 0.017   3.296  -0.129 1.00 0.00 ? 10 TRP A H    8  
ATOM   1323 H HA   . TRP A 1 10 ? -0.310  6.172  0.446  1.00 0.00 ? 10 TRP A HA   8  
ATOM   1324 H HB2  . TRP A 1 10 ? -0.295  6.403  -2.118 1.00 0.00 ? 10 TRP A HB2  8  
ATOM   1325 H HB3  . TRP A 1 10 ? 1.164   5.715  -1.435 1.00 0.00 ? 10 TRP A HB3  8  
ATOM   1326 H HD1  . TRP A 1 10 ? 1.449   3.085  -1.514 1.00 0.00 ? 10 TRP A HD1  8  
ATOM   1327 H HE1  . TRP A 1 10 ? 0.638   1.445  -3.247 1.00 0.00 ? 10 TRP A HE1  8  
ATOM   1328 H HE3  . TRP A 1 10 ? -2.101  5.861  -3.759 1.00 0.00 ? 10 TRP A HE3  8  
ATOM   1329 H HZ2  . TRP A 1 10 ? -1.269  1.253  -5.351 1.00 0.00 ? 10 TRP A HZ2  8  
ATOM   1330 H HZ3  . TRP A 1 10 ? -3.417  4.946  -5.632 1.00 0.00 ? 10 TRP A HZ3  8  
ATOM   1331 H HH2  . TRP A 1 10 ? -3.005  2.644  -6.432 1.00 0.00 ? 10 TRP A HH2  8  
ATOM   1332 N N    . ARG A 1 11 ? -2.804  4.909  0.608  1.00 0.00 ? 11 ARG A N    8  
ATOM   1333 C CA   . ARG A 1 11 ? -4.303  4.849  0.626  1.00 0.00 ? 11 ARG A CA   8  
ATOM   1334 C C    . ARG A 1 11 ? -4.852  4.018  -0.553 1.00 0.00 ? 11 ARG A C    8  
ATOM   1335 O O    . ARG A 1 11 ? -6.048  3.993  -0.774 1.00 0.00 ? 11 ARG A O    8  
ATOM   1336 C CB   . ARG A 1 11 ? -4.880  6.299  0.561  1.00 0.00 ? 11 ARG A CB   8  
ATOM   1337 C CG   . ARG A 1 11 ? -4.373  7.188  1.737  1.00 0.00 ? 11 ARG A CG   8  
ATOM   1338 C CD   . ARG A 1 11 ? -5.184  6.961  3.034  1.00 0.00 ? 11 ARG A CD   8  
ATOM   1339 N NE   . ARG A 1 11 ? -5.005  5.553  3.514  1.00 0.00 ? 11 ARG A NE   8  
ATOM   1340 C CZ   . ARG A 1 11 ? -6.008  4.730  3.708  1.00 0.00 ? 11 ARG A CZ   8  
ATOM   1341 N NH1  . ARG A 1 11 ? -7.246  5.091  3.488  1.00 0.00 ? 11 ARG A NH1  8  
ATOM   1342 N NH2  . ARG A 1 11 ? -5.729  3.528  4.131  1.00 0.00 ? 11 ARG A NH2  8  
ATOM   1343 H H    . ARG A 1 11 ? -2.305  4.559  1.374  1.00 0.00 ? 11 ARG A H    8  
ATOM   1344 H HA   . ARG A 1 11 ? -4.604  4.355  1.536  1.00 0.00 ? 11 ARG A HA   8  
ATOM   1345 H HB2  . ARG A 1 11 ? -4.614  6.766  -0.375 1.00 0.00 ? 11 ARG A HB2  8  
ATOM   1346 H HB3  . ARG A 1 11 ? -5.958  6.248  0.605  1.00 0.00 ? 11 ARG A HB3  8  
ATOM   1347 H HG2  . ARG A 1 11 ? -3.331  6.983  1.932  1.00 0.00 ? 11 ARG A HG2  8  
ATOM   1348 H HG3  . ARG A 1 11 ? -4.460  8.226  1.451  1.00 0.00 ? 11 ARG A HG3  8  
ATOM   1349 H HD2  . ARG A 1 11 ? -4.825  7.630  3.802  1.00 0.00 ? 11 ARG A HD2  8  
ATOM   1350 H HD3  . ARG A 1 11 ? -6.226  7.174  2.854  1.00 0.00 ? 11 ARG A HD3  8  
ATOM   1351 H HE   . ARG A 1 11 ? -4.098  5.231  3.695  1.00 0.00 ? 11 ARG A HE   8  
ATOM   1352 H HH11 . ARG A 1 11 ? -7.461  6.011  3.163  1.00 0.00 ? 11 ARG A HH11 8  
ATOM   1353 H HH12 . ARG A 1 11 ? -7.987  4.437  3.646  1.00 0.00 ? 11 ARG A HH12 8  
ATOM   1354 H HH21 . ARG A 1 11 ? -4.780  3.263  4.296  1.00 0.00 ? 11 ARG A HH21 8  
ATOM   1355 H HH22 . ARG A 1 11 ? -6.468  2.872  4.289  1.00 0.00 ? 11 ARG A HH22 8  
ATOM   1356 N N    . CYS A 1 12 ? -3.960  3.364  -1.264 1.00 0.00 ? 12 CYS A N    8  
ATOM   1357 C CA   . CYS A 1 12 ? -4.322  2.510  -2.442 1.00 0.00 ? 12 CYS A CA   8  
ATOM   1358 C C    . CYS A 1 12 ? -5.113  3.276  -3.517 1.00 0.00 ? 12 CYS A C    8  
ATOM   1359 O O    . CYS A 1 12 ? -5.375  4.458  -3.405 1.00 0.00 ? 12 CYS A O    8  
ATOM   1360 C CB   . CYS A 1 12 ? -5.144  1.297  -1.932 1.00 0.00 ? 12 CYS A CB   8  
ATOM   1361 S SG   . CYS A 1 12 ? -4.320  0.102  -0.845 1.00 0.00 ? 12 CYS A SG   8  
ATOM   1362 H H    . CYS A 1 12 ? -3.014  3.434  -1.016 1.00 0.00 ? 12 CYS A H    8  
ATOM   1363 H HA   . CYS A 1 12 ? -3.408  2.152  -2.890 1.00 0.00 ? 12 CYS A HA   8  
ATOM   1364 H HB2  . CYS A 1 12 ? -6.022  1.652  -1.417 1.00 0.00 ? 12 CYS A HB2  8  
ATOM   1365 H HB3  . CYS A 1 12 ? -5.485  0.742  -2.794 1.00 0.00 ? 12 CYS A HB3  8  
HETATM 1366 N N    . NH2 A 1 13 ? -5.512  2.638  -4.584 1.00 0.00 ? 13 NH2 A N    8  
HETATM 1367 H HN1  . NH2 A 1 13 ? -5.310  1.686  -4.690 1.00 0.00 ? 13 NH2 A HN1  8  
HETATM 1368 H HN2  . NH2 A 1 13 ? -6.013  3.113  -5.279 1.00 0.00 ? 13 NH2 A HN2  8  
ATOM   1369 N N    . GLY A 1 1  ? -1.329  -5.448 -4.829 1.00 0.00 ? 1  GLY A N    9  
ATOM   1370 C CA   . GLY A 1 1  ? -0.854  -4.055 -5.070 1.00 0.00 ? 1  GLY A CA   9  
ATOM   1371 C C    . GLY A 1 1  ? 0.230   -3.670 -4.057 1.00 0.00 ? 1  GLY A C    9  
ATOM   1372 O O    . GLY A 1 1  ? 0.536   -4.421 -3.151 1.00 0.00 ? 1  GLY A O    9  
ATOM   1373 H H1   . GLY A 1 1  ? -0.517  -6.097 -4.847 1.00 0.00 ? 1  GLY A H1   9  
ATOM   1374 H H2   . GLY A 1 1  ? -1.792  -5.500 -3.899 1.00 0.00 ? 1  GLY A H2   9  
ATOM   1375 H H3   . GLY A 1 1  ? -2.006  -5.716 -5.571 1.00 0.00 ? 1  GLY A H3   9  
ATOM   1376 H HA2  . GLY A 1 1  ? -0.447  -3.991 -6.069 1.00 0.00 ? 1  GLY A HA2  9  
ATOM   1377 H HA3  . GLY A 1 1  ? -1.688  -3.376 -4.975 1.00 0.00 ? 1  GLY A HA3  9  
ATOM   1378 N N    . CYS A 1 2  ? 0.779   -2.496 -4.249 1.00 0.00 ? 2  CYS A N    9  
ATOM   1379 C CA   . CYS A 1 2  ? 1.849   -1.997 -3.335 1.00 0.00 ? 2  CYS A CA   9  
ATOM   1380 C C    . CYS A 1 2  ? 1.206   -1.637 -1.996 1.00 0.00 ? 2  CYS A C    9  
ATOM   1381 O O    . CYS A 1 2  ? 1.571   -2.204 -0.985 1.00 0.00 ? 2  CYS A O    9  
ATOM   1382 C CB   . CYS A 1 2  ? 2.511   -0.782 -4.010 1.00 0.00 ? 2  CYS A CB   9  
ATOM   1383 S SG   . CYS A 1 2  ? 4.028   -0.144 -3.259 1.00 0.00 ? 2  CYS A SG   9  
ATOM   1384 H H    . CYS A 1 2  ? 0.483   -1.940 -5.000 1.00 0.00 ? 2  CYS A H    9  
ATOM   1385 H HA   . CYS A 1 2  ? 2.580   -2.767 -3.158 1.00 0.00 ? 2  CYS A HA   9  
ATOM   1386 H HB2  . CYS A 1 2  ? 2.740   -1.052 -5.030 1.00 0.00 ? 2  CYS A HB2  9  
ATOM   1387 H HB3  . CYS A 1 2  ? 1.797   0.026  -4.050 1.00 0.00 ? 2  CYS A HB3  9  
ATOM   1388 N N    . CYS A 1 3  ? 0.271   -0.718 -2.025 1.00 0.00 ? 3  CYS A N    9  
ATOM   1389 C CA   . CYS A 1 3  ? -0.425  -0.303 -0.760 1.00 0.00 ? 3  CYS A CA   9  
ATOM   1390 C C    . CYS A 1 3  ? -1.240  -1.450 -0.159 1.00 0.00 ? 3  CYS A C    9  
ATOM   1391 O O    . CYS A 1 3  ? -1.613  -1.376 0.997  1.00 0.00 ? 3  CYS A O    9  
ATOM   1392 C CB   . CYS A 1 3  ? -1.357  0.887  -1.043 1.00 0.00 ? 3  CYS A CB   9  
ATOM   1393 S SG   . CYS A 1 3  ? -2.759  1.141  0.075  1.00 0.00 ? 3  CYS A SG   9  
ATOM   1394 H H    . CYS A 1 3  ? 0.042   -0.313 -2.887 1.00 0.00 ? 3  CYS A H    9  
ATOM   1395 H HA   . CYS A 1 3  ? 0.317   -0.015 -0.033 1.00 0.00 ? 3  CYS A HA   9  
ATOM   1396 H HB2  . CYS A 1 3  ? -0.759  1.778  -0.968 1.00 0.00 ? 3  CYS A HB2  9  
ATOM   1397 H HB3  . CYS A 1 3  ? -1.720  0.837  -2.053 1.00 0.00 ? 3  CYS A HB3  9  
ATOM   1398 N N    . SER A 1 4  ? -1.496  -2.472 -0.944 1.00 0.00 ? 4  SER A N    9  
ATOM   1399 C CA   . SER A 1 4  ? -2.282  -3.651 -0.437 1.00 0.00 ? 4  SER A CA   9  
ATOM   1400 C C    . SER A 1 4  ? -1.558  -4.171 0.819  1.00 0.00 ? 4  SER A C    9  
ATOM   1401 O O    . SER A 1 4  ? -2.144  -4.765 1.702  1.00 0.00 ? 4  SER A O    9  
ATOM   1402 C CB   . SER A 1 4  ? -2.319  -4.746 -1.510 1.00 0.00 ? 4  SER A CB   9  
ATOM   1403 O OG   . SER A 1 4  ? -2.895  -4.105 -2.639 1.00 0.00 ? 4  SER A OG   9  
ATOM   1404 H H    . SER A 1 4  ? -1.171  -2.470 -1.870 1.00 0.00 ? 4  SER A H    9  
ATOM   1405 H HA   . SER A 1 4  ? -3.279  -3.330 -0.171 1.00 0.00 ? 4  SER A HA   9  
ATOM   1406 H HB2  . SER A 1 4  ? -1.331  -5.101 -1.758 1.00 0.00 ? 4  SER A HB2  9  
ATOM   1407 H HB3  . SER A 1 4  ? -2.945  -5.573 -1.209 1.00 0.00 ? 4  SER A HB3  9  
ATOM   1408 H HG   . SER A 1 4  ? -3.754  -3.762 -2.381 1.00 0.00 ? 4  SER A HG   9  
ATOM   1409 N N    . ASP A 1 5  ? -0.277  -3.900 0.811  1.00 0.00 ? 5  ASP A N    9  
ATOM   1410 C CA   . ASP A 1 5  ? 0.661   -4.276 1.902  1.00 0.00 ? 5  ASP A CA   9  
ATOM   1411 C C    . ASP A 1 5  ? 1.146   -2.898 2.408  1.00 0.00 ? 5  ASP A C    9  
ATOM   1412 O O    . ASP A 1 5  ? 1.426   -2.037 1.596  1.00 0.00 ? 5  ASP A O    9  
ATOM   1413 C CB   . ASP A 1 5  ? 1.818   -5.088 1.306  1.00 0.00 ? 5  ASP A CB   9  
ATOM   1414 C CG   . ASP A 1 5  ? 1.235   -6.263 0.500  1.00 0.00 ? 5  ASP A CG   9  
ATOM   1415 O OD1  . ASP A 1 5  ? 1.037   -7.302 1.108  1.00 0.00 ? 5  ASP A OD1  9  
ATOM   1416 O OD2  . ASP A 1 5  ? 1.017   -6.048 -0.683 1.00 0.00 ? 5  ASP A OD2  9  
ATOM   1417 H H    . ASP A 1 5  ? 0.091   -3.422 0.041  1.00 0.00 ? 5  ASP A H    9  
ATOM   1418 H HA   . ASP A 1 5  ? 0.137   -4.812 2.677  1.00 0.00 ? 5  ASP A HA   9  
ATOM   1419 H HB2  . ASP A 1 5  ? 2.416   -4.474 0.650  1.00 0.00 ? 5  ASP A HB2  9  
ATOM   1420 H HB3  . ASP A 1 5  ? 2.450   -5.472 2.094  1.00 0.00 ? 5  ASP A HB3  9  
ATOM   1421 N N    . PRO A 1 6  ? 1.242   -2.688 3.700  1.00 0.00 ? 6  PRO A N    9  
ATOM   1422 C CA   . PRO A 1 6  ? 1.485   -1.322 4.252  1.00 0.00 ? 6  PRO A CA   9  
ATOM   1423 C C    . PRO A 1 6  ? 2.862   -0.755 3.882  1.00 0.00 ? 6  PRO A C    9  
ATOM   1424 O O    . PRO A 1 6  ? 3.166   0.371  4.228  1.00 0.00 ? 6  PRO A O    9  
ATOM   1425 C CB   . PRO A 1 6  ? 1.296   -1.460 5.764  1.00 0.00 ? 6  PRO A CB   9  
ATOM   1426 C CG   . PRO A 1 6  ? 1.318   -2.969 6.082  1.00 0.00 ? 6  PRO A CG   9  
ATOM   1427 C CD   . PRO A 1 6  ? 1.129   -3.734 4.760  1.00 0.00 ? 6  PRO A CD   9  
ATOM   1428 H HA   . PRO A 1 6  ? 0.756   -0.656 3.806  1.00 0.00 ? 6  PRO A HA   9  
ATOM   1429 H HB2  . PRO A 1 6  ? 2.083   -0.955 6.307  1.00 0.00 ? 6  PRO A HB2  9  
ATOM   1430 H HB3  . PRO A 1 6  ? 0.344   -1.038 6.056  1.00 0.00 ? 6  PRO A HB3  9  
ATOM   1431 H HG2  . PRO A 1 6  ? 2.263   -3.239 6.532  1.00 0.00 ? 6  PRO A HG2  9  
ATOM   1432 H HG3  . PRO A 1 6  ? 0.523   -3.216 6.769  1.00 0.00 ? 6  PRO A HG3  9  
ATOM   1433 H HD2  . PRO A 1 6  ? 1.897   -4.480 4.617  1.00 0.00 ? 6  PRO A HD2  9  
ATOM   1434 H HD3  . PRO A 1 6  ? 0.150   -4.190 4.718  1.00 0.00 ? 6  PRO A HD3  9  
ATOM   1435 N N    . ARG A 1 7  ? 3.650   -1.545 3.195  1.00 0.00 ? 7  ARG A N    9  
ATOM   1436 C CA   . ARG A 1 7  ? 5.014   -1.105 2.767  1.00 0.00 ? 7  ARG A CA   9  
ATOM   1437 C C    . ARG A 1 7  ? 4.891   0.220  1.991  1.00 0.00 ? 7  ARG A C    9  
ATOM   1438 O O    . ARG A 1 7  ? 5.752   1.076  2.056  1.00 0.00 ? 7  ARG A O    9  
ATOM   1439 C CB   . ARG A 1 7  ? 5.634   -2.205 1.868  1.00 0.00 ? 7  ARG A CB   9  
ATOM   1440 C CG   . ARG A 1 7  ? 4.714   -2.496 0.646  1.00 0.00 ? 7  ARG A CG   9  
ATOM   1441 C CD   . ARG A 1 7  ? 5.313   -3.599 -0.235 1.00 0.00 ? 7  ARG A CD   9  
ATOM   1442 N NE   . ARG A 1 7  ? 6.602   -3.098 -0.809 1.00 0.00 ? 7  ARG A NE   9  
ATOM   1443 C CZ   . ARG A 1 7  ? 7.142   -3.642 -1.872 1.00 0.00 ? 7  ARG A CZ   9  
ATOM   1444 N NH1  . ARG A 1 7  ? 6.569   -4.652 -2.469 1.00 0.00 ? 7  ARG A NH1  9  
ATOM   1445 N NH2  . ARG A 1 7  ? 8.266   -3.144 -2.308 1.00 0.00 ? 7  ARG A NH2  9  
ATOM   1446 H H    . ARG A 1 7  ? 3.342   -2.444 2.957  1.00 0.00 ? 7  ARG A H    9  
ATOM   1447 H HA   . ARG A 1 7  ? 5.624   -0.947 3.645  1.00 0.00 ? 7  ARG A HA   9  
ATOM   1448 H HB2  . ARG A 1 7  ? 6.607   -1.882 1.529  1.00 0.00 ? 7  ARG A HB2  9  
ATOM   1449 H HB3  . ARG A 1 7  ? 5.759   -3.108 2.450  1.00 0.00 ? 7  ARG A HB3  9  
ATOM   1450 H HG2  . ARG A 1 7  ? 3.738   -2.806 0.986  1.00 0.00 ? 7  ARG A HG2  9  
ATOM   1451 H HG3  . ARG A 1 7  ? 4.601   -1.608 0.044  1.00 0.00 ? 7  ARG A HG3  9  
ATOM   1452 H HD2  . ARG A 1 7  ? 5.506   -4.494 0.340  1.00 0.00 ? 7  ARG A HD2  9  
ATOM   1453 H HD3  . ARG A 1 7  ? 4.628   -3.831 -1.039 1.00 0.00 ? 7  ARG A HD3  9  
ATOM   1454 H HE   . ARG A 1 7  ? 7.053   -2.341 -0.381 1.00 0.00 ? 7  ARG A HE   9  
ATOM   1455 H HH11 . ARG A 1 7  ? 5.709   -5.023 -2.121 1.00 0.00 ? 7  ARG A HH11 9  
ATOM   1456 H HH12 . ARG A 1 7  ? 6.994   -5.055 -3.281 1.00 0.00 ? 7  ARG A HH12 9  
ATOM   1457 H HH21 . ARG A 1 7  ? 8.687   -2.371 -1.833 1.00 0.00 ? 7  ARG A HH21 9  
ATOM   1458 H HH22 . ARG A 1 7  ? 8.705   -3.534 -3.116 1.00 0.00 ? 7  ARG A HH22 9  
ATOM   1459 N N    . CYS A 1 8  ? 3.793   0.318  1.283  1.00 0.00 ? 8  CYS A N    9  
ATOM   1460 C CA   . CYS A 1 8  ? 3.469   1.516  0.457  1.00 0.00 ? 8  CYS A CA   9  
ATOM   1461 C C    . CYS A 1 8  ? 2.539   2.447  1.254  1.00 0.00 ? 8  CYS A C    9  
ATOM   1462 O O    . CYS A 1 8  ? 2.869   3.580  1.543  1.00 0.00 ? 8  CYS A O    9  
ATOM   1463 C CB   . CYS A 1 8  ? 2.791   1.016  -0.798 1.00 0.00 ? 8  CYS A CB   9  
ATOM   1464 S SG   . CYS A 1 8  ? 3.419   1.575  -2.399 1.00 0.00 ? 8  CYS A SG   9  
ATOM   1465 H H    . CYS A 1 8  ? 3.147   -0.423 1.280  1.00 0.00 ? 8  CYS A H    9  
ATOM   1466 H HA   . CYS A 1 8  ? 4.378   2.044  0.206  1.00 0.00 ? 8  CYS A HA   9  
ATOM   1467 H HB2  . CYS A 1 8  ? 2.830   -0.061 -0.772 1.00 0.00 ? 8  CYS A HB2  9  
ATOM   1468 H HB3  . CYS A 1 8  ? 1.745   1.269  -0.748 1.00 0.00 ? 8  CYS A HB3  9  
ATOM   1469 N N    . ALA A 1 9  ? 1.391   1.898  1.567  1.00 0.00 ? 9  ALA A N    9  
ATOM   1470 C CA   . ALA A 1 9  ? 0.318   2.601  2.337  1.00 0.00 ? 9  ALA A CA   9  
ATOM   1471 C C    . ALA A 1 9  ? -0.138  3.961  1.758  1.00 0.00 ? 9  ALA A C    9  
ATOM   1472 O O    . ALA A 1 9  ? -0.434  4.878  2.502  1.00 0.00 ? 9  ALA A O    9  
ATOM   1473 C CB   . ALA A 1 9  ? 0.825   2.781  3.789  1.00 0.00 ? 9  ALA A CB   9  
ATOM   1474 H H    . ALA A 1 9  ? 1.227   0.976  1.281  1.00 0.00 ? 9  ALA A H    9  
ATOM   1475 H HA   . ALA A 1 9  ? -0.541  1.947  2.352  1.00 0.00 ? 9  ALA A HA   9  
ATOM   1476 H HB1  . ALA A 1 9  ? 1.032   1.814  4.225  1.00 0.00 ? 9  ALA A HB1  9  
ATOM   1477 H HB2  . ALA A 1 9  ? 1.727   3.373  3.807  1.00 0.00 ? 9  ALA A HB2  9  
ATOM   1478 H HB3  . ALA A 1 9  ? 0.072   3.273  4.388  1.00 0.00 ? 9  ALA A HB3  9  
ATOM   1479 N N    . TRP A 1 10 ? -0.189  4.066  0.449  1.00 0.00 ? 10 TRP A N    9  
ATOM   1480 C CA   . TRP A 1 10 ? -0.629  5.356  -0.192 1.00 0.00 ? 10 TRP A CA   9  
ATOM   1481 C C    . TRP A 1 10 ? -2.152  5.359  -0.398 1.00 0.00 ? 10 TRP A C    9  
ATOM   1482 O O    . TRP A 1 10 ? -2.662  5.798  -1.411 1.00 0.00 ? 10 TRP A O    9  
ATOM   1483 C CB   . TRP A 1 10 ? 0.097   5.551  -1.566 1.00 0.00 ? 10 TRP A CB   9  
ATOM   1484 C CG   . TRP A 1 10 ? 0.040   4.273  -2.403 1.00 0.00 ? 10 TRP A CG   9  
ATOM   1485 C CD1  . TRP A 1 10 ? 0.899   3.252  -2.190 1.00 0.00 ? 10 TRP A CD1  9  
ATOM   1486 C CD2  . TRP A 1 10 ? -0.803  3.937  -3.425 1.00 0.00 ? 10 TRP A CD2  9  
ATOM   1487 N NE1  . TRP A 1 10 ? 0.558   2.343  -3.070 1.00 0.00 ? 10 TRP A NE1  9  
ATOM   1488 C CE2  . TRP A 1 10 ? -0.449  2.655  -3.856 1.00 0.00 ? 10 TRP A CE2  9  
ATOM   1489 C CE3  . TRP A 1 10 ? -1.859  4.599  -4.054 1.00 0.00 ? 10 TRP A CE3  9  
ATOM   1490 C CZ2  . TRP A 1 10 ? -1.139  2.042  -4.898 1.00 0.00 ? 10 TRP A CZ2  9  
ATOM   1491 C CZ3  . TRP A 1 10 ? -2.550  3.986  -5.096 1.00 0.00 ? 10 TRP A CZ3  9  
ATOM   1492 C CH2  . TRP A 1 10 ? -2.191  2.708  -5.518 1.00 0.00 ? 10 TRP A CH2  9  
ATOM   1493 H H    . TRP A 1 10 ? 0.060   3.300  -0.106 1.00 0.00 ? 10 TRP A H    9  
ATOM   1494 H HA   . TRP A 1 10 ? -0.364  6.166  0.458  1.00 0.00 ? 10 TRP A HA   9  
ATOM   1495 H HB2  . TRP A 1 10 ? -0.353  6.358  -2.127 1.00 0.00 ? 10 TRP A HB2  9  
ATOM   1496 H HB3  . TRP A 1 10 ? 1.133   5.799  -1.390 1.00 0.00 ? 10 TRP A HB3  9  
ATOM   1497 H HD1  . TRP A 1 10 ? 1.679   3.232  -1.447 1.00 0.00 ? 10 TRP A HD1  9  
ATOM   1498 H HE1  . TRP A 1 10 ? 1.024   1.483  -3.136 1.00 0.00 ? 10 TRP A HE1  9  
ATOM   1499 H HE3  . TRP A 1 10 ? -2.145  5.589  -3.736 1.00 0.00 ? 10 TRP A HE3  9  
ATOM   1500 H HZ2  . TRP A 1 10 ? -0.856  1.052  -5.222 1.00 0.00 ? 10 TRP A HZ2  9  
ATOM   1501 H HZ3  . TRP A 1 10 ? -3.366  4.503  -5.579 1.00 0.00 ? 10 TRP A HZ3  9  
ATOM   1502 H HH2  . TRP A 1 10 ? -2.728  2.234  -6.327 1.00 0.00 ? 10 TRP A HH2  9  
ATOM   1503 N N    . ARG A 1 11 ? -2.829  4.857  0.604  1.00 0.00 ? 11 ARG A N    9  
ATOM   1504 C CA   . ARG A 1 11 ? -4.327  4.764  0.606  1.00 0.00 ? 11 ARG A CA   9  
ATOM   1505 C C    . ARG A 1 11 ? -4.859  3.919  -0.569 1.00 0.00 ? 11 ARG A C    9  
ATOM   1506 O O    . ARG A 1 11 ? -6.052  3.880  -0.801 1.00 0.00 ? 11 ARG A O    9  
ATOM   1507 C CB   . ARG A 1 11 ? -4.936  6.199  0.535  1.00 0.00 ? 11 ARG A CB   9  
ATOM   1508 C CG   . ARG A 1 11 ? -4.416  7.093  1.694  1.00 0.00 ? 11 ARG A CG   9  
ATOM   1509 C CD   . ARG A 1 11 ? -4.810  6.520  3.078  1.00 0.00 ? 11 ARG A CD   9  
ATOM   1510 N NE   . ARG A 1 11 ? -6.300  6.365  3.145  1.00 0.00 ? 11 ARG A NE   9  
ATOM   1511 C CZ   . ARG A 1 11 ? -7.098  7.388  3.334  1.00 0.00 ? 11 ARG A CZ   9  
ATOM   1512 N NH1  . ARG A 1 11 ? -6.616  8.595  3.473  1.00 0.00 ? 11 ARG A NH1  9  
ATOM   1513 N NH2  . ARG A 1 11 ? -8.381  7.159  3.379  1.00 0.00 ? 11 ARG A NH2  9  
ATOM   1514 H H    . ARG A 1 11 ? -2.334  4.532  1.384  1.00 0.00 ? 11 ARG A H    9  
ATOM   1515 H HA   . ARG A 1 11 ? -4.633  4.279  1.521  1.00 0.00 ? 11 ARG A HA   9  
ATOM   1516 H HB2  . ARG A 1 11 ? -4.689  6.664  -0.407 1.00 0.00 ? 11 ARG A HB2  9  
ATOM   1517 H HB3  . ARG A 1 11 ? -6.013  6.132  0.598  1.00 0.00 ? 11 ARG A HB3  9  
ATOM   1518 H HG2  . ARG A 1 11 ? -3.341  7.174  1.638  1.00 0.00 ? 11 ARG A HG2  9  
ATOM   1519 H HG3  . ARG A 1 11 ? -4.830  8.085  1.587  1.00 0.00 ? 11 ARG A HG3  9  
ATOM   1520 H HD2  . ARG A 1 11 ? -4.352  5.556  3.240  1.00 0.00 ? 11 ARG A HD2  9  
ATOM   1521 H HD3  . ARG A 1 11 ? -4.488  7.188  3.865  1.00 0.00 ? 11 ARG A HD3  9  
ATOM   1522 H HE   . ARG A 1 11 ? -6.691  5.473  3.043  1.00 0.00 ? 11 ARG A HE   9  
ATOM   1523 H HH11 . ARG A 1 11 ? -5.629  8.751  3.435  1.00 0.00 ? 11 ARG A HH11 9  
ATOM   1524 H HH12 . ARG A 1 11 ? -7.237  9.366  3.618  1.00 0.00 ? 11 ARG A HH12 9  
ATOM   1525 H HH21 . ARG A 1 11 ? -8.726  6.228  3.270  1.00 0.00 ? 11 ARG A HH21 9  
ATOM   1526 H HH22 . ARG A 1 11 ? -9.019  7.916  3.522  1.00 0.00 ? 11 ARG A HH22 9  
ATOM   1527 N N    . CYS A 1 12 ? -3.953  3.271  -1.268 1.00 0.00 ? 12 CYS A N    9  
ATOM   1528 C CA   . CYS A 1 12 ? -4.302  2.405  -2.442 1.00 0.00 ? 12 CYS A CA   9  
ATOM   1529 C C    . CYS A 1 12 ? -5.117  3.145  -3.519 1.00 0.00 ? 12 CYS A C    9  
ATOM   1530 O O    . CYS A 1 12 ? -5.353  4.334  -3.444 1.00 0.00 ? 12 CYS A O    9  
ATOM   1531 C CB   . CYS A 1 12 ? -5.086  1.177  -1.912 1.00 0.00 ? 12 CYS A CB   9  
ATOM   1532 S SG   . CYS A 1 12 ? -4.225  0.048  -0.786 1.00 0.00 ? 12 CYS A SG   9  
ATOM   1533 H H    . CYS A 1 12 ? -3.011  3.355  -1.011 1.00 0.00 ? 12 CYS A H    9  
ATOM   1534 H HA   . CYS A 1 12 ? -3.382  2.067  -2.893 1.00 0.00 ? 12 CYS A HA   9  
ATOM   1535 H HB2  . CYS A 1 12 ? -5.981  1.513  -1.411 1.00 0.00 ? 12 CYS A HB2  9  
ATOM   1536 H HB3  . CYS A 1 12 ? -5.399  0.588  -2.761 1.00 0.00 ? 12 CYS A HB3  9  
HETATM 1537 N N    . NH2 A 1 13 ? -5.563  2.475  -4.546 1.00 0.00 ? 13 NH2 A N    9  
HETATM 1538 H HN1  . NH2 A 1 13 ? -5.381  1.516  -4.622 1.00 0.00 ? 13 NH2 A HN1  9  
HETATM 1539 H HN2  . NH2 A 1 13 ? -6.081  2.932  -5.241 1.00 0.00 ? 13 NH2 A HN2  9  
ATOM   1540 N N    . GLY A 1 1  ? -0.902  -5.844 -4.766 1.00 0.00 ? 1  GLY A N    10 
ATOM   1541 C CA   . GLY A 1 1  ? -0.671  -4.387 -4.978 1.00 0.00 ? 1  GLY A CA   10 
ATOM   1542 C C    . GLY A 1 1  ? 0.426   -3.869 -4.043 1.00 0.00 ? 1  GLY A C    10 
ATOM   1543 O O    . GLY A 1 1  ? 0.963   -4.608 -3.239 1.00 0.00 ? 1  GLY A O    10 
ATOM   1544 H H1   . GLY A 1 1  ? -0.821  -6.063 -3.754 1.00 0.00 ? 1  GLY A H1   10 
ATOM   1545 H H2   . GLY A 1 1  ? -1.853  -6.097 -5.101 1.00 0.00 ? 1  GLY A H2   10 
ATOM   1546 H H3   . GLY A 1 1  ? -0.190  -6.386 -5.297 1.00 0.00 ? 1  GLY A H3   10 
ATOM   1547 H HA2  . GLY A 1 1  ? -0.373  -4.218 -6.002 1.00 0.00 ? 1  GLY A HA2  10 
ATOM   1548 H HA3  . GLY A 1 1  ? -1.589  -3.853 -4.776 1.00 0.00 ? 1  GLY A HA3  10 
ATOM   1549 N N    . CYS A 1 2  ? 0.725   -2.603 -4.184 1.00 0.00 ? 2  CYS A N    10 
ATOM   1550 C CA   . CYS A 1 2  ? 1.779   -1.978 -3.330 1.00 0.00 ? 2  CYS A CA   10 
ATOM   1551 C C    . CYS A 1 2  ? 1.127   -1.620 -1.993 1.00 0.00 ? 2  CYS A C    10 
ATOM   1552 O O    . CYS A 1 2  ? 1.505   -2.180 -0.984 1.00 0.00 ? 2  CYS A O    10 
ATOM   1553 C CB   . CYS A 1 2  ? 2.322   -0.735 -4.070 1.00 0.00 ? 2  CYS A CB   10 
ATOM   1554 S SG   . CYS A 1 2  ? 3.815   0.031  -3.389 1.00 0.00 ? 2  CYS A SG   10 
ATOM   1555 H H    . CYS A 1 2  ? 0.257   -2.062 -4.853 1.00 0.00 ? 2  CYS A H    10 
ATOM   1556 H HA   . CYS A 1 2  ? 2.578   -2.673 -3.141 1.00 0.00 ? 2  CYS A HA   10 
ATOM   1557 H HB2  . CYS A 1 2  ? 2.546   -1.022 -5.088 1.00 0.00 ? 2  CYS A HB2  10 
ATOM   1558 H HB3  . CYS A 1 2  ? 1.550   0.020  -4.110 1.00 0.00 ? 2  CYS A HB3  10 
ATOM   1559 N N    . CYS A 1 3  ? 0.178   -0.716 -2.016 1.00 0.00 ? 3  CYS A N    10 
ATOM   1560 C CA   . CYS A 1 3  ? -0.520  -0.306 -0.748 1.00 0.00 ? 3  CYS A CA   10 
ATOM   1561 C C    . CYS A 1 3  ? -1.366  -1.433 -0.155 1.00 0.00 ? 3  CYS A C    10 
ATOM   1562 O O    . CYS A 1 3  ? -1.739  -1.352 1.000  1.00 0.00 ? 3  CYS A O    10 
ATOM   1563 C CB   . CYS A 1 3  ? -1.418  0.919  -1.024 1.00 0.00 ? 3  CYS A CB   10 
ATOM   1564 S SG   . CYS A 1 3  ? -2.916  1.112  -0.024 1.00 0.00 ? 3  CYS A SG   10 
ATOM   1565 H H    . CYS A 1 3  ? -0.067  -0.317 -2.875 1.00 0.00 ? 3  CYS A H    10 
ATOM   1566 H HA   . CYS A 1 3  ? 0.223   -0.048 -0.012 1.00 0.00 ? 3  CYS A HA   10 
ATOM   1567 H HB2  . CYS A 1 3  ? -0.818  1.789  -0.815 1.00 0.00 ? 3  CYS A HB2  10 
ATOM   1568 H HB3  . CYS A 1 3  ? -1.682  0.965  -2.065 1.00 0.00 ? 3  CYS A HB3  10 
ATOM   1569 N N    . SER A 1 4  ? -1.646  -2.448 -0.941 1.00 0.00 ? 4  SER A N    10 
ATOM   1570 C CA   . SER A 1 4  ? -2.465  -3.597 -0.423 1.00 0.00 ? 4  SER A CA   10 
ATOM   1571 C C    . SER A 1 4  ? -1.725  -4.193 0.798  1.00 0.00 ? 4  SER A C    10 
ATOM   1572 O O    . SER A 1 4  ? -2.296  -4.883 1.620  1.00 0.00 ? 4  SER A O    10 
ATOM   1573 C CB   . SER A 1 4  ? -2.612  -4.655 -1.535 1.00 0.00 ? 4  SER A CB   10 
ATOM   1574 O OG   . SER A 1 4  ? -1.289  -5.074 -1.832 1.00 0.00 ? 4  SER A OG   10 
ATOM   1575 H H    . SER A 1 4  ? -1.321  -2.459 -1.865 1.00 0.00 ? 4  SER A H    10 
ATOM   1576 H HA   . SER A 1 4  ? -3.433  -3.233 -0.111 1.00 0.00 ? 4  SER A HA   10 
ATOM   1577 H HB2  . SER A 1 4  ? -3.191  -5.503 -1.200 1.00 0.00 ? 4  SER A HB2  10 
ATOM   1578 H HB3  . SER A 1 4  ? -3.059  -4.230 -2.422 1.00 0.00 ? 4  SER A HB3  10 
ATOM   1579 H HG   . SER A 1 4  ? -0.700  -4.321 -1.738 1.00 0.00 ? 4  SER A HG   10 
ATOM   1580 N N    . ASP A 1 5  ? -0.454  -3.876 0.836  1.00 0.00 ? 5  ASP A N    10 
ATOM   1581 C CA   . ASP A 1 5  ? 0.481   -4.311 1.906  1.00 0.00 ? 5  ASP A CA   10 
ATOM   1582 C C    . ASP A 1 5  ? 1.138   -2.984 2.369  1.00 0.00 ? 5  ASP A C    10 
ATOM   1583 O O    . ASP A 1 5  ? 1.426   -2.138 1.547  1.00 0.00 ? 5  ASP A O    10 
ATOM   1584 C CB   . ASP A 1 5  ? 1.504   -5.276 1.292  1.00 0.00 ? 5  ASP A CB   10 
ATOM   1585 C CG   . ASP A 1 5  ? 0.765   -6.393 0.534  1.00 0.00 ? 5  ASP A CG   10 
ATOM   1586 O OD1  . ASP A 1 5  ? 0.113   -7.175 1.204  1.00 0.00 ? 5  ASP A OD1  10 
ATOM   1587 O OD2  . ASP A 1 5  ? 0.893   -6.395 -0.680 1.00 0.00 ? 5  ASP A OD2  10 
ATOM   1588 H H    . ASP A 1 5  ? -0.091  -3.321 0.116  1.00 0.00 ? 5  ASP A H    10 
ATOM   1589 H HA   . ASP A 1 5  ? -0.067  -4.765 2.719  1.00 0.00 ? 5  ASP A HA   10 
ATOM   1590 H HB2  . ASP A 1 5  ? 2.148   -4.752 0.604  1.00 0.00 ? 5  ASP A HB2  10 
ATOM   1591 H HB3  . ASP A 1 5  ? 2.105   -5.726 2.067  1.00 0.00 ? 5  ASP A HB3  10 
ATOM   1592 N N    . PRO A 1 6  ? 1.361   -2.809 3.648  1.00 0.00 ? 6  PRO A N    10 
ATOM   1593 C CA   . PRO A 1 6  ? 1.674   -1.462 4.216  1.00 0.00 ? 6  PRO A CA   10 
ATOM   1594 C C    . PRO A 1 6  ? 3.021   -0.838 3.814  1.00 0.00 ? 6  PRO A C    10 
ATOM   1595 O O    . PRO A 1 6  ? 3.283   0.282  4.210  1.00 0.00 ? 6  PRO A O    10 
ATOM   1596 C CB   . PRO A 1 6  ? 1.561   -1.647 5.731  1.00 0.00 ? 6  PRO A CB   10 
ATOM   1597 C CG   . PRO A 1 6  ? 1.695   -3.160 5.992  1.00 0.00 ? 6  PRO A CG   10 
ATOM   1598 C CD   . PRO A 1 6  ? 1.331   -3.883 4.684  1.00 0.00 ? 6  PRO A CD   10 
ATOM   1599 H HA   . PRO A 1 6  ? 0.916   -0.782 3.847  1.00 0.00 ? 6  PRO A HA   10 
ATOM   1600 H HB2  . PRO A 1 6  ? 2.337   -1.109 6.255  1.00 0.00 ? 6  PRO A HB2  10 
ATOM   1601 H HB3  . PRO A 1 6  ? 0.598   -1.296 6.074  1.00 0.00 ? 6  PRO A HB3  10 
ATOM   1602 H HG2  . PRO A 1 6  ? 2.708   -3.399 6.277  1.00 0.00 ? 6  PRO A HG2  10 
ATOM   1603 H HG3  . PRO A 1 6  ? 1.027   -3.463 6.784  1.00 0.00 ? 6  PRO A HG3  10 
ATOM   1604 H HD2  . PRO A 1 6  ? 2.038   -4.657 4.430  1.00 0.00 ? 6  PRO A HD2  10 
ATOM   1605 H HD3  . PRO A 1 6  ? 0.335   -4.297 4.749  1.00 0.00 ? 6  PRO A HD3  10 
ATOM   1606 N N    . ARG A 1 7  ? 3.837   -1.536 3.059  1.00 0.00 ? 7  ARG A N    10 
ATOM   1607 C CA   . ARG A 1 7  ? 5.155   -0.939 2.654  1.00 0.00 ? 7  ARG A CA   10 
ATOM   1608 C C    . ARG A 1 7  ? 4.921   0.357  1.858  1.00 0.00 ? 7  ARG A C    10 
ATOM   1609 O O    . ARG A 1 7  ? 5.754   1.242  1.843  1.00 0.00 ? 7  ARG A O    10 
ATOM   1610 C CB   . ARG A 1 7  ? 5.982   -1.929 1.763  1.00 0.00 ? 7  ARG A CB   10 
ATOM   1611 C CG   . ARG A 1 7  ? 5.327   -2.265 0.380  1.00 0.00 ? 7  ARG A CG   10 
ATOM   1612 C CD   . ARG A 1 7  ? 4.285   -3.386 0.485  1.00 0.00 ? 7  ARG A CD   10 
ATOM   1613 N NE   . ARG A 1 7  ? 4.978   -4.652 0.892  1.00 0.00 ? 7  ARG A NE   10 
ATOM   1614 C CZ   . ARG A 1 7  ? 4.868   -5.180 2.087  1.00 0.00 ? 7  ARG A CZ   10 
ATOM   1615 N NH1  . ARG A 1 7  ? 4.132   -4.629 3.015  1.00 0.00 ? 7  ARG A NH1  10 
ATOM   1616 N NH2  . ARG A 1 7  ? 5.523   -6.283 2.322  1.00 0.00 ? 7  ARG A NH2  10 
ATOM   1617 H H    . ARG A 1 7  ? 3.585   -2.432 2.766  1.00 0.00 ? 7  ARG A H    10 
ATOM   1618 H HA   . ARG A 1 7  ? 5.716   -0.702 3.548  1.00 0.00 ? 7  ARG A HA   10 
ATOM   1619 H HB2  . ARG A 1 7  ? 6.951   -1.489 1.577  1.00 0.00 ? 7  ARG A HB2  10 
ATOM   1620 H HB3  . ARG A 1 7  ? 6.145   -2.839 2.320  1.00 0.00 ? 7  ARG A HB3  10 
ATOM   1621 H HG2  . ARG A 1 7  ? 4.858   -1.390 -0.041 1.00 0.00 ? 7  ARG A HG2  10 
ATOM   1622 H HG3  . ARG A 1 7  ? 6.096   -2.581 -0.310 1.00 0.00 ? 7  ARG A HG3  10 
ATOM   1623 H HD2  . ARG A 1 7  ? 3.509   -3.139 1.182  1.00 0.00 ? 7  ARG A HD2  10 
ATOM   1624 H HD3  . ARG A 1 7  ? 3.836   -3.545 -0.485 1.00 0.00 ? 7  ARG A HD3  10 
ATOM   1625 H HE   . ARG A 1 7  ? 5.543   -5.107 0.233  1.00 0.00 ? 7  ARG A HE   10 
ATOM   1626 H HH11 . ARG A 1 7  ? 3.625   -3.790 2.832  1.00 0.00 ? 7  ARG A HH11 10 
ATOM   1627 H HH12 . ARG A 1 7  ? 4.074   -5.053 3.918  1.00 0.00 ? 7  ARG A HH12 10 
ATOM   1628 H HH21 . ARG A 1 7  ? 6.083   -6.693 1.603  1.00 0.00 ? 7  ARG A HH21 10 
ATOM   1629 H HH22 . ARG A 1 7  ? 5.465   -6.717 3.221  1.00 0.00 ? 7  ARG A HH22 10 
ATOM   1630 N N    . CYS A 1 8  ? 3.775   0.408  1.225  1.00 0.00 ? 8  CYS A N    10 
ATOM   1631 C CA   . CYS A 1 8  ? 3.369   1.581  0.402  1.00 0.00 ? 8  CYS A CA   10 
ATOM   1632 C C    . CYS A 1 8  ? 2.440   2.477  1.239  1.00 0.00 ? 8  CYS A C    10 
ATOM   1633 O O    . CYS A 1 8  ? 2.752   3.613  1.537  1.00 0.00 ? 8  CYS A O    10 
ATOM   1634 C CB   . CYS A 1 8  ? 2.649   1.048  -0.821 1.00 0.00 ? 8  CYS A CB   10 
ATOM   1635 S SG   . CYS A 1 8  ? 3.116   1.675  -2.452 1.00 0.00 ? 8  CYS A SG   10 
ATOM   1636 H H    . CYS A 1 8  ? 3.154   -0.351 1.283  1.00 0.00 ? 8  CYS A H    10 
ATOM   1637 H HA   . CYS A 1 8  ? 4.243   2.146  0.107  1.00 0.00 ? 8  CYS A HA   10 
ATOM   1638 H HB2  . CYS A 1 8  ? 2.756   -0.024 -0.810 1.00 0.00 ? 8  CYS A HB2  10 
ATOM   1639 H HB3  . CYS A 1 8  ? 1.597   1.240  -0.709 1.00 0.00 ? 8  CYS A HB3  10 
ATOM   1640 N N    . ALA A 1 9  ? 1.317   1.893  1.579  1.00 0.00 ? 9  ALA A N    10 
ATOM   1641 C CA   . ALA A 1 9  ? 0.254   2.556  2.391  1.00 0.00 ? 9  ALA A CA   10 
ATOM   1642 C C    . ALA A 1 9  ? -0.200  3.940  1.873  1.00 0.00 ? 9  ALA A C    10 
ATOM   1643 O O    . ALA A 1 9  ? -0.519  4.814  2.657  1.00 0.00 ? 9  ALA A O    10 
ATOM   1644 C CB   . ALA A 1 9  ? 0.776   2.668  3.843  1.00 0.00 ? 9  ALA A CB   10 
ATOM   1645 H H    . ALA A 1 9  ? 1.169   0.970  1.283  1.00 0.00 ? 9  ALA A H    10 
ATOM   1646 H HA   . ALA A 1 9  ? -0.607  1.902  2.381  1.00 0.00 ? 9  ALA A HA   10 
ATOM   1647 H HB1  . ALA A 1 9  ? 0.992   1.683  4.230  1.00 0.00 ? 9  ALA A HB1  10 
ATOM   1648 H HB2  . ALA A 1 9  ? 1.676   3.262  3.875  1.00 0.00 ? 9  ALA A HB2  10 
ATOM   1649 H HB3  . ALA A 1 9  ? 0.029   3.129  4.473  1.00 0.00 ? 9  ALA A HB3  10 
ATOM   1650 N N    . TRP A 1 10 ? -0.221  4.109  0.571  1.00 0.00 ? 10 TRP A N    10 
ATOM   1651 C CA   . TRP A 1 10 ? -0.654  5.427  -0.014 1.00 0.00 ? 10 TRP A CA   10 
ATOM   1652 C C    . TRP A 1 10 ? -2.170  5.431  -0.260 1.00 0.00 ? 10 TRP A C    10 
ATOM   1653 O O    . TRP A 1 10 ? -2.659  5.934  -1.254 1.00 0.00 ? 10 TRP A O    10 
ATOM   1654 C CB   . TRP A 1 10 ? 0.103   5.697  -1.355 1.00 0.00 ? 10 TRP A CB   10 
ATOM   1655 C CG   . TRP A 1 10 ? -0.076  4.528  -2.325 1.00 0.00 ? 10 TRP A CG   10 
ATOM   1656 C CD1  . TRP A 1 10 ? 0.592   3.364  -2.177 1.00 0.00 ? 10 TRP A CD1  10 
ATOM   1657 C CD2  . TRP A 1 10 ? -0.876  4.442  -3.428 1.00 0.00 ? 10 TRP A CD2  10 
ATOM   1658 N NE1  . TRP A 1 10 ? 0.185   2.618  -3.175 1.00 0.00 ? 10 TRP A NE1  10 
ATOM   1659 C CE2  . TRP A 1 10 ? -0.694  3.172  -3.981 1.00 0.00 ? 10 TRP A CE2  10 
ATOM   1660 C CE3  . TRP A 1 10 ? -1.759  5.335  -4.034 1.00 0.00 ? 10 TRP A CE3  10 
ATOM   1661 C CZ2  . TRP A 1 10 ? -1.390  2.800  -5.128 1.00 0.00 ? 10 TRP A CZ2  10 
ATOM   1662 C CZ3  . TRP A 1 10 ? -2.453  4.962  -5.181 1.00 0.00 ? 10 TRP A CZ3  10 
ATOM   1663 C CH2  . TRP A 1 10 ? -2.270  3.694  -5.728 1.00 0.00 ? 10 TRP A CH2  10 
ATOM   1664 H H    . TRP A 1 10 ? 0.045   3.372  -0.014 1.00 0.00 ? 10 TRP A H    10 
ATOM   1665 H HA   . TRP A 1 10 ? -0.412  6.200  0.686  1.00 0.00 ? 10 TRP A HA   10 
ATOM   1666 H HB2  . TRP A 1 10 ? -0.263  6.600  -1.821 1.00 0.00 ? 10 TRP A HB2  10 
ATOM   1667 H HB3  . TRP A 1 10 ? 1.158   5.818  -1.155 1.00 0.00 ? 10 TRP A HB3  10 
ATOM   1668 H HD1  . TRP A 1 10 ? 1.294   3.145  -1.391 1.00 0.00 ? 10 TRP A HD1  10 
ATOM   1669 H HE1  . TRP A 1 10 ? 0.515   1.706  -3.310 1.00 0.00 ? 10 TRP A HE1  10 
ATOM   1670 H HE3  . TRP A 1 10 ? -1.906  6.320  -3.616 1.00 0.00 ? 10 TRP A HE3  10 
ATOM   1671 H HZ2  . TRP A 1 10 ? -1.246  1.816  -5.550 1.00 0.00 ? 10 TRP A HZ2  10 
ATOM   1672 H HZ3  . TRP A 1 10 ? -3.137  5.656  -5.648 1.00 0.00 ? 10 TRP A HZ3  10 
ATOM   1673 H HH2  . TRP A 1 10 ? -2.810  3.407  -6.617 1.00 0.00 ? 10 TRP A HH2  10 
ATOM   1674 N N    . ARG A 1 11 ? -2.866  4.853  0.687  1.00 0.00 ? 11 ARG A N    10 
ATOM   1675 C CA   . ARG A 1 11 ? -4.361  4.747  0.641  1.00 0.00 ? 11 ARG A CA   10 
ATOM   1676 C C    . ARG A 1 11 ? -4.845  4.018  -0.629 1.00 0.00 ? 11 ARG A C    10 
ATOM   1677 O O    . ARG A 1 11 ? -6.019  4.049  -0.946 1.00 0.00 ? 11 ARG A O    10 
ATOM   1678 C CB   . ARG A 1 11 ? -4.976  6.176  0.697  1.00 0.00 ? 11 ARG A CB   10 
ATOM   1679 C CG   . ARG A 1 11 ? -4.512  6.889  1.984  1.00 0.00 ? 11 ARG A CG   10 
ATOM   1680 C CD   . ARG A 1 11 ? -5.101  8.310  2.020  1.00 0.00 ? 11 ARG A CD   10 
ATOM   1681 N NE   . ARG A 1 11 ? -4.619  8.996  3.260  1.00 0.00 ? 11 ARG A NE   10 
ATOM   1682 C CZ   . ARG A 1 11 ? -3.410  9.497  3.351  1.00 0.00 ? 11 ARG A CZ   10 
ATOM   1683 N NH1  . ARG A 1 11 ? -2.574  9.412  2.349  1.00 0.00 ? 11 ARG A NH1  10 
ATOM   1684 N NH2  . ARG A 1 11 ? -3.070  10.079 4.468  1.00 0.00 ? 11 ARG A NH2  10 
ATOM   1685 H H    . ARG A 1 11 ? -2.385  4.480  1.454  1.00 0.00 ? 11 ARG A H    10 
ATOM   1686 H HA   . ARG A 1 11 ? -4.685  4.178  1.500  1.00 0.00 ? 11 ARG A HA   10 
ATOM   1687 H HB2  . ARG A 1 11 ? -4.682  6.749  -0.169 1.00 0.00 ? 11 ARG A HB2  10 
ATOM   1688 H HB3  . ARG A 1 11 ? -6.054  6.100  0.704  1.00 0.00 ? 11 ARG A HB3  10 
ATOM   1689 H HG2  . ARG A 1 11 ? -4.848  6.337  2.850  1.00 0.00 ? 11 ARG A HG2  10 
ATOM   1690 H HG3  . ARG A 1 11 ? -3.433  6.943  2.008  1.00 0.00 ? 11 ARG A HG3  10 
ATOM   1691 H HD2  . ARG A 1 11 ? -4.796  8.880  1.154  1.00 0.00 ? 11 ARG A HD2  10 
ATOM   1692 H HD3  . ARG A 1 11 ? -6.180  8.267  2.051  1.00 0.00 ? 11 ARG A HD3  10 
ATOM   1693 H HE   . ARG A 1 11 ? -5.223  9.075  4.028  1.00 0.00 ? 11 ARG A HE   10 
ATOM   1694 H HH11 . ARG A 1 11 ? -2.850  8.961  1.500  1.00 0.00 ? 11 ARG A HH11 10 
ATOM   1695 H HH12 . ARG A 1 11 ? -1.657  9.799  2.433  1.00 0.00 ? 11 ARG A HH12 10 
ATOM   1696 H HH21 . ARG A 1 11 ? -3.726  10.133 5.223  1.00 0.00 ? 11 ARG A HH21 10 
ATOM   1697 H HH22 . ARG A 1 11 ? -2.157  10.471 4.569  1.00 0.00 ? 11 ARG A HH22 10 
ATOM   1698 N N    . CYS A 1 12 ? -3.916  3.385  -1.310 1.00 0.00 ? 12 CYS A N    10 
ATOM   1699 C CA   . CYS A 1 12 ? -4.214  2.625  -2.568 1.00 0.00 ? 12 CYS A CA   10 
ATOM   1700 C C    . CYS A 1 12 ? -4.943  3.485  -3.618 1.00 0.00 ? 12 CYS A C    10 
ATOM   1701 O O    . CYS A 1 12 ? -5.534  2.991  -4.558 1.00 0.00 ? 12 CYS A O    10 
ATOM   1702 C CB   . CYS A 1 12 ? -5.063  1.385  -2.189 1.00 0.00 ? 12 CYS A CB   10 
ATOM   1703 S SG   . CYS A 1 12 ? -4.314  0.137  -1.110 1.00 0.00 ? 12 CYS A SG   10 
ATOM   1704 H H    . CYS A 1 12 ? -2.992  3.407  -0.984 1.00 0.00 ? 12 CYS A H    10 
ATOM   1705 H HA   . CYS A 1 12 ? -3.278  2.299  -2.994 1.00 0.00 ? 12 CYS A HA   10 
ATOM   1706 H HB2  . CYS A 1 12 ? -5.978  1.710  -1.719 1.00 0.00 ? 12 CYS A HB2  10 
ATOM   1707 H HB3  . CYS A 1 12 ? -5.338  0.877  -3.103 1.00 0.00 ? 12 CYS A HB3  10 
HETATM 1708 N N    . NH2 A 1 13 ? -4.926  4.786  -3.496 1.00 0.00 ? 13 NH2 A N    10 
HETATM 1709 H HN1  . NH2 A 1 13 ? -4.454  5.200  -2.744 1.00 0.00 ? 13 NH2 A HN1  10 
HETATM 1710 H HN2  . NH2 A 1 13 ? -5.383  5.345  -4.157 1.00 0.00 ? 13 NH2 A HN2  10 
# 
